data_6ZC5
#
_entry.id   6ZC5
#
_cell.length_a   101.357
_cell.length_b   101.357
_cell.length_c   326.717
_cell.angle_alpha   90.000
_cell.angle_beta   90.000
_cell.angle_gamma   120.000
#
_symmetry.space_group_name_H-M   'P 31'
#
_entity_poly.entity_id   1
_entity_poly.type   'polypeptide(L)'
_entity_poly.pdbx_seq_one_letter_code
;WNVKHDTRTLWTTPDTSPNCTIAQDKDSKLTLVLTKCGSQILANVSLIVVAGKYHIINNKNNPEIKSFTIKLLFDKNGVL
LDNSNLGKTYWNFRSGDSNVSTAYEKAIGFMPNLVAYPKPSNSKKYARDIVYGTIYLGGKPDQPAVIKTTFNQETGCEYS
ITFDFSWSKTYENVEFETTSFTFSYIAQQ
;
_entity_poly.pdbx_strand_id   A,B,C,D,E,F,G,H,I,J,K,L
#
# COMPACT_ATOMS: atom_id res chain seq x y z
N THR A 7 -6.37 20.58 22.67
CA THR A 7 -6.06 19.11 22.88
C THR A 7 -7.25 18.33 23.40
N ARG A 8 -8.47 18.75 23.10
CA ARG A 8 -9.69 17.99 23.50
C ARG A 8 -10.00 16.96 22.42
N THR A 9 -9.34 17.05 21.25
CA THR A 9 -9.80 16.42 19.99
C THR A 9 -8.70 16.35 18.92
N LEU A 10 -8.38 15.15 18.42
CA LEU A 10 -7.33 14.93 17.37
C LEU A 10 -8.03 14.62 16.05
N TRP A 11 -8.31 15.65 15.23
CA TRP A 11 -9.39 15.62 14.21
C TRP A 11 -8.82 15.97 12.85
N THR A 12 -9.57 15.65 11.79
CA THR A 12 -9.39 16.17 10.40
C THR A 12 -10.31 17.39 10.22
N THR A 13 -9.78 18.55 9.81
CA THR A 13 -10.56 19.80 9.63
C THR A 13 -11.73 19.48 8.70
N PRO A 14 -12.98 19.88 9.05
CA PRO A 14 -14.17 19.19 8.55
C PRO A 14 -14.72 19.83 7.27
N ASP A 15 -13.82 20.21 6.35
CA ASP A 15 -14.01 21.21 5.27
C ASP A 15 -14.30 20.49 3.93
N THR A 16 -14.42 19.16 3.94
CA THR A 16 -14.67 18.32 2.72
C THR A 16 -13.64 18.62 1.60
N SER A 17 -12.40 19.01 1.92
CA SER A 17 -11.25 19.06 0.97
C SER A 17 -10.53 17.70 0.97
N PRO A 18 -10.41 16.98 -0.17
CA PRO A 18 -9.79 15.66 -0.19
C PRO A 18 -8.45 15.62 0.54
N ASN A 19 -8.29 14.68 1.46
CA ASN A 19 -7.07 14.52 2.31
C ASN A 19 -6.60 13.07 2.26
N CYS A 20 -7.25 12.24 1.44
CA CYS A 20 -7.24 10.78 1.54
C CYS A 20 -7.04 10.17 0.15
N THR A 21 -6.12 9.20 0.05
CA THR A 21 -5.75 8.42 -1.17
C THR A 21 -6.13 6.96 -0.98
N ILE A 22 -7.18 6.49 -1.67
CA ILE A 22 -7.61 5.06 -1.71
C ILE A 22 -7.09 4.46 -3.01
N ALA A 23 -7.28 5.17 -4.12
CA ALA A 23 -7.02 4.71 -5.51
C ALA A 23 -6.10 5.69 -6.27
N GLN A 24 -6.38 7.00 -6.22
CA GLN A 24 -5.54 8.06 -6.84
C GLN A 24 -5.25 9.16 -5.81
N ASP A 25 -4.24 9.98 -6.08
CA ASP A 25 -3.66 10.97 -5.13
C ASP A 25 -4.77 11.88 -4.63
N LYS A 26 -5.28 11.63 -3.43
CA LYS A 26 -6.27 12.53 -2.77
C LYS A 26 -7.56 12.54 -3.60
N ASP A 27 -8.27 11.40 -3.65
CA ASP A 27 -9.57 11.26 -4.34
C ASP A 27 -10.68 11.13 -3.32
N SER A 28 -10.35 10.97 -2.04
CA SER A 28 -11.32 10.91 -0.91
C SER A 28 -11.08 12.05 0.08
N LYS A 29 -12.11 12.40 0.87
CA LYS A 29 -12.03 13.13 2.16
C LYS A 29 -12.45 12.18 3.27
N LEU A 30 -11.60 12.03 4.27
CA LEU A 30 -11.91 11.25 5.50
C LEU A 30 -12.13 12.24 6.67
N THR A 31 -13.40 12.44 7.06
CA THR A 31 -13.85 13.30 8.19
C THR A 31 -13.96 12.39 9.43
N LEU A 32 -12.87 11.72 9.79
CA LEU A 32 -12.68 11.05 11.11
C LEU A 32 -12.52 12.15 12.16
N VAL A 33 -13.04 11.96 13.38
CA VAL A 33 -12.91 12.83 14.59
C VAL A 33 -12.86 11.90 15.82
N LEU A 34 -11.95 12.18 16.77
CA LEU A 34 -11.58 11.38 17.96
C LEU A 34 -11.35 12.34 19.16
N THR A 35 -11.84 11.97 20.34
CA THR A 35 -11.99 12.81 21.56
C THR A 35 -11.74 11.95 22.79
N LYS A 36 -10.95 12.46 23.73
CA LYS A 36 -10.45 11.71 24.88
C LYS A 36 -11.50 11.77 25.98
N CYS A 37 -11.87 10.60 26.49
CA CYS A 37 -12.73 10.37 27.65
C CYS A 37 -11.95 9.45 28.61
N GLY A 38 -10.80 9.94 29.09
CA GLY A 38 -9.90 9.21 30.01
C GLY A 38 -9.43 7.89 29.40
N SER A 39 -10.10 6.78 29.79
CA SER A 39 -9.79 5.39 29.38
C SER A 39 -10.81 4.85 28.35
N GLN A 40 -11.46 5.74 27.59
CA GLN A 40 -12.15 5.44 26.32
C GLN A 40 -11.72 6.52 25.33
N ILE A 41 -11.97 6.28 24.03
CA ILE A 41 -11.74 7.25 22.93
C ILE A 41 -13.00 7.22 22.04
N LEU A 42 -13.96 8.09 22.34
CA LEU A 42 -15.20 8.25 21.53
C LEU A 42 -14.75 8.75 20.16
N ALA A 43 -15.39 8.27 19.08
CA ALA A 43 -14.92 8.50 17.69
C ALA A 43 -16.06 8.42 16.66
N ASN A 44 -16.10 9.40 15.77
CA ASN A 44 -17.07 9.59 14.68
C ASN A 44 -16.39 9.27 13.34
N VAL A 45 -17.12 8.78 12.32
CA VAL A 45 -16.48 8.74 10.98
C VAL A 45 -17.47 8.85 9.82
N SER A 46 -17.18 9.76 8.92
CA SER A 46 -17.82 9.90 7.60
C SER A 46 -16.78 9.64 6.53
N LEU A 47 -17.23 9.57 5.28
CA LEU A 47 -16.34 9.50 4.10
C LEU A 47 -17.07 10.08 2.88
N ILE A 48 -16.37 10.90 2.09
CA ILE A 48 -16.73 11.29 0.69
C ILE A 48 -15.58 10.89 -0.23
N VAL A 49 -15.85 10.02 -1.23
CA VAL A 49 -14.94 9.79 -2.38
C VAL A 49 -15.44 10.65 -3.54
N VAL A 50 -14.58 11.56 -4.06
CA VAL A 50 -14.98 12.61 -5.04
C VAL A 50 -14.14 12.49 -6.31
N ALA A 51 -13.47 11.36 -6.51
CA ALA A 51 -12.79 11.01 -7.78
C ALA A 51 -12.31 9.55 -7.75
N GLY A 52 -12.03 8.99 -8.92
CA GLY A 52 -11.33 7.70 -9.07
C GLY A 52 -12.28 6.54 -9.06
N LYS A 53 -11.72 5.33 -8.95
CA LYS A 53 -12.39 4.03 -9.24
C LYS A 53 -13.58 3.78 -8.29
N TYR A 54 -13.60 4.36 -7.08
CA TYR A 54 -14.68 4.17 -6.07
C TYR A 54 -15.49 5.46 -5.87
N HIS A 55 -15.52 6.34 -6.89
CA HIS A 55 -16.38 7.56 -6.92
C HIS A 55 -17.81 7.15 -7.23
N ILE A 56 -18.12 6.95 -8.51
CA ILE A 56 -19.42 6.37 -8.98
C ILE A 56 -19.29 4.85 -8.99
N ILE A 57 -20.25 4.16 -8.37
CA ILE A 57 -20.30 2.67 -8.18
C ILE A 57 -21.35 2.11 -9.14
N ASN A 58 -20.91 1.33 -10.14
CA ASN A 58 -21.81 0.56 -11.05
C ASN A 58 -21.35 -0.91 -11.07
N ASN A 59 -22.11 -1.79 -10.40
CA ASN A 59 -21.77 -3.24 -10.23
C ASN A 59 -22.06 -4.00 -11.53
N LYS A 60 -23.29 -3.89 -12.07
CA LYS A 60 -23.68 -4.39 -13.41
C LYS A 60 -22.42 -4.51 -14.30
N ASN A 61 -21.68 -3.39 -14.42
CA ASN A 61 -20.46 -3.25 -15.26
C ASN A 61 -19.24 -3.80 -14.51
N ASN A 62 -19.18 -3.57 -13.19
CA ASN A 62 -18.01 -3.90 -12.32
C ASN A 62 -18.49 -4.73 -11.13
N PRO A 63 -18.94 -5.99 -11.35
CA PRO A 63 -19.60 -6.76 -10.30
C PRO A 63 -18.63 -7.38 -9.28
N GLU A 64 -17.32 -7.28 -9.55
CA GLU A 64 -16.24 -7.86 -8.69
C GLU A 64 -15.65 -6.77 -7.79
N ILE A 65 -16.16 -5.54 -7.86
CA ILE A 65 -15.67 -4.36 -7.10
C ILE A 65 -16.66 -4.02 -5.99
N LYS A 66 -16.42 -4.55 -4.78
CA LYS A 66 -17.31 -4.38 -3.61
C LYS A 66 -16.50 -4.51 -2.31
N SER A 67 -15.31 -3.87 -2.25
CA SER A 67 -14.55 -3.61 -0.99
C SER A 67 -13.37 -2.68 -1.24
N PHE A 68 -13.03 -1.87 -0.24
CA PHE A 68 -11.76 -1.08 -0.14
C PHE A 68 -11.49 -0.73 1.33
N THR A 69 -10.27 -0.26 1.64
CA THR A 69 -9.69 -0.13 2.99
C THR A 69 -9.04 1.25 3.18
N ILE A 70 -9.07 1.75 4.43
CA ILE A 70 -8.37 3.00 4.87
C ILE A 70 -7.70 2.68 6.20
N LYS A 71 -6.36 2.69 6.24
CA LYS A 71 -5.54 2.32 7.41
C LYS A 71 -4.92 3.61 7.97
N LEU A 72 -4.91 3.79 9.25
CA LEU A 72 -3.98 4.78 9.88
C LEU A 72 -2.90 3.99 10.61
N LEU A 73 -1.66 4.46 10.55
CA LEU A 73 -0.50 3.77 11.15
C LEU A 73 0.23 4.81 12.00
N PHE A 74 0.46 4.50 13.30
CA PHE A 74 1.01 5.40 14.34
C PHE A 74 2.27 4.75 14.95
N ASP A 75 3.25 5.58 15.31
CA ASP A 75 4.60 5.14 15.74
C ASP A 75 4.53 4.89 17.24
N LYS A 76 5.68 4.81 17.92
CA LYS A 76 5.77 4.62 19.40
C LYS A 76 5.15 5.84 20.11
N ASN A 77 5.34 7.02 19.54
CA ASN A 77 4.90 8.33 20.10
C ASN A 77 3.47 8.65 19.65
N GLY A 78 2.92 7.85 18.73
CA GLY A 78 1.53 7.97 18.26
C GLY A 78 1.40 9.00 17.15
N VAL A 79 2.48 9.27 16.42
CA VAL A 79 2.50 10.24 15.29
C VAL A 79 2.16 9.44 14.02
N LEU A 80 1.11 9.87 13.31
CA LEU A 80 0.59 9.24 12.08
C LEU A 80 1.76 9.05 11.11
N LEU A 81 2.07 7.80 10.78
CA LEU A 81 3.09 7.45 9.76
C LEU A 81 2.61 7.90 8.39
N ASP A 82 3.54 8.28 7.52
CA ASP A 82 3.28 8.99 6.25
C ASP A 82 2.61 8.02 5.28
N ASN A 83 3.11 6.79 5.20
CA ASN A 83 2.59 5.74 4.28
C ASN A 83 1.14 5.39 4.67
N SER A 84 0.51 6.17 5.57
CA SER A 84 -0.95 6.11 5.88
C SER A 84 -1.77 6.57 4.66
N ASN A 85 -2.95 5.99 4.48
CA ASN A 85 -3.90 6.48 3.46
C ASN A 85 -4.18 7.96 3.73
N LEU A 86 -4.70 8.29 4.90
CA LEU A 86 -4.80 9.69 5.40
C LEU A 86 -3.42 10.38 5.40
N GLY A 87 -3.41 11.71 5.23
CA GLY A 87 -2.21 12.56 5.05
C GLY A 87 -1.87 13.38 6.32
N LYS A 88 -0.62 13.32 6.73
CA LYS A 88 -0.08 13.86 8.00
C LYS A 88 -0.40 15.35 8.15
N THR A 89 -0.38 16.11 7.05
CA THR A 89 -0.57 17.58 6.97
C THR A 89 -2.06 17.98 6.99
N TYR A 90 -2.96 17.08 7.35
CA TYR A 90 -4.41 17.34 7.51
C TYR A 90 -4.88 16.99 8.92
N TRP A 91 -4.01 16.36 9.73
CA TRP A 91 -4.32 15.73 11.03
C TRP A 91 -3.57 16.45 12.16
N ASN A 92 -4.29 17.07 13.09
CA ASN A 92 -3.80 17.37 14.47
C ASN A 92 -4.97 17.73 15.39
N PHE A 93 -4.68 17.93 16.70
CA PHE A 93 -5.62 18.45 17.74
C PHE A 93 -6.33 19.67 17.18
N ARG A 94 -7.64 19.79 17.42
CA ARG A 94 -8.42 21.00 17.09
C ARG A 94 -8.15 22.09 18.13
N SER A 95 -8.19 23.37 17.71
CA SER A 95 -8.31 24.59 18.55
C SER A 95 -9.21 25.62 17.84
N GLY A 96 -10.48 25.73 18.26
CA GLY A 96 -11.51 26.52 17.58
C GLY A 96 -11.96 25.87 16.29
N ASP A 97 -11.40 26.31 15.15
CA ASP A 97 -11.69 25.77 13.78
C ASP A 97 -10.40 25.23 13.14
N SER A 98 -9.23 25.70 13.57
CA SER A 98 -7.89 25.27 13.07
C SER A 98 -7.40 24.07 13.90
N ASN A 99 -6.08 23.92 14.06
CA ASN A 99 -5.45 22.76 14.76
C ASN A 99 -4.31 23.24 15.68
N VAL A 100 -4.62 24.12 16.64
CA VAL A 100 -3.73 24.59 17.76
C VAL A 100 -2.42 25.14 17.18
N SER A 101 -2.36 25.34 15.85
CA SER A 101 -1.16 25.80 15.10
C SER A 101 0.03 24.87 15.36
N THR A 102 -0.12 23.58 15.02
CA THR A 102 0.98 22.56 14.97
C THR A 102 0.44 21.24 14.38
N ALA A 103 1.31 20.24 14.23
CA ALA A 103 0.98 18.81 14.01
C ALA A 103 1.74 17.96 15.03
N TYR A 104 1.16 17.77 16.21
CA TYR A 104 1.88 17.62 17.51
C TYR A 104 2.72 16.32 17.50
N GLU A 105 3.50 16.11 18.57
CA GLU A 105 4.47 15.00 18.72
C GLU A 105 4.05 14.03 19.85
N LYS A 106 2.86 14.24 20.44
CA LYS A 106 2.34 13.48 21.62
C LYS A 106 0.84 13.19 21.45
N ALA A 107 0.50 12.04 20.86
CA ALA A 107 -0.88 11.51 20.73
C ALA A 107 -0.95 10.14 21.43
N ILE A 108 0.14 9.75 22.12
CA ILE A 108 0.09 8.74 23.21
C ILE A 108 -1.09 9.09 24.09
N GLY A 109 -2.00 8.16 24.32
CA GLY A 109 -3.25 8.38 25.08
C GLY A 109 -4.47 8.38 24.18
N PHE A 110 -4.25 8.64 22.88
CA PHE A 110 -5.30 8.68 21.83
C PHE A 110 -5.19 7.46 20.92
N MET A 111 -4.63 6.37 21.42
CA MET A 111 -4.30 5.14 20.63
C MET A 111 -5.17 4.00 21.12
N PRO A 112 -5.26 2.89 20.36
CA PRO A 112 -5.92 1.70 20.85
C PRO A 112 -4.95 0.92 21.76
N ASN A 113 -5.36 0.64 23.00
CA ASN A 113 -4.58 -0.16 23.97
C ASN A 113 -4.12 -1.44 23.28
N LEU A 114 -2.85 -1.81 23.45
CA LEU A 114 -2.30 -3.10 22.93
C LEU A 114 -2.87 -4.26 23.75
N VAL A 115 -2.91 -4.11 25.07
CA VAL A 115 -3.42 -5.17 26.00
C VAL A 115 -4.84 -5.55 25.56
N ALA A 116 -5.63 -4.56 25.14
CA ALA A 116 -7.05 -4.75 24.78
C ALA A 116 -7.10 -5.36 23.38
N TYR A 117 -6.54 -4.69 22.40
CA TYR A 117 -6.47 -5.16 21.00
C TYR A 117 -5.01 -5.40 20.64
N PRO A 118 -4.41 -6.51 21.10
CA PRO A 118 -2.99 -6.80 20.83
C PRO A 118 -2.58 -6.93 19.35
N LYS A 119 -1.30 -6.74 19.08
CA LYS A 119 -0.68 -6.92 17.74
C LYS A 119 -0.65 -8.42 17.42
N PRO A 120 -0.48 -8.81 16.12
CA PRO A 120 -0.39 -10.23 15.74
C PRO A 120 0.70 -11.00 16.50
N SER A 121 0.32 -12.07 17.19
CA SER A 121 1.22 -13.03 17.88
C SER A 121 0.90 -14.45 17.38
N ASN A 122 1.49 -15.46 18.03
CA ASN A 122 1.08 -16.87 17.95
C ASN A 122 0.00 -17.13 18.98
N SER A 123 -0.30 -16.14 19.83
CA SER A 123 -1.48 -16.11 20.74
C SER A 123 -2.80 -16.13 19.94
N LYS A 124 -3.87 -16.71 20.50
CA LYS A 124 -5.22 -16.62 19.87
C LYS A 124 -5.62 -15.15 19.84
N LYS A 125 -5.77 -14.61 18.63
CA LYS A 125 -6.42 -13.32 18.36
C LYS A 125 -7.95 -13.48 18.44
N TYR A 126 -8.60 -12.66 19.28
CA TYR A 126 -10.07 -12.61 19.45
C TYR A 126 -10.64 -11.44 18.65
N ALA A 127 -11.95 -11.49 18.41
CA ALA A 127 -12.69 -10.63 17.47
C ALA A 127 -12.95 -9.26 18.09
N ARG A 128 -12.47 -9.05 19.31
CA ARG A 128 -12.81 -7.86 20.14
C ARG A 128 -11.95 -6.69 19.70
N ASP A 129 -10.97 -6.95 18.81
CA ASP A 129 -10.21 -5.92 18.02
C ASP A 129 -11.14 -5.09 17.08
N ILE A 130 -12.30 -5.62 16.73
CA ILE A 130 -13.16 -5.10 15.63
C ILE A 130 -14.41 -4.37 16.19
N VAL A 131 -14.79 -3.29 15.52
CA VAL A 131 -16.06 -2.54 15.73
C VAL A 131 -16.89 -2.62 14.44
N TYR A 132 -17.92 -3.45 14.41
CA TYR A 132 -18.91 -3.49 13.28
C TYR A 132 -19.98 -2.38 13.44
N GLY A 133 -20.11 -1.56 12.41
CA GLY A 133 -21.22 -0.63 12.21
C GLY A 133 -21.56 -0.55 10.73
N THR A 134 -22.64 0.17 10.42
CA THR A 134 -23.17 0.40 9.06
C THR A 134 -23.37 1.91 8.87
N ILE A 135 -23.09 2.38 7.68
CA ILE A 135 -23.48 3.71 7.14
C ILE A 135 -24.55 3.50 6.03
N TYR A 136 -24.87 4.54 5.28
CA TYR A 136 -25.86 4.53 4.16
C TYR A 136 -25.40 5.63 3.24
N LEU A 137 -25.38 5.38 1.91
CA LEU A 137 -24.82 6.28 0.88
C LEU A 137 -25.93 7.12 0.28
N GLY A 138 -25.68 8.41 0.11
CA GLY A 138 -26.69 9.43 -0.17
C GLY A 138 -27.31 9.94 1.13
N GLY A 139 -27.87 9.03 1.91
CA GLY A 139 -28.89 9.33 2.93
C GLY A 139 -30.12 8.49 2.69
N LYS A 140 -30.06 7.65 1.67
CA LYS A 140 -31.13 6.68 1.32
C LYS A 140 -31.09 5.53 2.31
N PRO A 141 -32.24 5.12 2.88
CA PRO A 141 -32.31 3.90 3.69
C PRO A 141 -31.77 2.70 2.92
N ASP A 142 -32.06 2.66 1.61
CA ASP A 142 -31.99 1.46 0.73
C ASP A 142 -30.54 1.18 0.33
N GLN A 143 -29.63 2.14 0.57
CA GLN A 143 -28.20 2.05 0.16
C GLN A 143 -27.26 1.95 1.37
N PRO A 144 -27.29 0.86 2.18
CA PRO A 144 -26.21 0.58 3.09
C PRO A 144 -24.94 -0.07 2.49
N ALA A 145 -23.82 0.17 3.19
CA ALA A 145 -22.58 -0.63 3.17
C ALA A 145 -22.09 -0.83 4.60
N VAL A 146 -21.15 -1.74 4.82
CA VAL A 146 -20.53 -1.98 6.16
C VAL A 146 -19.23 -1.18 6.31
N ILE A 147 -19.09 -0.47 7.42
CA ILE A 147 -17.80 0.02 7.99
C ILE A 147 -17.40 -0.94 9.11
N LYS A 148 -16.28 -1.67 8.91
CA LYS A 148 -15.58 -2.54 9.91
C LYS A 148 -14.21 -1.91 10.25
N THR A 149 -14.13 -1.23 11.40
CA THR A 149 -12.91 -0.64 11.99
C THR A 149 -12.24 -1.66 12.88
N THR A 150 -10.91 -1.83 12.75
CA THR A 150 -10.08 -2.82 13.53
C THR A 150 -8.86 -2.08 14.09
N PHE A 151 -8.33 -2.51 15.23
CA PHE A 151 -7.27 -1.76 15.97
C PHE A 151 -6.02 -2.63 16.18
N ASN A 152 -4.87 -2.09 15.82
CA ASN A 152 -3.53 -2.74 16.01
C ASN A 152 -3.49 -4.10 15.33
N GLN A 153 -4.00 -4.21 14.11
CA GLN A 153 -3.98 -5.48 13.34
C GLN A 153 -3.01 -5.37 12.17
N GLU A 154 -2.31 -4.23 12.05
CA GLU A 154 -1.46 -3.87 10.91
C GLU A 154 -0.01 -3.92 11.35
N THR A 155 0.89 -4.21 10.40
CA THR A 155 2.35 -4.37 10.61
C THR A 155 3.00 -3.05 10.25
N GLY A 156 4.32 -2.94 10.46
CA GLY A 156 5.15 -1.82 9.99
C GLY A 156 5.04 -0.60 10.89
N CYS A 157 4.34 -0.73 12.04
CA CYS A 157 3.91 0.39 12.95
C CYS A 157 3.80 -0.13 14.38
N GLU A 158 3.51 0.76 15.37
CA GLU A 158 3.26 0.32 16.79
C GLU A 158 1.76 0.28 17.08
N TYR A 159 1.01 1.29 16.65
CA TYR A 159 -0.49 1.25 16.65
C TYR A 159 -0.99 1.45 15.21
N SER A 160 -2.27 1.14 14.98
CA SER A 160 -2.97 1.12 13.67
C SER A 160 -4.50 1.09 13.90
N ILE A 161 -5.23 1.98 13.26
CA ILE A 161 -6.72 2.00 13.14
C ILE A 161 -7.07 1.81 11.66
N THR A 162 -7.62 0.69 11.31
CA THR A 162 -7.90 0.33 9.88
C THR A 162 -9.44 0.27 9.68
N PHE A 163 -9.97 1.14 8.91
CA PHE A 163 -11.37 1.09 8.36
C PHE A 163 -11.46 0.36 6.98
N ASP A 164 -12.11 -0.77 6.95
CA ASP A 164 -12.50 -1.56 5.74
C ASP A 164 -13.96 -1.28 5.40
N PHE A 165 -14.21 -0.72 4.24
CA PHE A 165 -15.58 -0.56 3.69
C PHE A 165 -15.87 -1.76 2.74
N SER A 166 -16.82 -2.63 3.13
CA SER A 166 -17.50 -3.60 2.24
C SER A 166 -18.92 -3.10 1.85
N TRP A 167 -19.57 -3.79 0.90
CA TRP A 167 -21.01 -3.64 0.51
C TRP A 167 -21.44 -4.87 -0.30
N SER A 168 -22.74 -5.19 -0.30
CA SER A 168 -23.28 -6.50 -0.76
C SER A 168 -24.57 -6.32 -1.57
N LYS A 169 -24.68 -5.21 -2.31
CA LYS A 169 -25.89 -4.85 -3.09
C LYS A 169 -25.49 -4.36 -4.48
N THR A 170 -26.05 -4.95 -5.53
CA THR A 170 -25.67 -4.69 -6.94
C THR A 170 -26.19 -3.30 -7.34
N TYR A 171 -25.50 -2.26 -6.86
CA TYR A 171 -25.81 -0.84 -7.10
C TYR A 171 -25.36 -0.47 -8.52
N GLU A 172 -25.99 0.56 -9.08
CA GLU A 172 -25.71 1.06 -10.43
C GLU A 172 -25.61 2.59 -10.39
N ASN A 173 -24.43 3.14 -10.72
CA ASN A 173 -24.15 4.60 -10.74
C ASN A 173 -24.51 5.22 -9.38
N VAL A 174 -23.73 4.93 -8.34
CA VAL A 174 -23.96 5.51 -6.98
C VAL A 174 -22.68 6.20 -6.50
N GLU A 175 -22.82 7.45 -6.05
CA GLU A 175 -21.73 8.28 -5.50
C GLU A 175 -21.42 7.83 -4.06
N PHE A 176 -20.15 7.67 -3.70
CA PHE A 176 -19.74 7.15 -2.38
C PHE A 176 -19.59 8.30 -1.37
N GLU A 177 -20.67 8.97 -1.04
CA GLU A 177 -20.74 9.83 0.15
C GLU A 177 -21.54 9.10 1.18
N THR A 178 -21.05 8.99 2.42
CA THR A 178 -21.60 8.12 3.51
C THR A 178 -22.27 9.02 4.59
N THR A 179 -22.87 8.40 5.60
CA THR A 179 -23.56 9.00 6.78
C THR A 179 -22.72 8.73 8.03
N SER A 180 -22.62 9.75 8.89
CA SER A 180 -21.75 9.79 10.08
C SER A 180 -21.96 8.51 10.86
N PHE A 181 -20.92 8.05 11.57
CA PHE A 181 -21.06 6.90 12.55
C PHE A 181 -20.30 7.24 13.83
N THR A 182 -20.63 6.56 14.92
CA THR A 182 -19.98 6.80 16.21
C THR A 182 -19.65 5.46 16.82
N PHE A 183 -18.41 5.36 17.35
CA PHE A 183 -17.93 4.17 18.10
C PHE A 183 -16.84 4.65 19.08
N SER A 184 -16.47 3.84 20.06
CA SER A 184 -15.38 4.16 21.01
C SER A 184 -14.51 2.93 21.22
N TYR A 185 -13.28 3.13 21.65
CA TYR A 185 -12.27 2.07 21.92
C TYR A 185 -11.42 2.48 23.13
N ILE A 186 -10.96 1.52 23.91
CA ILE A 186 -10.28 1.73 25.22
C ILE A 186 -8.89 2.34 24.99
N ALA A 187 -8.53 3.32 25.82
CA ALA A 187 -7.29 4.12 25.68
C ALA A 187 -6.09 3.34 26.20
N GLN A 188 -4.94 3.49 25.51
CA GLN A 188 -3.62 2.88 25.86
C GLN A 188 -3.13 3.45 27.20
N GLN A 189 -3.56 4.67 27.54
CA GLN A 189 -3.05 5.44 28.70
C GLN A 189 -4.18 6.29 29.30
N THR B 7 -18.20 20.83 30.13
CA THR B 7 -18.41 19.82 31.27
C THR B 7 -19.92 19.59 31.49
N ARG B 8 -20.79 20.40 30.88
CA ARG B 8 -22.24 20.51 31.23
C ARG B 8 -23.04 19.48 30.43
N THR B 9 -24.28 19.21 30.87
CA THR B 9 -25.26 18.33 30.17
C THR B 9 -26.56 19.12 29.93
N LEU B 10 -27.09 19.06 28.70
CA LEU B 10 -28.24 19.88 28.24
C LEU B 10 -29.32 18.92 27.70
N TRP B 11 -30.42 18.76 28.46
CA TRP B 11 -31.34 17.59 28.39
C TRP B 11 -32.79 18.03 28.45
N THR B 12 -33.69 17.07 28.66
CA THR B 12 -35.09 17.28 29.14
C THR B 12 -35.34 16.38 30.35
N THR B 13 -35.97 16.90 31.41
CA THR B 13 -36.31 16.14 32.65
C THR B 13 -37.17 14.93 32.27
N PRO B 14 -36.73 13.69 32.57
CA PRO B 14 -37.38 12.49 32.06
C PRO B 14 -38.61 12.08 32.88
N ASP B 15 -39.41 13.06 33.31
CA ASP B 15 -40.55 12.87 34.25
C ASP B 15 -41.80 12.49 33.46
N THR B 16 -41.63 11.87 32.28
CA THR B 16 -42.71 11.36 31.40
C THR B 16 -43.89 12.34 31.42
N SER B 17 -43.60 13.63 31.27
CA SER B 17 -44.57 14.75 31.28
C SER B 17 -44.64 15.37 29.88
N PRO B 18 -45.59 14.93 29.02
CA PRO B 18 -45.61 15.32 27.61
C PRO B 18 -45.26 16.79 27.32
N ASN B 19 -44.05 17.03 26.79
CA ASN B 19 -43.49 18.37 26.43
C ASN B 19 -43.49 18.54 24.91
N CYS B 20 -43.55 17.43 24.15
CA CYS B 20 -43.35 17.37 22.67
C CYS B 20 -44.71 17.28 21.97
N THR B 21 -44.91 18.13 20.95
CA THR B 21 -46.11 18.18 20.08
C THR B 21 -45.75 17.63 18.71
N ILE B 22 -46.52 16.67 18.21
CA ILE B 22 -46.39 16.10 16.83
C ILE B 22 -47.57 16.57 16.01
N ALA B 23 -48.74 15.94 16.22
CA ALA B 23 -49.99 16.19 15.47
C ALA B 23 -50.91 17.13 16.27
N GLN B 24 -50.99 16.93 17.59
CA GLN B 24 -51.86 17.69 18.54
C GLN B 24 -51.07 18.01 19.83
N ASP B 25 -51.41 19.09 20.52
CA ASP B 25 -50.55 19.74 21.56
C ASP B 25 -50.11 18.71 22.60
N LYS B 26 -48.81 18.68 22.89
CA LYS B 26 -48.17 17.93 24.02
C LYS B 26 -48.67 16.48 24.03
N ASP B 27 -48.76 15.85 22.85
CA ASP B 27 -49.22 14.45 22.67
C ASP B 27 -48.00 13.55 22.47
N SER B 28 -46.85 13.89 23.07
CA SER B 28 -45.61 13.06 23.06
C SER B 28 -44.59 13.60 24.05
N LYS B 29 -43.73 12.70 24.58
CA LYS B 29 -42.59 13.03 25.48
C LYS B 29 -41.29 12.67 24.76
N LEU B 30 -40.56 13.67 24.28
CA LEU B 30 -39.23 13.50 23.64
C LEU B 30 -38.15 13.56 24.72
N THR B 31 -37.52 12.41 25.00
CA THR B 31 -36.43 12.25 25.99
C THR B 31 -35.08 12.35 25.26
N LEU B 32 -34.59 13.57 25.05
CA LEU B 32 -33.23 13.83 24.51
C LEU B 32 -32.33 14.37 25.64
N VAL B 33 -31.07 13.92 25.66
CA VAL B 33 -30.04 14.32 26.68
C VAL B 33 -28.69 14.49 25.97
N LEU B 34 -28.18 15.73 25.87
CA LEU B 34 -26.88 16.03 25.21
C LEU B 34 -25.80 16.26 26.28
N THR B 35 -24.55 15.92 25.96
CA THR B 35 -23.37 15.99 26.85
C THR B 35 -22.18 16.55 26.06
N LYS B 36 -21.51 17.56 26.60
CA LYS B 36 -20.24 18.08 26.05
C LYS B 36 -19.16 17.05 26.32
N CYS B 37 -18.84 16.23 25.30
CA CYS B 37 -17.54 15.52 25.17
C CYS B 37 -16.60 16.34 24.29
N GLY B 38 -16.31 17.58 24.74
CA GLY B 38 -15.37 18.51 24.12
C GLY B 38 -15.82 18.93 22.74
N SER B 39 -15.16 18.39 21.70
CA SER B 39 -15.40 18.71 20.28
C SER B 39 -16.63 17.94 19.78
N GLN B 40 -16.96 16.83 20.45
CA GLN B 40 -18.12 15.95 20.14
C GLN B 40 -19.18 16.08 21.24
N ILE B 41 -20.45 16.12 20.85
CA ILE B 41 -21.59 15.96 21.81
C ILE B 41 -21.96 14.50 21.81
N LEU B 42 -22.22 13.93 22.98
CA LEU B 42 -22.71 12.54 23.17
C LEU B 42 -24.21 12.55 23.53
N ALA B 43 -25.08 12.57 22.50
CA ALA B 43 -26.56 12.56 22.62
C ALA B 43 -27.06 11.15 22.96
N ASN B 44 -28.20 11.06 23.63
CA ASN B 44 -28.99 9.81 23.80
C ASN B 44 -30.48 10.20 23.76
N VAL B 45 -31.25 9.53 22.90
CA VAL B 45 -32.61 9.99 22.46
C VAL B 45 -33.65 8.90 22.73
N SER B 46 -34.93 9.29 22.89
CA SER B 46 -36.10 8.41 23.06
C SER B 46 -37.40 9.21 22.89
N LEU B 47 -38.51 8.51 22.62
CA LEU B 47 -39.85 9.10 22.36
C LEU B 47 -40.94 8.18 22.93
N ILE B 48 -41.99 8.77 23.49
CA ILE B 48 -43.25 8.08 23.93
C ILE B 48 -44.44 8.86 23.36
N VAL B 49 -45.36 8.17 22.69
CA VAL B 49 -46.64 8.76 22.20
C VAL B 49 -47.77 8.26 23.10
N VAL B 50 -48.29 9.15 23.95
CA VAL B 50 -49.30 8.83 25.00
C VAL B 50 -50.71 9.17 24.48
N ALA B 51 -50.81 9.83 23.33
CA ALA B 51 -52.08 10.41 22.82
C ALA B 51 -51.94 10.84 21.34
N GLY B 52 -53.05 10.77 20.59
CA GLY B 52 -53.16 11.26 19.20
C GLY B 52 -53.39 10.12 18.23
N LYS B 53 -53.13 10.38 16.94
CA LYS B 53 -53.11 9.35 15.86
C LYS B 53 -51.92 8.41 16.08
N TYR B 54 -50.70 8.97 16.12
CA TYR B 54 -49.41 8.22 16.17
C TYR B 54 -49.33 7.39 17.46
N HIS B 55 -50.15 7.71 18.46
CA HIS B 55 -50.27 6.99 19.76
C HIS B 55 -50.40 5.49 19.49
N ILE B 56 -51.47 5.09 18.78
CA ILE B 56 -51.78 3.68 18.44
C ILE B 56 -51.74 3.52 16.92
N ILE B 57 -50.78 2.73 16.43
CA ILE B 57 -50.56 2.47 14.98
C ILE B 57 -51.29 1.18 14.59
N ASN B 58 -51.87 1.17 13.37
CA ASN B 58 -52.63 0.02 12.80
C ASN B 58 -52.67 0.17 11.27
N ASN B 59 -51.77 -0.53 10.57
CA ASN B 59 -51.49 -0.32 9.11
C ASN B 59 -52.46 -1.14 8.26
N LYS B 60 -53.63 -1.51 8.82
CA LYS B 60 -54.71 -2.25 8.10
C LYS B 60 -55.84 -1.28 7.74
N ASN B 61 -56.16 -0.34 8.63
CA ASN B 61 -57.23 0.69 8.47
C ASN B 61 -56.69 1.86 7.65
N ASN B 62 -55.56 2.44 8.09
CA ASN B 62 -54.75 3.43 7.33
C ASN B 62 -53.69 2.66 6.55
N PRO B 63 -53.86 2.47 5.22
CA PRO B 63 -53.00 1.56 4.45
C PRO B 63 -51.59 2.13 4.24
N GLU B 64 -51.49 3.45 4.09
CA GLU B 64 -50.20 4.20 4.05
C GLU B 64 -49.53 4.12 5.43
N ILE B 65 -48.19 4.10 5.45
CA ILE B 65 -47.37 3.94 6.69
C ILE B 65 -46.61 5.24 6.94
N LYS B 66 -47.35 6.35 6.99
CA LYS B 66 -46.82 7.75 7.00
C LYS B 66 -45.63 7.86 7.95
N SER B 67 -44.55 8.49 7.49
CA SER B 67 -43.41 8.97 8.32
C SER B 67 -43.84 10.23 9.06
N PHE B 68 -42.94 10.83 9.83
CA PHE B 68 -43.12 12.12 10.55
C PHE B 68 -41.76 12.64 10.99
N THR B 69 -41.73 13.77 11.70
CA THR B 69 -40.50 14.54 12.02
C THR B 69 -40.63 15.16 13.42
N ILE B 70 -39.52 15.62 14.00
CA ILE B 70 -39.49 16.35 15.30
C ILE B 70 -38.36 17.36 15.28
N LYS B 71 -38.68 18.63 14.99
CA LYS B 71 -37.70 19.69 14.64
C LYS B 71 -37.31 20.49 15.89
N LEU B 72 -36.00 20.63 16.13
CA LEU B 72 -35.41 21.45 17.23
C LEU B 72 -34.55 22.55 16.62
N LEU B 73 -35.12 23.74 16.48
CA LEU B 73 -34.49 24.92 15.84
C LEU B 73 -33.88 25.81 16.92
N PHE B 74 -32.57 26.12 16.80
CA PHE B 74 -31.82 27.04 17.70
C PHE B 74 -31.41 28.28 16.90
N ASP B 75 -31.09 29.38 17.60
CA ASP B 75 -30.69 30.69 16.98
C ASP B 75 -29.16 30.80 17.09
N LYS B 76 -28.63 32.01 16.91
CA LYS B 76 -27.18 32.34 16.80
C LYS B 76 -26.48 32.09 18.15
N ASN B 77 -27.27 31.88 19.21
CA ASN B 77 -26.82 31.68 20.61
C ASN B 77 -27.17 30.26 21.06
N GLY B 78 -28.00 29.55 20.28
CA GLY B 78 -28.31 28.12 20.49
C GLY B 78 -29.50 27.93 21.43
N VAL B 79 -30.46 28.86 21.38
CA VAL B 79 -31.62 28.91 22.30
C VAL B 79 -32.83 28.36 21.55
N LEU B 80 -33.26 27.14 21.89
CA LEU B 80 -34.40 26.43 21.27
C LEU B 80 -35.54 27.42 20.99
N LEU B 81 -35.75 27.77 19.71
CA LEU B 81 -36.88 28.61 19.23
C LEU B 81 -38.20 27.97 19.68
N ASP B 82 -39.28 28.77 19.77
CA ASP B 82 -40.59 28.35 20.36
C ASP B 82 -41.44 27.66 19.29
N ASN B 83 -41.09 27.80 18.01
CA ASN B 83 -41.83 27.17 16.87
C ASN B 83 -41.41 25.71 16.71
N SER B 84 -40.50 25.23 17.56
CA SER B 84 -40.04 23.81 17.63
C SER B 84 -41.17 22.89 18.14
N ASN B 85 -41.03 21.59 17.88
CA ASN B 85 -42.01 20.52 18.24
C ASN B 85 -42.00 20.28 19.76
N LEU B 86 -40.81 20.28 20.38
CA LEU B 86 -40.60 20.11 21.85
C LEU B 86 -41.12 21.36 22.60
N GLY B 87 -41.35 21.23 23.91
CA GLY B 87 -41.69 22.31 24.84
C GLY B 87 -40.46 22.96 25.45
N LYS B 88 -40.37 24.28 25.35
CA LYS B 88 -39.13 25.09 25.53
C LYS B 88 -38.77 25.14 27.03
N THR B 89 -39.78 25.03 27.89
CA THR B 89 -39.65 25.21 29.37
C THR B 89 -38.88 24.02 29.96
N TYR B 90 -39.15 22.82 29.45
CA TYR B 90 -38.72 21.52 30.04
C TYR B 90 -37.25 21.23 29.76
N TRP B 91 -36.63 22.05 28.90
CA TRP B 91 -35.33 21.79 28.24
C TRP B 91 -34.26 22.77 28.75
N ASN B 92 -33.30 22.30 29.57
CA ASN B 92 -32.21 23.15 30.13
C ASN B 92 -31.05 22.29 30.67
N PHE B 93 -30.06 22.93 31.31
CA PHE B 93 -28.94 22.29 32.07
C PHE B 93 -29.46 21.84 33.44
N ARG B 94 -29.30 20.57 33.77
CA ARG B 94 -29.67 19.99 35.09
C ARG B 94 -28.63 20.41 36.13
N SER B 95 -27.36 20.17 35.82
CA SER B 95 -26.17 20.43 36.68
C SER B 95 -26.28 19.61 37.98
N GLY B 96 -26.41 18.29 37.84
CA GLY B 96 -26.70 17.36 38.97
C GLY B 96 -28.19 17.09 39.10
N ASP B 97 -28.91 17.11 37.98
CA ASP B 97 -30.39 16.89 37.87
C ASP B 97 -31.15 17.92 38.69
N SER B 98 -30.58 19.10 38.92
CA SER B 98 -31.27 20.23 39.57
C SER B 98 -31.82 21.16 38.48
N ASN B 99 -32.27 22.36 38.87
CA ASN B 99 -32.43 23.53 37.97
C ASN B 99 -32.18 24.79 38.80
N VAL B 100 -30.92 25.24 38.84
CA VAL B 100 -30.49 26.54 39.46
C VAL B 100 -31.21 27.66 38.69
N SER B 101 -32.08 28.41 39.37
CA SER B 101 -32.95 29.43 38.72
C SER B 101 -32.09 30.58 38.20
N THR B 102 -31.40 30.34 37.07
CA THR B 102 -30.79 31.35 36.16
C THR B 102 -31.03 30.88 34.72
N ALA B 103 -31.43 31.79 33.83
CA ALA B 103 -31.88 31.48 32.45
C ALA B 103 -31.17 32.37 31.43
N TYR B 104 -29.98 32.90 31.76
CA TYR B 104 -29.09 33.65 30.81
C TYR B 104 -28.10 32.66 30.17
N GLU B 105 -28.48 32.17 28.99
CA GLU B 105 -27.84 31.05 28.26
C GLU B 105 -27.54 31.50 26.81
N LYS B 106 -26.57 32.39 26.66
CA LYS B 106 -26.03 32.82 25.34
C LYS B 106 -24.77 31.98 25.02
N ALA B 107 -24.32 31.18 25.98
CA ALA B 107 -23.07 30.38 25.93
C ALA B 107 -23.42 28.88 25.77
N ILE B 108 -22.98 28.27 24.66
CA ILE B 108 -23.36 26.87 24.28
C ILE B 108 -22.55 26.42 23.06
N GLY B 109 -21.56 25.56 23.28
CA GLY B 109 -20.96 24.66 22.26
C GLY B 109 -21.59 23.27 22.32
N PHE B 110 -22.91 23.21 22.04
CA PHE B 110 -23.76 22.01 22.07
C PHE B 110 -24.43 21.81 20.70
N MET B 111 -24.20 22.73 19.77
CA MET B 111 -24.85 22.79 18.43
C MET B 111 -23.98 22.02 17.45
N PRO B 112 -24.50 21.57 16.29
CA PRO B 112 -23.67 20.90 15.27
C PRO B 112 -22.91 21.91 14.40
N ASN B 113 -21.57 21.90 14.44
CA ASN B 113 -20.68 22.69 13.54
C ASN B 113 -21.34 22.88 12.18
N LEU B 114 -21.42 24.14 11.74
CA LEU B 114 -22.03 24.57 10.45
C LEU B 114 -21.08 24.20 9.31
N VAL B 115 -19.80 23.98 9.64
CA VAL B 115 -18.71 23.63 8.68
C VAL B 115 -18.81 22.14 8.34
N ALA B 116 -18.81 21.29 9.38
CA ALA B 116 -18.90 19.81 9.27
C ALA B 116 -20.28 19.40 8.78
N TYR B 117 -21.26 20.31 8.88
CA TYR B 117 -22.67 20.14 8.47
C TYR B 117 -23.23 21.51 8.14
N PRO B 118 -23.23 21.90 6.84
CA PRO B 118 -23.59 23.26 6.43
C PRO B 118 -25.11 23.47 6.27
N LYS B 119 -25.53 24.67 5.84
CA LYS B 119 -26.96 25.00 5.56
C LYS B 119 -27.31 24.57 4.13
N PRO B 120 -28.59 24.23 3.86
CA PRO B 120 -28.95 23.47 2.65
C PRO B 120 -28.69 24.19 1.32
N SER B 121 -28.74 25.53 1.33
CA SER B 121 -28.85 26.40 0.12
C SER B 121 -27.45 26.78 -0.41
N ASN B 122 -26.51 27.13 0.48
CA ASN B 122 -25.26 27.85 0.12
C ASN B 122 -24.22 26.89 -0.49
N SER B 123 -24.63 25.69 -0.88
CA SER B 123 -23.72 24.60 -1.33
C SER B 123 -24.49 23.30 -1.57
N LYS B 124 -24.18 22.59 -2.68
CA LYS B 124 -24.50 21.16 -2.89
C LYS B 124 -24.12 20.35 -1.64
N LYS B 125 -25.03 19.49 -1.19
CA LYS B 125 -25.07 18.91 0.19
C LYS B 125 -24.61 17.46 0.11
N TYR B 126 -23.85 17.01 1.11
CA TYR B 126 -23.25 15.67 1.20
C TYR B 126 -24.03 14.87 2.24
N ALA B 127 -23.69 13.59 2.38
CA ALA B 127 -24.53 12.57 3.03
C ALA B 127 -24.28 12.53 4.54
N ARG B 128 -23.21 13.18 5.02
CA ARG B 128 -22.73 13.11 6.41
C ARG B 128 -23.38 14.23 7.24
N ASP B 129 -24.44 14.84 6.67
CA ASP B 129 -25.42 15.69 7.38
C ASP B 129 -26.13 14.88 8.45
N ILE B 130 -26.19 13.54 8.23
CA ILE B 130 -27.17 12.57 8.81
C ILE B 130 -26.45 11.56 9.73
N VAL B 131 -27.16 11.05 10.73
CA VAL B 131 -26.77 9.85 11.55
C VAL B 131 -27.96 8.88 11.64
N TYR B 132 -27.90 7.75 10.91
CA TYR B 132 -29.01 6.75 10.75
C TYR B 132 -29.11 5.86 11.99
N GLY B 133 -30.33 5.73 12.52
CA GLY B 133 -30.64 4.90 13.70
C GLY B 133 -31.76 3.92 13.41
N THR B 134 -31.85 2.85 14.19
CA THR B 134 -32.85 1.75 14.01
C THR B 134 -33.24 1.24 15.39
N ILE B 135 -34.56 1.30 15.69
CA ILE B 135 -35.13 1.01 17.05
C ILE B 135 -36.44 0.22 16.92
N TYR B 136 -36.81 -0.52 17.97
CA TYR B 136 -37.95 -1.47 17.97
C TYR B 136 -39.04 -0.93 18.90
N LEU B 137 -40.26 -0.81 18.39
CA LEU B 137 -41.41 -0.18 19.12
C LEU B 137 -42.17 -1.24 19.92
N GLY B 138 -42.03 -1.20 21.24
CA GLY B 138 -42.56 -2.22 22.17
C GLY B 138 -41.45 -3.10 22.73
N GLY B 139 -40.20 -2.86 22.29
CA GLY B 139 -39.04 -3.71 22.59
C GLY B 139 -39.25 -5.13 22.09
N LYS B 140 -39.63 -5.28 20.81
CA LYS B 140 -39.95 -6.59 20.16
C LYS B 140 -39.19 -6.70 18.85
N PRO B 141 -38.34 -7.74 18.67
CA PRO B 141 -37.42 -7.82 17.53
C PRO B 141 -38.12 -7.72 16.18
N ASP B 142 -39.32 -8.31 16.06
CA ASP B 142 -40.14 -8.36 14.81
C ASP B 142 -40.69 -6.97 14.47
N GLN B 143 -40.72 -6.07 15.46
CA GLN B 143 -41.30 -4.70 15.35
C GLN B 143 -40.16 -3.68 15.38
N PRO B 144 -39.38 -3.53 14.28
CA PRO B 144 -38.41 -2.46 14.14
C PRO B 144 -38.91 -1.23 13.35
N ALA B 145 -38.48 -0.03 13.76
CA ALA B 145 -38.67 1.24 13.04
C ALA B 145 -37.30 1.83 12.67
N VAL B 146 -37.28 3.07 12.14
CA VAL B 146 -36.07 3.78 11.63
C VAL B 146 -36.11 5.24 12.12
N ILE B 147 -35.02 5.71 12.72
CA ILE B 147 -34.90 7.07 13.34
C ILE B 147 -33.74 7.82 12.68
N LYS B 148 -34.04 8.61 11.65
CA LYS B 148 -33.05 9.39 10.84
C LYS B 148 -32.88 10.77 11.47
N THR B 149 -31.63 11.21 11.62
CA THR B 149 -31.26 12.46 12.33
C THR B 149 -30.43 13.32 11.40
N THR B 150 -30.70 14.64 11.34
CA THR B 150 -30.11 15.58 10.35
C THR B 150 -29.71 16.89 11.06
N PHE B 151 -28.60 17.52 10.65
CA PHE B 151 -28.02 18.71 11.34
C PHE B 151 -27.93 19.89 10.39
N ASN B 152 -28.56 21.01 10.80
CA ASN B 152 -28.60 22.32 10.08
C ASN B 152 -29.31 22.15 8.74
N GLN B 153 -30.35 21.33 8.69
CA GLN B 153 -31.16 21.08 7.46
C GLN B 153 -32.59 21.60 7.64
N GLU B 154 -32.74 22.75 8.30
CA GLU B 154 -34.03 23.50 8.42
C GLU B 154 -33.80 24.98 8.08
N THR B 155 -34.90 25.72 7.94
CA THR B 155 -34.96 27.10 7.39
C THR B 155 -35.51 28.03 8.46
N GLY B 156 -35.27 29.33 8.32
CA GLY B 156 -35.67 30.35 9.31
C GLY B 156 -35.20 29.98 10.70
N CYS B 157 -33.91 29.64 10.81
CA CYS B 157 -33.19 29.30 12.07
C CYS B 157 -31.68 29.38 11.80
N GLU B 158 -30.87 29.08 12.82
CA GLU B 158 -29.38 29.17 12.73
C GLU B 158 -28.75 27.78 12.83
N TYR B 159 -29.32 26.88 13.67
CA TYR B 159 -28.87 25.47 13.90
C TYR B 159 -30.09 24.58 14.16
N SER B 160 -30.17 23.41 13.49
CA SER B 160 -31.40 22.56 13.42
C SER B 160 -31.06 21.06 13.43
N ILE B 161 -31.28 20.40 14.58
CA ILE B 161 -31.24 18.92 14.76
C ILE B 161 -32.66 18.38 14.66
N THR B 162 -33.04 17.85 13.50
CA THR B 162 -34.41 17.35 13.22
C THR B 162 -34.37 15.80 13.20
N PHE B 163 -35.38 15.17 13.83
CA PHE B 163 -35.49 13.70 14.05
C PHE B 163 -36.61 13.13 13.18
N ASP B 164 -36.25 12.56 12.03
CA ASP B 164 -37.19 11.86 11.10
C ASP B 164 -37.35 10.43 11.62
N PHE B 165 -38.60 9.98 11.74
CA PHE B 165 -39.01 8.59 12.06
C PHE B 165 -39.70 8.00 10.83
N SER B 166 -39.59 6.68 10.62
CA SER B 166 -40.25 5.95 9.51
C SER B 166 -40.81 4.61 10.03
N TRP B 167 -42.10 4.39 9.82
CA TRP B 167 -42.76 3.05 9.96
C TRP B 167 -42.57 2.27 8.66
N SER B 168 -42.04 1.04 8.75
CA SER B 168 -41.57 0.24 7.61
C SER B 168 -42.71 -0.64 7.08
N LYS B 169 -42.99 -1.75 7.76
CA LYS B 169 -43.91 -2.84 7.31
C LYS B 169 -45.35 -2.48 7.67
N THR B 170 -46.25 -3.46 7.61
CA THR B 170 -47.69 -3.37 7.96
C THR B 170 -47.93 -4.06 9.31
N TYR B 171 -48.22 -3.30 10.38
CA TYR B 171 -48.34 -3.80 11.77
C TYR B 171 -49.60 -3.25 12.45
N GLU B 172 -50.09 -4.00 13.44
CA GLU B 172 -51.51 -4.04 13.89
C GLU B 172 -51.58 -4.04 15.43
N ASN B 173 -52.12 -2.96 16.00
CA ASN B 173 -52.52 -2.83 17.43
C ASN B 173 -51.25 -2.72 18.29
N VAL B 174 -50.32 -1.87 17.86
CA VAL B 174 -49.03 -1.56 18.55
C VAL B 174 -49.12 -0.12 19.07
N GLU B 175 -48.82 0.09 20.35
CA GLU B 175 -48.63 1.42 20.95
C GLU B 175 -47.17 1.87 20.71
N PHE B 176 -46.98 3.13 20.32
CA PHE B 176 -45.66 3.70 19.95
C PHE B 176 -44.82 3.94 21.21
N GLU B 177 -43.84 3.07 21.44
CA GLU B 177 -42.81 3.19 22.50
C GLU B 177 -41.51 2.61 21.95
N THR B 178 -40.58 3.49 21.54
CA THR B 178 -39.30 3.15 20.86
C THR B 178 -38.25 2.73 21.89
N THR B 179 -37.31 1.88 21.47
CA THR B 179 -36.13 1.45 22.26
C THR B 179 -35.09 2.56 22.22
N SER B 180 -34.37 2.74 23.34
CA SER B 180 -33.25 3.72 23.49
C SER B 180 -32.27 3.60 22.31
N PHE B 181 -31.64 4.71 21.92
CA PHE B 181 -30.61 4.78 20.84
C PHE B 181 -29.61 5.90 21.17
N THR B 182 -28.32 5.66 20.93
CA THR B 182 -27.21 6.57 21.29
C THR B 182 -26.42 6.97 20.04
N PHE B 183 -25.84 8.18 20.03
CA PHE B 183 -25.15 8.77 18.87
C PHE B 183 -24.38 10.03 19.27
N SER B 184 -23.55 10.58 18.33
CA SER B 184 -22.71 11.81 18.50
C SER B 184 -22.59 12.59 17.19
N TYR B 185 -22.17 13.86 17.30
CA TYR B 185 -21.86 14.79 16.17
C TYR B 185 -20.70 15.75 16.55
N ILE B 186 -20.21 16.52 15.57
CA ILE B 186 -19.13 17.55 15.77
C ILE B 186 -19.79 18.85 16.22
N ALA B 187 -19.33 19.38 17.35
CA ALA B 187 -19.84 20.61 17.98
C ALA B 187 -19.36 21.82 17.16
N GLN B 188 -20.08 22.94 17.25
CA GLN B 188 -19.69 24.23 16.63
C GLN B 188 -18.50 24.83 17.39
N GLN B 189 -18.59 24.95 18.73
CA GLN B 189 -17.58 25.64 19.57
C GLN B 189 -17.71 25.18 21.03
N THR C 7 -13.53 12.74 35.81
CA THR C 7 -12.39 12.35 34.92
C THR C 7 -12.13 10.84 35.07
N ARG C 8 -12.66 10.22 36.13
CA ARG C 8 -12.37 8.81 36.55
C ARG C 8 -13.03 7.81 35.58
N THR C 9 -12.54 6.56 35.59
CA THR C 9 -13.02 5.42 34.75
C THR C 9 -13.08 4.15 35.60
N LEU C 10 -14.15 3.37 35.49
CA LEU C 10 -14.31 2.11 36.25
C LEU C 10 -14.44 0.94 35.28
N TRP C 11 -13.50 -0.02 35.38
CA TRP C 11 -13.18 -1.03 34.34
C TRP C 11 -12.92 -2.40 34.98
N THR C 12 -13.06 -3.44 34.16
CA THR C 12 -12.64 -4.84 34.44
C THR C 12 -11.34 -5.11 33.67
N THR C 13 -10.19 -5.17 34.36
CA THR C 13 -8.84 -5.24 33.73
C THR C 13 -8.93 -6.00 32.41
N PRO C 14 -8.60 -5.36 31.26
CA PRO C 14 -8.83 -5.98 29.96
C PRO C 14 -7.73 -6.98 29.59
N ASP C 15 -7.60 -8.05 30.39
CA ASP C 15 -6.69 -9.20 30.19
C ASP C 15 -7.42 -10.29 29.42
N THR C 16 -6.81 -11.44 29.19
CA THR C 16 -7.53 -12.62 28.67
C THR C 16 -7.75 -13.63 29.81
N SER C 17 -7.46 -13.25 31.07
CA SER C 17 -7.72 -14.08 32.28
C SER C 17 -9.20 -14.02 32.63
N PRO C 18 -9.92 -15.16 32.65
CA PRO C 18 -11.37 -15.14 32.82
C PRO C 18 -11.76 -14.52 34.17
N ASN C 19 -13.00 -14.05 34.29
CA ASN C 19 -13.46 -13.25 35.47
C ASN C 19 -15.00 -13.16 35.48
N CYS C 20 -15.69 -14.15 34.89
CA CYS C 20 -17.17 -14.19 34.78
C CYS C 20 -17.65 -15.64 34.68
N THR C 21 -18.80 -15.95 35.28
CA THR C 21 -19.44 -17.30 35.30
C THR C 21 -20.89 -17.20 34.81
N ILE C 22 -21.21 -17.84 33.68
CA ILE C 22 -22.60 -18.06 33.17
C ILE C 22 -23.02 -19.50 33.47
N ALA C 23 -22.34 -20.49 32.87
CA ALA C 23 -22.64 -21.94 32.97
C ALA C 23 -21.85 -22.59 34.10
N GLN C 24 -20.57 -22.24 34.23
CA GLN C 24 -19.59 -22.88 35.14
C GLN C 24 -18.52 -21.86 35.54
N ASP C 25 -17.81 -22.13 36.63
CA ASP C 25 -17.00 -21.12 37.36
C ASP C 25 -15.89 -20.58 36.44
N LYS C 26 -15.92 -19.26 36.18
CA LYS C 26 -14.94 -18.54 35.33
C LYS C 26 -14.89 -19.23 33.95
N ASP C 27 -16.06 -19.48 33.34
CA ASP C 27 -16.16 -20.03 31.97
C ASP C 27 -16.02 -18.89 30.93
N SER C 28 -15.78 -17.65 31.37
CA SER C 28 -15.77 -16.46 30.47
C SER C 28 -14.99 -15.30 31.09
N LYS C 29 -14.37 -14.50 30.20
CA LYS C 29 -13.87 -13.14 30.45
C LYS C 29 -14.85 -12.15 29.83
N LEU C 30 -15.35 -11.19 30.62
CA LEU C 30 -16.24 -10.09 30.15
C LEU C 30 -15.47 -8.78 30.19
N THR C 31 -15.27 -8.16 29.02
CA THR C 31 -14.54 -6.89 28.84
C THR C 31 -15.59 -5.77 28.77
N LEU C 32 -15.74 -5.02 29.88
CA LEU C 32 -16.58 -3.81 29.97
C LEU C 32 -15.76 -2.65 30.53
N VAL C 33 -15.86 -1.50 29.87
CA VAL C 33 -15.32 -0.19 30.30
C VAL C 33 -16.49 0.81 30.32
N LEU C 34 -16.84 1.31 31.50
CA LEU C 34 -17.91 2.32 31.71
C LEU C 34 -17.28 3.64 32.10
N THR C 35 -17.44 4.66 31.26
CA THR C 35 -16.92 6.02 31.50
C THR C 35 -18.08 7.00 31.59
N LYS C 36 -17.91 7.97 32.50
CA LYS C 36 -18.96 8.90 32.98
C LYS C 36 -18.68 10.28 32.40
N CYS C 37 -19.74 11.01 32.09
CA CYS C 37 -19.71 12.47 31.86
C CYS C 37 -21.07 13.04 32.27
N GLY C 38 -21.08 13.73 33.43
CA GLY C 38 -22.24 14.46 33.95
C GLY C 38 -23.40 13.54 34.21
N SER C 39 -24.33 13.45 33.24
CA SER C 39 -25.55 12.58 33.30
C SER C 39 -25.47 11.45 32.27
N GLN C 40 -24.43 11.41 31.44
CA GLN C 40 -24.31 10.43 30.34
C GLN C 40 -23.05 9.60 30.52
N ILE C 41 -23.21 8.27 30.61
CA ILE C 41 -22.11 7.28 30.77
C ILE C 41 -21.93 6.53 29.44
N LEU C 42 -20.69 6.41 28.95
CA LEU C 42 -20.37 5.72 27.67
C LEU C 42 -19.89 4.31 27.98
N ALA C 43 -20.50 3.30 27.35
CA ALA C 43 -20.28 1.85 27.60
C ALA C 43 -19.75 1.16 26.33
N ASN C 44 -18.61 0.45 26.49
CA ASN C 44 -17.89 -0.38 25.49
C ASN C 44 -17.78 -1.80 26.05
N VAL C 45 -18.53 -2.76 25.52
CA VAL C 45 -18.59 -4.16 26.04
C VAL C 45 -18.02 -5.14 25.00
N SER C 46 -17.47 -6.26 25.48
CA SER C 46 -16.85 -7.36 24.70
C SER C 46 -16.82 -8.64 25.55
N LEU C 47 -17.11 -9.80 24.95
CA LEU C 47 -17.24 -11.10 25.66
C LEU C 47 -16.42 -12.15 24.92
N ILE C 48 -15.69 -12.98 25.68
CA ILE C 48 -14.98 -14.21 25.23
C ILE C 48 -15.35 -15.34 26.21
N VAL C 49 -15.78 -16.50 25.70
CA VAL C 49 -16.39 -17.61 26.50
C VAL C 49 -15.48 -18.84 26.43
N VAL C 50 -14.61 -18.99 27.41
CA VAL C 50 -13.30 -19.71 27.25
C VAL C 50 -13.50 -21.20 27.53
N ALA C 51 -14.56 -21.58 28.26
CA ALA C 51 -14.87 -22.96 28.70
C ALA C 51 -16.39 -23.15 28.86
N GLY C 52 -16.87 -24.40 28.76
CA GLY C 52 -18.24 -24.83 29.10
C GLY C 52 -19.15 -25.00 27.88
N LYS C 53 -20.46 -24.76 28.08
CA LYS C 53 -21.57 -25.06 27.14
C LYS C 53 -21.70 -23.94 26.10
N TYR C 54 -21.40 -22.70 26.50
CA TYR C 54 -21.47 -21.48 25.67
C TYR C 54 -20.10 -21.12 25.07
N HIS C 55 -19.03 -21.84 25.39
CA HIS C 55 -17.73 -21.76 24.69
C HIS C 55 -17.89 -22.11 23.21
N ILE C 56 -18.44 -23.26 22.88
CA ILE C 56 -18.63 -23.71 21.45
C ILE C 56 -20.13 -23.85 21.19
N ILE C 57 -20.62 -23.20 20.16
CA ILE C 57 -22.00 -23.32 19.64
C ILE C 57 -22.05 -24.36 18.51
N ASN C 58 -22.40 -25.61 18.83
CA ASN C 58 -22.82 -26.66 17.85
C ASN C 58 -24.32 -26.98 18.06
N ASN C 59 -25.20 -26.51 17.16
CA ASN C 59 -26.69 -26.65 17.29
C ASN C 59 -27.16 -28.00 16.71
N LYS C 60 -26.51 -28.46 15.64
CA LYS C 60 -26.80 -29.78 14.99
C LYS C 60 -26.85 -30.90 16.03
N ASN C 61 -26.26 -30.67 17.23
CA ASN C 61 -26.40 -31.53 18.44
C ASN C 61 -27.31 -30.84 19.46
N ASN C 62 -27.09 -29.53 19.70
CA ASN C 62 -27.70 -28.75 20.80
C ASN C 62 -28.54 -27.60 20.24
N PRO C 63 -29.70 -27.87 19.60
CA PRO C 63 -30.51 -26.82 18.98
C PRO C 63 -31.16 -25.87 20.00
N GLU C 64 -31.37 -26.32 21.25
CA GLU C 64 -32.14 -25.58 22.29
C GLU C 64 -31.40 -24.30 22.72
N ILE C 65 -30.07 -24.26 22.58
CA ILE C 65 -29.21 -23.14 23.07
C ILE C 65 -29.09 -22.08 21.97
N LYS C 66 -29.98 -21.07 22.02
CA LYS C 66 -30.08 -19.95 21.04
C LYS C 66 -30.24 -18.62 21.78
N SER C 67 -29.95 -18.58 23.09
CA SER C 67 -29.88 -17.32 23.90
C SER C 67 -29.49 -17.64 25.36
N PHE C 68 -28.77 -16.73 26.00
CA PHE C 68 -28.57 -16.67 27.47
C PHE C 68 -28.36 -15.21 27.91
N THR C 69 -28.30 -14.96 29.21
CA THR C 69 -28.42 -13.63 29.85
C THR C 69 -27.41 -13.47 31.00
N ILE C 70 -26.88 -12.27 31.17
CA ILE C 70 -25.96 -11.88 32.28
C ILE C 70 -26.56 -10.65 32.97
N LYS C 71 -26.25 -10.46 34.27
CA LYS C 71 -26.94 -9.47 35.15
C LYS C 71 -25.91 -8.85 36.07
N LEU C 72 -25.65 -7.55 35.91
CA LEU C 72 -24.83 -6.71 36.85
C LEU C 72 -25.76 -5.98 37.84
N LEU C 73 -26.10 -6.62 38.96
CA LEU C 73 -26.92 -6.08 40.07
C LEU C 73 -26.03 -5.20 40.98
N PHE C 74 -26.54 -4.02 41.38
CA PHE C 74 -25.91 -3.08 42.34
C PHE C 74 -26.84 -2.86 43.55
N ASP C 75 -26.44 -2.00 44.49
CA ASP C 75 -27.19 -1.74 45.75
C ASP C 75 -27.52 -0.26 45.80
N LYS C 76 -28.01 0.25 46.94
CA LYS C 76 -28.34 1.69 47.16
C LYS C 76 -27.09 2.57 46.90
N ASN C 77 -25.93 2.16 47.43
CA ASN C 77 -24.62 2.85 47.28
C ASN C 77 -24.03 2.58 45.90
N GLY C 78 -24.63 1.65 45.15
CA GLY C 78 -24.33 1.39 43.73
C GLY C 78 -23.11 0.48 43.55
N VAL C 79 -22.73 -0.28 44.59
CA VAL C 79 -21.61 -1.26 44.53
C VAL C 79 -22.17 -2.63 44.09
N LEU C 80 -21.39 -3.34 43.26
CA LEU C 80 -21.82 -4.57 42.55
C LEU C 80 -21.87 -5.73 43.55
N LEU C 81 -23.03 -6.40 43.63
CA LEU C 81 -23.28 -7.59 44.46
C LEU C 81 -22.41 -8.75 43.94
N ASP C 82 -22.17 -9.78 44.76
CA ASP C 82 -21.23 -10.90 44.46
C ASP C 82 -22.01 -12.16 44.03
N ASN C 83 -23.33 -12.03 43.89
CA ASN C 83 -24.22 -12.99 43.20
C ASN C 83 -24.26 -12.65 41.70
N SER C 84 -23.63 -11.51 41.33
CA SER C 84 -23.56 -10.96 39.96
C SER C 84 -22.53 -11.73 39.14
N ASN C 85 -22.95 -12.17 37.95
CA ASN C 85 -22.19 -13.12 37.10
C ASN C 85 -20.72 -12.71 37.03
N LEU C 86 -20.39 -11.45 37.34
CA LEU C 86 -19.01 -10.89 37.25
C LEU C 86 -18.26 -11.17 38.56
N GLY C 87 -16.94 -11.06 38.53
CA GLY C 87 -16.05 -11.36 39.68
C GLY C 87 -15.42 -10.12 40.26
N LYS C 88 -15.46 -9.97 41.59
CA LYS C 88 -15.36 -8.68 42.32
C LYS C 88 -13.90 -8.22 42.35
N THR C 89 -12.96 -9.15 42.18
CA THR C 89 -11.49 -8.92 42.32
C THR C 89 -10.89 -8.36 41.02
N TYR C 90 -11.69 -8.12 39.97
CA TYR C 90 -11.23 -7.63 38.63
C TYR C 90 -11.78 -6.21 38.35
N TRP C 91 -12.83 -5.80 39.06
CA TRP C 91 -13.67 -4.63 38.74
C TRP C 91 -13.46 -3.54 39.79
N ASN C 92 -12.94 -2.38 39.35
CA ASN C 92 -12.57 -1.26 40.27
C ASN C 92 -12.17 -0.06 39.42
N PHE C 93 -12.29 1.15 39.98
CA PHE C 93 -11.83 2.41 39.33
C PHE C 93 -10.41 2.20 38.82
N ARG C 94 -10.14 2.63 37.58
CA ARG C 94 -8.81 2.50 36.93
C ARG C 94 -7.85 3.52 37.55
N SER C 95 -6.54 3.30 37.39
CA SER C 95 -5.45 4.20 37.86
C SER C 95 -4.14 3.87 37.14
N GLY C 96 -4.08 4.09 35.83
CA GLY C 96 -3.18 3.36 34.91
C GLY C 96 -3.69 1.95 34.69
N ASP C 97 -2.83 1.00 34.28
CA ASP C 97 -3.26 -0.38 33.95
C ASP C 97 -3.73 -1.11 35.22
N SER C 98 -3.14 -0.76 36.37
CA SER C 98 -3.55 -1.28 37.70
C SER C 98 -4.93 -0.72 38.07
N ASN C 99 -5.58 -1.32 39.07
CA ASN C 99 -6.95 -0.98 39.51
C ASN C 99 -6.89 -0.27 40.88
N VAL C 100 -5.73 -0.32 41.54
CA VAL C 100 -5.41 0.37 42.84
C VAL C 100 -5.76 -0.56 44.02
N SER C 101 -6.08 -1.83 43.75
CA SER C 101 -6.02 -2.98 44.70
C SER C 101 -6.71 -2.64 46.05
N THR C 102 -7.82 -1.90 46.02
CA THR C 102 -8.70 -1.64 47.21
C THR C 102 -10.17 -1.59 46.78
N ALA C 103 -11.04 -2.30 47.50
CA ALA C 103 -12.52 -2.23 47.38
C ALA C 103 -12.96 -0.76 47.36
N TYR C 104 -13.61 -0.35 46.29
CA TYR C 104 -14.11 1.05 46.08
C TYR C 104 -15.50 1.19 46.71
N GLU C 105 -16.12 2.35 46.55
CA GLU C 105 -17.53 2.61 46.95
C GLU C 105 -18.07 3.74 46.07
N LYS C 106 -18.91 4.61 46.64
CA LYS C 106 -19.21 5.96 46.08
C LYS C 106 -19.48 5.85 44.57
N ALA C 107 -20.14 4.77 44.13
CA ALA C 107 -20.58 4.54 42.74
C ALA C 107 -22.00 5.11 42.55
N ILE C 108 -22.50 5.85 43.54
CA ILE C 108 -23.75 6.64 43.41
C ILE C 108 -23.67 7.43 42.10
N GLY C 109 -24.69 7.29 41.25
CA GLY C 109 -24.82 8.01 39.97
C GLY C 109 -24.51 7.13 38.78
N PHE C 110 -23.52 6.24 38.88
CA PHE C 110 -22.99 5.44 37.74
C PHE C 110 -24.11 4.55 37.18
N MET C 111 -25.34 4.71 37.69
CA MET C 111 -26.46 3.73 37.54
C MET C 111 -27.46 4.25 36.50
N PRO C 112 -28.33 3.37 35.95
CA PRO C 112 -29.40 3.79 35.05
C PRO C 112 -30.56 4.46 35.79
N ASN C 113 -30.70 5.78 35.61
CA ASN C 113 -31.67 6.64 36.35
C ASN C 113 -32.98 5.87 36.57
N LEU C 114 -33.42 5.78 37.83
CA LEU C 114 -34.71 5.16 38.23
C LEU C 114 -35.88 5.96 37.64
N VAL C 115 -35.72 7.29 37.54
CA VAL C 115 -36.69 8.18 36.86
C VAL C 115 -36.85 7.66 35.42
N ALA C 116 -35.83 7.87 34.59
CA ALA C 116 -35.77 7.48 33.15
C ALA C 116 -36.02 5.97 33.00
N TYR C 117 -35.43 5.16 33.87
CA TYR C 117 -35.58 3.68 33.88
C TYR C 117 -36.14 3.24 35.22
N PRO C 118 -37.48 3.31 35.41
CA PRO C 118 -38.08 2.90 36.67
C PRO C 118 -38.10 1.37 36.81
N LYS C 119 -38.02 0.88 38.04
CA LYS C 119 -38.33 -0.54 38.38
C LYS C 119 -39.75 -0.85 37.90
N PRO C 120 -40.07 -2.13 37.60
CA PRO C 120 -41.42 -2.50 37.15
C PRO C 120 -42.50 -2.40 38.26
N SER C 121 -42.65 -1.22 38.86
CA SER C 121 -43.54 -0.94 40.01
C SER C 121 -45.01 -1.02 39.55
N ASN C 122 -45.91 -1.32 40.49
CA ASN C 122 -47.32 -1.73 40.24
C ASN C 122 -48.00 -0.67 39.36
N SER C 123 -47.63 0.60 39.52
CA SER C 123 -48.04 1.72 38.64
C SER C 123 -47.66 1.37 37.18
N LYS C 124 -48.62 0.79 36.43
CA LYS C 124 -48.37 0.04 35.17
C LYS C 124 -48.10 1.01 34.01
N LYS C 125 -46.83 1.30 33.77
CA LYS C 125 -46.33 1.96 32.54
C LYS C 125 -45.40 0.97 31.82
N TYR C 126 -45.48 0.93 30.49
CA TYR C 126 -44.59 0.15 29.61
C TYR C 126 -43.44 1.06 29.15
N ALA C 127 -42.23 0.79 29.65
CA ALA C 127 -41.03 1.66 29.55
C ALA C 127 -40.39 1.54 28.16
N ARG C 128 -39.28 2.25 27.96
CA ARG C 128 -38.50 2.35 26.70
C ARG C 128 -37.01 2.21 27.04
N ASP C 129 -36.73 1.57 28.18
CA ASP C 129 -35.39 1.43 28.82
C ASP C 129 -34.44 0.69 27.86
N ILE C 130 -34.93 -0.36 27.19
CA ILE C 130 -34.13 -1.37 26.44
C ILE C 130 -33.25 -0.65 25.40
N VAL C 131 -31.94 -0.97 25.39
CA VAL C 131 -30.99 -0.65 24.27
C VAL C 131 -30.65 -1.95 23.56
N TYR C 132 -31.27 -2.19 22.39
CA TYR C 132 -30.88 -3.23 21.40
C TYR C 132 -29.51 -2.82 20.79
N GLY C 133 -29.01 -3.64 19.86
CA GLY C 133 -27.71 -3.46 19.20
C GLY C 133 -27.37 -4.66 18.36
N THR C 134 -26.08 -5.04 18.29
CA THR C 134 -25.58 -6.21 17.52
C THR C 134 -24.07 -6.40 17.75
N ILE C 135 -23.62 -7.67 17.70
CA ILE C 135 -22.18 -8.09 17.70
C ILE C 135 -22.07 -9.41 16.94
N TYR C 136 -20.91 -9.64 16.29
CA TYR C 136 -20.66 -10.75 15.34
C TYR C 136 -19.56 -11.65 15.88
N LEU C 137 -19.78 -12.96 15.87
CA LEU C 137 -18.92 -13.93 16.58
C LEU C 137 -17.75 -14.32 15.68
N GLY C 138 -16.52 -14.17 16.18
CA GLY C 138 -15.26 -14.38 15.42
C GLY C 138 -14.82 -13.12 14.71
N GLY C 139 -15.76 -12.21 14.45
CA GLY C 139 -15.56 -11.02 13.61
C GLY C 139 -16.07 -11.26 12.20
N LYS C 140 -16.55 -12.47 11.92
CA LYS C 140 -17.19 -12.86 10.62
C LYS C 140 -18.51 -12.10 10.46
N PRO C 141 -18.80 -11.50 9.28
CA PRO C 141 -20.12 -10.90 9.03
C PRO C 141 -21.30 -11.90 9.10
N ASP C 142 -21.16 -13.09 8.49
CA ASP C 142 -22.26 -14.10 8.32
C ASP C 142 -22.71 -14.65 9.69
N GLN C 143 -22.15 -14.12 10.78
CA GLN C 143 -22.34 -14.70 12.14
C GLN C 143 -22.80 -13.62 13.12
N PRO C 144 -24.03 -13.08 12.94
CA PRO C 144 -24.55 -12.06 13.84
C PRO C 144 -25.19 -12.60 15.13
N ALA C 145 -25.30 -11.75 16.14
CA ALA C 145 -26.02 -11.99 17.41
C ALA C 145 -26.65 -10.67 17.88
N VAL C 146 -27.60 -10.74 18.81
CA VAL C 146 -28.43 -9.58 19.29
C VAL C 146 -28.19 -9.39 20.79
N ILE C 147 -27.14 -8.65 21.18
CA ILE C 147 -26.99 -8.09 22.55
C ILE C 147 -28.22 -7.23 22.85
N LYS C 148 -29.11 -7.75 23.68
CA LYS C 148 -30.23 -7.02 24.31
C LYS C 148 -29.80 -6.66 25.74
N THR C 149 -29.56 -5.37 26.00
CA THR C 149 -29.26 -4.81 27.36
C THR C 149 -30.53 -4.14 27.89
N THR C 150 -30.93 -4.48 29.12
CA THR C 150 -32.12 -3.94 29.85
C THR C 150 -31.67 -3.30 31.18
N PHE C 151 -32.30 -2.18 31.57
CA PHE C 151 -31.99 -1.41 32.81
C PHE C 151 -33.11 -1.59 33.85
N ASN C 152 -32.70 -1.87 35.09
CA ASN C 152 -33.58 -1.79 36.30
C ASN C 152 -34.83 -2.64 36.06
N GLN C 153 -34.63 -3.95 35.91
CA GLN C 153 -35.71 -4.98 35.75
C GLN C 153 -35.30 -6.27 36.49
N GLU C 154 -34.47 -6.15 37.54
CA GLU C 154 -34.10 -7.26 38.46
C GLU C 154 -34.43 -6.82 39.89
N THR C 155 -34.94 -7.76 40.70
CA THR C 155 -35.48 -7.51 42.07
C THR C 155 -34.49 -8.02 43.12
N GLY C 156 -34.59 -7.46 44.34
CA GLY C 156 -33.61 -7.65 45.44
C GLY C 156 -32.60 -6.51 45.46
N CYS C 157 -32.13 -6.10 44.28
CA CYS C 157 -31.13 -5.02 44.06
C CYS C 157 -31.82 -3.65 44.17
N GLU C 158 -31.03 -2.58 44.01
CA GLU C 158 -31.52 -1.19 43.78
C GLU C 158 -31.45 -0.90 42.28
N TYR C 159 -30.28 -1.09 41.67
CA TYR C 159 -30.00 -0.90 40.22
C TYR C 159 -29.51 -2.23 39.61
N SER C 160 -29.49 -2.32 38.28
CA SER C 160 -29.25 -3.57 37.51
C SER C 160 -28.94 -3.25 36.04
N ILE C 161 -27.98 -3.96 35.46
CA ILE C 161 -27.64 -3.90 33.99
C ILE C 161 -27.56 -5.34 33.46
N THR C 162 -28.60 -5.77 32.74
CA THR C 162 -28.78 -7.18 32.26
C THR C 162 -28.57 -7.24 30.74
N PHE C 163 -27.91 -8.29 30.27
CA PHE C 163 -27.48 -8.54 28.87
C PHE C 163 -28.17 -9.80 28.32
N ASP C 164 -29.13 -9.63 27.41
CA ASP C 164 -30.02 -10.72 26.94
C ASP C 164 -29.65 -11.09 25.50
N PHE C 165 -28.59 -11.87 25.34
CA PHE C 165 -28.02 -12.23 24.02
C PHE C 165 -28.87 -13.31 23.38
N SER C 166 -29.31 -13.06 22.15
CA SER C 166 -30.10 -14.00 21.31
C SER C 166 -29.38 -14.21 19.98
N TRP C 167 -29.78 -15.22 19.22
CA TRP C 167 -29.18 -15.58 17.91
C TRP C 167 -29.90 -16.81 17.35
N SER C 168 -30.49 -16.67 16.17
CA SER C 168 -31.50 -17.61 15.60
C SER C 168 -30.82 -18.64 14.70
N LYS C 169 -29.59 -18.38 14.26
CA LYS C 169 -29.00 -19.12 13.12
C LYS C 169 -28.53 -20.50 13.61
N THR C 170 -28.04 -21.31 12.67
CA THR C 170 -27.65 -22.73 12.84
C THR C 170 -26.11 -22.80 12.85
N TYR C 171 -25.50 -22.31 13.94
CA TYR C 171 -24.03 -22.13 14.08
C TYR C 171 -23.40 -23.43 14.55
N GLU C 172 -22.49 -23.99 13.74
CA GLU C 172 -21.77 -25.25 14.01
C GLU C 172 -20.29 -24.92 14.29
N ASN C 173 -19.82 -25.22 15.51
CA ASN C 173 -18.44 -24.96 15.99
C ASN C 173 -18.05 -23.51 15.72
N VAL C 174 -18.95 -22.59 16.04
CA VAL C 174 -18.63 -21.16 16.29
C VAL C 174 -18.20 -21.04 17.76
N GLU C 175 -17.04 -20.43 18.01
CA GLU C 175 -16.55 -20.12 19.37
C GLU C 175 -17.13 -18.77 19.78
N PHE C 176 -17.63 -18.68 21.02
CA PHE C 176 -18.28 -17.45 21.55
C PHE C 176 -17.19 -16.47 22.01
N GLU C 177 -16.65 -15.73 21.04
CA GLU C 177 -15.80 -14.52 21.21
C GLU C 177 -16.38 -13.42 20.33
N THR C 178 -17.07 -12.46 20.95
CA THR C 178 -17.88 -11.42 20.27
C THR C 178 -16.96 -10.36 19.71
N THR C 179 -17.52 -9.36 19.03
CA THR C 179 -16.88 -8.05 18.73
C THR C 179 -17.10 -7.10 19.92
N SER C 180 -16.81 -5.81 19.75
CA SER C 180 -17.03 -4.72 20.73
C SER C 180 -18.26 -3.87 20.33
N PHE C 181 -19.11 -3.55 21.31
CA PHE C 181 -20.33 -2.72 21.13
C PHE C 181 -20.35 -1.57 22.14
N THR C 182 -20.73 -0.39 21.66
CA THR C 182 -20.70 0.91 22.39
C THR C 182 -22.13 1.42 22.59
N PHE C 183 -22.48 1.77 23.81
CA PHE C 183 -23.78 2.40 24.14
C PHE C 183 -23.56 3.39 25.29
N SER C 184 -24.55 4.24 25.53
CA SER C 184 -24.61 5.13 26.71
C SER C 184 -25.91 4.87 27.47
N TYR C 185 -25.96 5.25 28.74
CA TYR C 185 -27.18 5.21 29.60
C TYR C 185 -27.18 6.43 30.54
N ILE C 186 -28.36 6.85 30.98
CA ILE C 186 -28.57 8.11 31.75
C ILE C 186 -28.22 7.85 33.22
N ALA C 187 -27.31 8.65 33.79
CA ALA C 187 -26.80 8.50 35.18
C ALA C 187 -27.89 8.91 36.20
N GLN C 188 -27.89 8.25 37.37
CA GLN C 188 -28.85 8.52 38.47
C GLN C 188 -28.40 9.79 39.21
N GLN C 189 -27.11 10.13 39.12
CA GLN C 189 -26.49 11.34 39.75
C GLN C 189 -25.38 11.88 38.84
N ASP D 6 -2.57 -44.30 -8.72
CA ASP D 6 -3.82 -43.45 -8.75
C ASP D 6 -3.78 -42.46 -7.55
N THR D 7 -3.40 -42.94 -6.37
CA THR D 7 -3.11 -42.16 -5.13
C THR D 7 -2.50 -40.78 -5.47
N ARG D 8 -3.18 -39.69 -5.12
CA ARG D 8 -2.73 -38.28 -5.29
C ARG D 8 -1.80 -37.87 -4.15
N THR D 9 -1.24 -36.67 -4.20
CA THR D 9 -0.46 -36.07 -3.09
C THR D 9 -0.76 -34.58 -3.03
N LEU D 10 -1.16 -34.12 -1.86
CA LEU D 10 -1.58 -32.70 -1.56
C LEU D 10 -0.58 -32.15 -0.58
N TRP D 11 0.36 -31.31 -1.00
CA TRP D 11 1.73 -31.19 -0.41
C TRP D 11 2.18 -29.73 -0.42
N THR D 12 3.07 -29.39 0.51
CA THR D 12 3.90 -28.17 0.47
C THR D 12 5.06 -28.43 -0.50
N THR D 13 5.39 -27.47 -1.35
CA THR D 13 6.52 -27.53 -2.29
C THR D 13 7.81 -27.33 -1.49
N PRO D 14 8.60 -28.39 -1.23
CA PRO D 14 9.61 -28.39 -0.16
C PRO D 14 10.87 -27.55 -0.45
N ASP D 15 10.70 -26.34 -0.98
CA ASP D 15 11.77 -25.49 -1.58
C ASP D 15 12.43 -24.54 -0.56
N THR D 16 11.90 -24.47 0.67
CA THR D 16 12.51 -23.82 1.89
C THR D 16 12.49 -22.27 1.78
N SER D 17 11.68 -21.75 0.88
CA SER D 17 11.08 -20.41 0.98
C SER D 17 9.97 -20.46 2.02
N PRO D 18 10.07 -19.69 3.12
CA PRO D 18 9.01 -19.63 4.13
C PRO D 18 7.59 -19.41 3.56
N ASN D 19 6.63 -20.18 4.04
CA ASN D 19 5.18 -20.12 3.67
C ASN D 19 4.29 -20.19 4.93
N CYS D 20 4.75 -19.67 6.06
CA CYS D 20 4.17 -19.95 7.38
C CYS D 20 4.35 -18.80 8.36
N THR D 21 3.25 -18.27 8.92
CA THR D 21 3.30 -17.14 9.90
C THR D 21 2.89 -17.65 11.28
N ILE D 22 3.86 -17.76 12.18
CA ILE D 22 3.60 -18.09 13.61
C ILE D 22 3.31 -16.78 14.34
N ALA D 23 4.27 -15.86 14.29
CA ALA D 23 4.37 -14.63 15.10
C ALA D 23 4.47 -13.41 14.19
N GLN D 24 5.47 -13.41 13.31
CA GLN D 24 5.73 -12.39 12.26
C GLN D 24 5.38 -12.99 10.90
N ASP D 25 5.26 -12.15 9.86
CA ASP D 25 4.74 -12.52 8.51
C ASP D 25 5.79 -13.40 7.79
N LYS D 26 5.66 -14.69 7.89
CA LYS D 26 6.44 -15.66 7.10
C LYS D 26 7.86 -15.70 7.69
N ASP D 27 7.96 -16.19 8.93
CA ASP D 27 9.21 -16.33 9.71
C ASP D 27 9.60 -17.80 9.68
N SER D 28 8.80 -18.60 8.99
CA SER D 28 8.64 -20.06 9.20
C SER D 28 8.26 -20.75 7.90
N LYS D 29 8.95 -21.83 7.59
CA LYS D 29 8.63 -22.75 6.47
C LYS D 29 8.18 -24.08 7.07
N LEU D 30 6.97 -24.53 6.71
CA LEU D 30 6.42 -25.87 7.13
C LEU D 30 6.49 -26.85 5.97
N THR D 31 7.34 -27.85 6.05
CA THR D 31 7.42 -28.95 5.06
C THR D 31 6.58 -30.09 5.61
N LEU D 32 5.32 -30.10 5.22
CA LEU D 32 4.35 -31.18 5.40
C LEU D 32 4.08 -31.77 4.03
N VAL D 33 3.98 -33.11 3.97
CA VAL D 33 3.44 -33.92 2.83
C VAL D 33 2.36 -34.84 3.40
N LEU D 34 1.19 -34.95 2.71
CA LEU D 34 0.13 -35.92 2.95
C LEU D 34 -0.01 -36.79 1.69
N THR D 35 -0.14 -38.09 1.87
CA THR D 35 -0.12 -39.12 0.80
C THR D 35 -1.28 -40.05 1.05
N LYS D 36 -2.23 -40.14 0.11
CA LYS D 36 -3.51 -40.89 0.32
C LYS D 36 -3.28 -42.36 -0.02
N CYS D 37 -3.70 -43.27 0.85
CA CYS D 37 -3.59 -44.73 0.70
C CYS D 37 -4.95 -45.40 0.96
N GLY D 38 -6.04 -44.73 0.57
CA GLY D 38 -7.43 -45.22 0.72
C GLY D 38 -8.10 -44.65 1.95
N SER D 39 -8.13 -45.43 3.03
CA SER D 39 -8.80 -45.12 4.32
C SER D 39 -7.75 -44.79 5.39
N GLN D 40 -6.57 -44.38 4.96
CA GLN D 40 -5.44 -43.97 5.82
C GLN D 40 -4.57 -43.03 5.02
N ILE D 41 -3.85 -42.12 5.72
CA ILE D 41 -3.14 -40.95 5.14
C ILE D 41 -1.73 -40.89 5.77
N LEU D 42 -0.70 -41.35 5.06
CA LEU D 42 0.70 -41.24 5.54
C LEU D 42 0.93 -39.77 5.92
N ALA D 43 2.07 -39.38 6.61
CA ALA D 43 2.43 -37.97 6.84
C ALA D 43 3.85 -37.76 7.48
N ASN D 44 4.57 -36.79 6.92
CA ASN D 44 6.03 -36.50 7.11
C ASN D 44 6.26 -35.03 7.49
N VAL D 45 6.20 -34.65 8.78
CA VAL D 45 6.08 -33.21 9.10
C VAL D 45 7.43 -32.62 9.59
N SER D 46 7.88 -31.62 8.88
CA SER D 46 9.16 -30.95 9.11
C SER D 46 8.84 -29.45 9.12
N LEU D 47 9.73 -28.64 9.70
CA LEU D 47 9.51 -27.18 10.01
C LEU D 47 10.84 -26.48 10.18
N ILE D 48 10.99 -25.34 9.48
CA ILE D 48 12.06 -24.33 9.69
C ILE D 48 11.44 -23.00 10.15
N VAL D 49 11.84 -22.49 11.33
CA VAL D 49 11.72 -21.06 11.72
C VAL D 49 12.99 -20.37 11.22
N VAL D 50 12.86 -19.30 10.41
CA VAL D 50 13.99 -18.56 9.80
C VAL D 50 13.86 -17.06 10.07
N ALA D 51 13.11 -16.66 11.08
CA ALA D 51 13.11 -15.29 11.62
C ALA D 51 12.37 -15.22 12.96
N GLY D 52 12.45 -14.07 13.63
CA GLY D 52 11.48 -13.64 14.66
C GLY D 52 11.88 -14.15 16.03
N LYS D 53 10.88 -14.55 16.81
CA LYS D 53 10.92 -14.90 18.26
C LYS D 53 11.33 -16.36 18.44
N TYR D 54 11.01 -17.21 17.46
CA TYR D 54 11.06 -18.68 17.60
C TYR D 54 12.21 -19.19 16.71
N HIS D 55 12.98 -18.28 16.15
CA HIS D 55 14.19 -18.59 15.33
C HIS D 55 15.37 -19.11 16.19
N ILE D 56 16.00 -18.25 16.98
CA ILE D 56 17.04 -18.63 17.98
C ILE D 56 16.40 -18.63 19.35
N ILE D 57 16.52 -19.77 20.06
CA ILE D 57 15.87 -20.07 21.36
C ILE D 57 16.93 -20.05 22.47
N ASN D 58 16.82 -19.11 23.41
CA ASN D 58 17.65 -19.02 24.64
C ASN D 58 16.72 -18.85 25.85
N ASN D 59 16.43 -19.96 26.54
CA ASN D 59 15.40 -20.07 27.62
C ASN D 59 16.04 -19.65 28.98
N LYS D 60 17.15 -18.90 28.96
CA LYS D 60 17.74 -18.18 30.13
C LYS D 60 17.16 -16.76 30.18
N ASN D 61 17.27 -16.01 29.07
CA ASN D 61 16.72 -14.63 28.94
C ASN D 61 15.18 -14.69 28.98
N ASN D 62 14.62 -15.77 28.43
CA ASN D 62 13.18 -15.93 28.12
C ASN D 62 12.72 -17.30 28.58
N PRO D 63 12.76 -17.57 29.91
CA PRO D 63 12.40 -18.88 30.43
C PRO D 63 10.91 -19.22 30.42
N GLU D 64 10.04 -18.30 29.97
CA GLU D 64 8.57 -18.54 29.86
C GLU D 64 8.21 -18.90 28.41
N ILE D 65 9.20 -18.92 27.52
CA ILE D 65 9.05 -19.26 26.08
C ILE D 65 9.51 -20.71 25.87
N LYS D 66 8.57 -21.65 25.85
CA LYS D 66 8.83 -23.04 25.44
C LYS D 66 7.53 -23.64 24.90
N SER D 67 6.91 -23.03 23.88
CA SER D 67 5.70 -23.54 23.20
C SER D 67 5.17 -22.53 22.17
N PHE D 68 4.94 -22.97 20.93
CA PHE D 68 4.11 -22.29 19.88
C PHE D 68 3.17 -23.32 19.22
N THR D 69 2.55 -22.97 18.08
CA THR D 69 1.34 -23.64 17.49
C THR D 69 1.30 -23.44 15.98
N ILE D 70 0.93 -24.49 15.22
CA ILE D 70 0.55 -24.32 13.78
C ILE D 70 -0.82 -25.01 13.60
N LYS D 71 -1.83 -24.27 13.10
CA LYS D 71 -3.21 -24.76 12.84
C LYS D 71 -3.46 -24.81 11.33
N LEU D 72 -3.96 -25.92 10.81
CA LEU D 72 -4.47 -25.94 9.39
C LEU D 72 -5.97 -26.23 9.46
N LEU D 73 -6.79 -25.31 8.98
CA LEU D 73 -8.25 -25.29 9.12
C LEU D 73 -8.85 -25.35 7.71
N PHE D 74 -9.85 -26.21 7.49
CA PHE D 74 -10.50 -26.43 6.18
C PHE D 74 -12.02 -26.29 6.35
N ASP D 75 -12.72 -25.87 5.29
CA ASP D 75 -14.20 -25.78 5.24
C ASP D 75 -14.77 -27.14 4.78
N LYS D 76 -16.03 -27.17 4.31
CA LYS D 76 -16.84 -28.42 4.13
C LYS D 76 -16.36 -29.22 2.91
N ASN D 77 -15.58 -28.61 2.02
CA ASN D 77 -15.01 -29.24 0.79
C ASN D 77 -13.50 -29.46 0.99
N GLY D 78 -12.98 -29.10 2.16
CA GLY D 78 -11.61 -29.42 2.60
C GLY D 78 -10.60 -28.47 2.02
N VAL D 79 -11.03 -27.25 1.64
CA VAL D 79 -10.16 -26.16 1.09
C VAL D 79 -9.64 -25.32 2.25
N LEU D 80 -8.39 -24.86 2.18
CA LEU D 80 -7.67 -24.21 3.29
C LEU D 80 -8.30 -22.85 3.53
N LEU D 81 -8.88 -22.63 4.72
CA LEU D 81 -9.29 -21.28 5.18
C LEU D 81 -8.03 -20.41 5.35
N ASP D 82 -8.12 -19.13 4.98
CA ASP D 82 -6.99 -18.19 4.87
C ASP D 82 -6.75 -17.47 6.20
N ASN D 83 -7.20 -18.04 7.33
CA ASN D 83 -6.84 -17.65 8.72
C ASN D 83 -5.94 -18.75 9.33
N SER D 84 -5.63 -19.78 8.54
CA SER D 84 -4.58 -20.81 8.80
C SER D 84 -3.21 -20.16 8.90
N ASN D 85 -2.38 -20.57 9.84
CA ASN D 85 -0.93 -20.17 9.81
C ASN D 85 -0.39 -20.44 8.39
N LEU D 86 -0.59 -21.67 7.85
CA LEU D 86 -0.15 -21.99 6.46
C LEU D 86 -0.82 -21.02 5.49
N GLY D 87 -0.07 -20.54 4.48
CA GLY D 87 -0.51 -19.68 3.37
C GLY D 87 -1.13 -20.52 2.25
N LYS D 88 -2.17 -20.00 1.59
CA LYS D 88 -3.22 -20.75 0.89
C LYS D 88 -2.69 -21.12 -0.50
N THR D 89 -1.72 -20.35 -0.99
CA THR D 89 -1.18 -20.31 -2.39
C THR D 89 0.08 -21.20 -2.54
N TYR D 90 0.57 -21.81 -1.44
CA TYR D 90 1.67 -22.83 -1.38
C TYR D 90 1.08 -24.24 -1.16
N TRP D 91 -0.21 -24.30 -0.82
CA TRP D 91 -1.03 -25.53 -0.65
C TRP D 91 -1.71 -25.95 -1.96
N ASN D 92 -1.33 -27.11 -2.52
CA ASN D 92 -2.05 -27.75 -3.66
C ASN D 92 -1.41 -29.12 -3.96
N PHE D 93 -2.25 -30.04 -4.51
CA PHE D 93 -1.87 -31.39 -5.06
C PHE D 93 -0.62 -31.33 -5.92
N ARG D 94 0.25 -32.34 -5.83
CA ARG D 94 1.46 -32.48 -6.70
C ARG D 94 1.04 -33.16 -8.01
N SER D 95 1.37 -32.57 -9.15
CA SER D 95 1.24 -33.22 -10.49
C SER D 95 2.50 -32.97 -11.33
N GLY D 96 3.56 -33.73 -11.06
CA GLY D 96 4.94 -33.38 -11.48
C GLY D 96 5.60 -32.42 -10.49
N ASP D 97 6.58 -31.64 -10.94
CA ASP D 97 7.35 -30.72 -10.06
C ASP D 97 6.50 -29.46 -9.82
N SER D 98 5.67 -29.12 -10.82
CA SER D 98 4.62 -28.06 -10.78
C SER D 98 3.36 -28.63 -10.12
N ASN D 99 2.41 -27.77 -9.76
CA ASN D 99 1.16 -28.14 -9.04
C ASN D 99 -0.06 -27.71 -9.88
N VAL D 100 -0.05 -28.02 -11.19
CA VAL D 100 -1.19 -27.94 -12.17
C VAL D 100 -1.65 -26.48 -12.41
N SER D 101 -1.17 -25.53 -11.60
CA SER D 101 -1.28 -24.05 -11.85
C SER D 101 -2.74 -23.57 -11.78
N THR D 102 -3.59 -24.26 -11.03
CA THR D 102 -5.03 -23.90 -10.82
C THR D 102 -5.38 -24.08 -9.33
N ALA D 103 -6.44 -23.39 -8.86
CA ALA D 103 -7.00 -23.51 -7.51
C ALA D 103 -7.74 -24.84 -7.37
N TYR D 104 -7.34 -25.68 -6.41
CA TYR D 104 -8.06 -26.90 -5.98
C TYR D 104 -9.36 -26.50 -5.25
N GLU D 105 -10.32 -27.41 -5.23
CA GLU D 105 -11.70 -27.20 -4.68
C GLU D 105 -12.16 -28.47 -3.95
N LYS D 106 -11.74 -29.65 -4.44
CA LYS D 106 -12.03 -30.97 -3.82
C LYS D 106 -10.76 -31.50 -3.15
N ALA D 107 -10.83 -31.76 -1.84
CA ALA D 107 -9.80 -32.48 -1.05
C ALA D 107 -10.45 -33.38 0.03
N ILE D 108 -11.77 -33.60 -0.04
CA ILE D 108 -12.48 -34.58 0.85
C ILE D 108 -11.83 -35.94 0.64
N GLY D 109 -11.15 -36.45 1.67
CA GLY D 109 -10.48 -37.77 1.66
C GLY D 109 -9.05 -37.65 2.07
N PHE D 110 -8.60 -36.43 2.29
CA PHE D 110 -7.36 -36.11 3.04
C PHE D 110 -7.76 -35.50 4.39
N MET D 111 -9.06 -35.36 4.64
CA MET D 111 -9.66 -34.71 5.84
C MET D 111 -9.89 -35.74 6.94
N PRO D 112 -9.14 -35.68 8.08
CA PRO D 112 -9.34 -36.62 9.17
C PRO D 112 -10.82 -36.94 9.43
N ASN D 113 -11.23 -38.22 9.31
CA ASN D 113 -12.64 -38.68 9.50
C ASN D 113 -13.27 -37.94 10.69
N LEU D 114 -14.45 -37.36 10.47
CA LEU D 114 -15.20 -36.53 11.44
C LEU D 114 -15.86 -37.41 12.51
N VAL D 115 -15.85 -38.73 12.33
CA VAL D 115 -16.45 -39.74 13.27
C VAL D 115 -15.34 -40.27 14.17
N ALA D 116 -14.28 -40.81 13.57
CA ALA D 116 -13.03 -41.26 14.25
C ALA D 116 -12.47 -40.06 15.05
N TYR D 117 -12.66 -38.86 14.52
CA TYR D 117 -12.23 -37.56 15.10
C TYR D 117 -13.39 -36.58 15.01
N PRO D 118 -14.31 -36.56 15.99
CA PRO D 118 -15.35 -35.52 16.05
C PRO D 118 -14.74 -34.20 16.55
N LYS D 119 -15.39 -33.08 16.25
CA LYS D 119 -14.96 -31.70 16.61
C LYS D 119 -15.90 -31.15 17.69
N PRO D 120 -15.93 -31.77 18.89
CA PRO D 120 -17.05 -31.59 19.80
C PRO D 120 -17.13 -30.22 20.47
N SER D 121 -18.27 -30.01 21.14
CA SER D 121 -18.55 -28.97 22.17
C SER D 121 -18.23 -29.53 23.56
N ASN D 122 -18.54 -28.77 24.61
CA ASN D 122 -18.20 -29.07 26.03
C ASN D 122 -16.86 -29.84 26.06
N SER D 123 -16.82 -31.08 26.56
CA SER D 123 -15.57 -31.86 26.72
C SER D 123 -15.84 -33.33 27.12
N LYS D 124 -16.67 -34.04 26.35
CA LYS D 124 -16.74 -35.53 26.39
C LYS D 124 -15.75 -36.09 25.36
N LYS D 125 -14.44 -36.06 25.66
CA LYS D 125 -13.38 -36.13 24.62
C LYS D 125 -12.46 -37.33 24.88
N TYR D 126 -12.49 -38.31 23.96
CA TYR D 126 -11.53 -39.44 23.88
C TYR D 126 -10.30 -38.96 23.09
N ALA D 127 -9.11 -39.23 23.62
CA ALA D 127 -7.85 -38.66 23.11
C ALA D 127 -7.31 -39.50 21.96
N ARG D 128 -8.14 -39.83 20.96
CA ARG D 128 -7.67 -40.53 19.72
C ARG D 128 -7.33 -39.46 18.70
N ASP D 129 -7.91 -38.26 18.84
CA ASP D 129 -7.59 -37.03 18.06
C ASP D 129 -6.09 -36.80 18.04
N ILE D 130 -5.37 -37.19 19.10
CA ILE D 130 -3.94 -36.76 19.28
C ILE D 130 -2.95 -37.88 18.87
N VAL D 131 -1.93 -37.53 18.13
CA VAL D 131 -0.71 -38.34 17.80
C VAL D 131 0.55 -37.61 18.32
N TYR D 132 1.11 -37.96 19.46
CA TYR D 132 2.36 -37.33 20.01
C TYR D 132 3.57 -37.74 19.13
N GLY D 133 4.33 -36.77 18.62
CA GLY D 133 5.63 -36.98 17.94
C GLY D 133 6.79 -36.34 18.73
N THR D 134 8.04 -36.65 18.33
CA THR D 134 9.34 -36.33 19.02
C THR D 134 10.37 -36.04 17.92
N ILE D 135 10.56 -34.81 17.51
CA ILE D 135 11.64 -34.42 16.56
C ILE D 135 13.01 -34.10 17.34
N TYR D 136 13.93 -33.46 16.70
CA TYR D 136 15.22 -33.13 17.29
C TYR D 136 15.68 -32.00 16.51
N LEU D 137 16.05 -30.87 17.21
CA LEU D 137 16.44 -29.64 16.52
C LEU D 137 17.96 -29.68 16.28
N GLY D 138 18.35 -29.15 15.18
CA GLY D 138 19.61 -29.41 14.52
C GLY D 138 19.76 -30.77 13.93
N GLY D 139 19.48 -31.76 14.65
CA GLY D 139 19.82 -33.18 14.37
C GLY D 139 20.21 -33.88 15.65
N LYS D 140 20.58 -33.09 16.67
CA LYS D 140 21.21 -33.50 17.95
C LYS D 140 20.19 -34.26 18.79
N PRO D 141 20.50 -35.50 19.22
CA PRO D 141 19.59 -36.27 20.05
C PRO D 141 19.30 -35.60 21.41
N ASP D 142 20.36 -35.14 22.09
CA ASP D 142 20.25 -34.44 23.40
C ASP D 142 19.07 -33.43 23.38
N GLN D 143 18.93 -32.67 22.28
CA GLN D 143 18.06 -31.48 22.14
C GLN D 143 16.71 -31.80 21.47
N PRO D 144 15.85 -32.70 21.93
CA PRO D 144 14.60 -32.91 21.22
C PRO D 144 13.57 -31.76 21.29
N ALA D 145 12.35 -32.07 20.80
CA ALA D 145 11.07 -31.37 21.09
C ALA D 145 9.92 -32.26 20.56
N VAL D 146 8.69 -31.87 20.87
CA VAL D 146 7.46 -32.69 20.65
C VAL D 146 6.56 -31.92 19.68
N ILE D 147 6.08 -32.60 18.63
CA ILE D 147 4.92 -32.15 17.80
C ILE D 147 3.69 -32.94 18.23
N LYS D 148 2.95 -32.39 19.22
CA LYS D 148 1.55 -32.79 19.54
C LYS D 148 0.68 -32.44 18.32
N THR D 149 -0.15 -33.30 17.89
CA THR D 149 -0.90 -33.18 16.64
C THR D 149 -2.35 -33.54 16.90
N THR D 150 -3.26 -32.64 16.73
CA THR D 150 -4.75 -32.96 16.97
C THR D 150 -5.44 -32.75 15.61
N PHE D 151 -6.56 -33.40 15.37
CA PHE D 151 -7.43 -33.16 14.18
C PHE D 151 -8.83 -32.73 14.66
N ASN D 152 -9.41 -31.75 14.03
CA ASN D 152 -10.85 -31.40 14.11
C ASN D 152 -11.18 -30.80 15.50
N GLN D 153 -10.14 -30.42 16.25
CA GLN D 153 -10.30 -29.83 17.60
C GLN D 153 -10.09 -28.32 17.50
N GLU D 154 -10.48 -27.71 16.36
CA GLU D 154 -10.43 -26.25 16.10
C GLU D 154 -11.80 -25.76 15.64
N THR D 155 -12.10 -24.48 15.87
CA THR D 155 -13.46 -23.89 15.71
C THR D 155 -13.49 -23.01 14.47
N GLY D 156 -14.68 -22.79 13.90
CA GLY D 156 -14.89 -21.78 12.85
C GLY D 156 -14.63 -22.36 11.49
N CYS D 157 -14.59 -23.70 11.40
CA CYS D 157 -14.24 -24.49 10.17
C CYS D 157 -14.95 -25.84 10.20
N GLU D 158 -14.70 -26.72 9.21
CA GLU D 158 -15.29 -28.09 9.20
C GLU D 158 -14.27 -29.10 9.65
N TYR D 159 -13.07 -29.07 9.09
CA TYR D 159 -11.94 -29.92 9.54
C TYR D 159 -10.81 -29.02 10.04
N SER D 160 -9.87 -29.60 10.75
CA SER D 160 -8.64 -28.88 11.22
C SER D 160 -7.58 -29.93 11.59
N ILE D 161 -6.35 -29.66 11.27
CA ILE D 161 -5.17 -30.50 11.53
C ILE D 161 -4.23 -29.58 12.31
N THR D 162 -4.00 -29.82 13.57
CA THR D 162 -3.30 -28.69 14.35
C THR D 162 -2.00 -29.20 15.06
N PHE D 163 -0.96 -28.60 14.87
CA PHE D 163 0.34 -29.02 15.63
C PHE D 163 0.76 -27.87 16.60
N ASP D 164 0.83 -28.12 17.81
CA ASP D 164 1.61 -27.34 18.86
C ASP D 164 2.92 -28.08 19.17
N PHE D 165 4.05 -27.49 18.80
CA PHE D 165 5.41 -27.84 19.30
C PHE D 165 5.65 -27.17 20.66
N SER D 166 6.00 -27.99 21.66
CA SER D 166 6.51 -27.60 23.00
C SER D 166 7.93 -28.16 23.15
N TRP D 167 8.73 -27.57 24.04
CA TRP D 167 9.91 -28.20 24.67
C TRP D 167 9.84 -28.00 26.18
N SER D 168 10.64 -28.75 26.94
CA SER D 168 10.65 -28.78 28.42
C SER D 168 12.10 -28.71 28.91
N LYS D 169 12.97 -28.15 28.09
CA LYS D 169 14.43 -28.05 28.33
C LYS D 169 14.85 -26.59 28.22
N THR D 170 16.06 -26.31 28.71
CA THR D 170 16.72 -24.98 28.65
C THR D 170 17.77 -25.03 27.55
N TYR D 171 17.52 -24.31 26.46
CA TYR D 171 18.32 -24.28 25.21
C TYR D 171 18.85 -22.88 25.02
N GLU D 172 20.16 -22.75 24.80
CA GLU D 172 20.92 -21.48 24.88
C GLU D 172 21.60 -21.25 23.53
N ASN D 173 21.01 -20.36 22.73
CA ASN D 173 21.34 -20.13 21.29
C ASN D 173 21.11 -21.44 20.53
N VAL D 174 19.84 -21.75 20.24
CA VAL D 174 19.42 -22.95 19.45
C VAL D 174 18.35 -22.55 18.41
N GLU D 175 18.69 -22.68 17.12
CA GLU D 175 17.81 -22.52 15.93
C GLU D 175 16.79 -23.66 15.88
N PHE D 176 15.58 -23.42 15.33
CA PHE D 176 14.44 -24.38 15.40
C PHE D 176 14.16 -25.01 14.02
N GLU D 177 15.20 -25.56 13.40
CA GLU D 177 15.12 -26.40 12.17
C GLU D 177 15.14 -27.82 12.64
N THR D 178 13.99 -28.56 12.48
CA THR D 178 13.67 -29.92 13.01
C THR D 178 14.14 -31.03 12.04
N THR D 179 13.96 -32.28 12.40
CA THR D 179 14.17 -33.61 11.76
C THR D 179 12.85 -34.37 11.37
N SER D 180 12.71 -34.81 10.11
CA SER D 180 11.41 -35.04 9.46
C SER D 180 10.70 -35.95 10.39
N PHE D 181 9.37 -35.96 10.46
CA PHE D 181 8.69 -37.04 11.27
C PHE D 181 7.50 -37.58 10.43
N THR D 182 6.81 -38.61 10.84
CA THR D 182 5.77 -39.26 10.08
C THR D 182 4.69 -39.61 11.07
N PHE D 183 3.42 -39.41 10.69
CA PHE D 183 2.25 -39.92 11.50
C PHE D 183 1.15 -40.23 10.48
N SER D 184 0.15 -40.93 10.83
CA SER D 184 -0.88 -41.37 9.85
C SER D 184 -2.25 -41.38 10.52
N TYR D 185 -3.32 -41.11 9.75
CA TYR D 185 -4.68 -40.80 10.33
C TYR D 185 -5.81 -41.27 9.38
N ILE D 186 -7.02 -41.41 9.91
CA ILE D 186 -8.16 -42.16 9.28
C ILE D 186 -9.03 -41.19 8.45
N ALA D 187 -9.19 -41.48 7.17
CA ALA D 187 -9.77 -40.60 6.13
C ALA D 187 -11.29 -40.58 6.21
N GLN D 188 -11.90 -39.46 5.80
CA GLN D 188 -13.36 -39.22 5.89
C GLN D 188 -14.05 -39.99 4.76
N GLN D 189 -13.57 -39.83 3.52
CA GLN D 189 -13.92 -40.71 2.35
C GLN D 189 -12.64 -41.21 1.69
N LYS E 4 -3.51 -55.04 -12.94
CA LYS E 4 -2.82 -53.99 -13.77
C LYS E 4 -2.19 -52.89 -12.87
N HIS E 5 -1.86 -53.18 -11.61
CA HIS E 5 -1.40 -52.16 -10.63
C HIS E 5 0.10 -51.95 -10.81
N ASP E 6 0.66 -50.81 -10.40
CA ASP E 6 2.05 -50.77 -9.88
C ASP E 6 2.29 -49.60 -8.91
N THR E 7 2.01 -49.87 -7.63
CA THR E 7 2.75 -49.36 -6.45
C THR E 7 3.71 -50.49 -6.02
N ARG E 8 5.02 -50.31 -6.20
CA ARG E 8 6.00 -51.43 -6.15
C ARG E 8 6.93 -51.32 -4.92
N THR E 9 7.28 -52.48 -4.31
CA THR E 9 8.19 -52.58 -3.15
C THR E 9 9.60 -52.92 -3.64
N LEU E 10 10.64 -52.37 -2.98
CA LEU E 10 12.07 -52.55 -3.34
C LEU E 10 12.81 -52.90 -2.06
N TRP E 11 13.04 -54.21 -1.83
CA TRP E 11 13.36 -54.83 -0.51
C TRP E 11 14.63 -55.71 -0.60
N THR E 12 15.32 -55.86 0.54
CA THR E 12 16.15 -57.04 0.88
C THR E 12 15.22 -58.23 1.08
N THR E 13 15.69 -59.45 0.80
CA THR E 13 14.96 -60.71 1.13
C THR E 13 14.88 -60.85 2.65
N PRO E 14 13.74 -61.32 3.18
CA PRO E 14 13.52 -61.37 4.63
C PRO E 14 14.27 -62.49 5.36
N ASP E 15 14.47 -63.61 4.66
CA ASP E 15 15.22 -64.80 5.18
C ASP E 15 16.45 -64.32 5.97
N THR E 16 16.97 -65.19 6.84
CA THR E 16 18.15 -64.92 7.73
C THR E 16 19.42 -65.27 6.94
N SER E 17 19.74 -64.46 5.90
CA SER E 17 20.96 -64.57 5.07
C SER E 17 21.77 -63.26 5.10
N PRO E 18 23.01 -63.26 5.67
CA PRO E 18 23.84 -62.04 5.74
C PRO E 18 24.28 -61.42 4.40
N ASN E 19 23.77 -60.22 4.10
CA ASN E 19 24.00 -59.44 2.84
C ASN E 19 24.73 -58.12 3.16
N CYS E 20 25.01 -57.85 4.43
CA CYS E 20 25.52 -56.55 4.92
C CYS E 20 26.88 -56.73 5.61
N THR E 21 27.92 -56.14 5.04
CA THR E 21 29.26 -55.98 5.65
C THR E 21 29.30 -54.72 6.51
N ILE E 22 29.47 -54.87 7.82
CA ILE E 22 29.80 -53.72 8.72
C ILE E 22 31.31 -53.66 8.91
N ALA E 23 31.87 -54.59 9.66
CA ALA E 23 33.26 -54.58 10.18
C ALA E 23 34.13 -55.48 9.31
N GLN E 24 33.80 -56.79 9.32
CA GLN E 24 34.32 -57.85 8.41
C GLN E 24 33.24 -58.21 7.39
N ASP E 25 33.59 -59.03 6.39
CA ASP E 25 32.78 -59.28 5.17
C ASP E 25 31.48 -60.00 5.57
N LYS E 26 30.33 -59.46 5.14
CA LYS E 26 28.99 -60.07 5.37
C LYS E 26 28.88 -60.52 6.83
N ASP E 27 28.79 -59.55 7.76
CA ASP E 27 28.80 -59.79 9.23
C ASP E 27 27.51 -59.26 9.88
N SER E 28 26.43 -59.08 9.11
CA SER E 28 25.08 -58.72 9.61
C SER E 28 24.01 -58.96 8.54
N LYS E 29 22.75 -58.62 8.87
CA LYS E 29 21.58 -58.72 7.94
C LYS E 29 20.73 -57.46 8.09
N LEU E 30 20.78 -56.58 7.10
CA LEU E 30 19.94 -55.37 7.06
C LEU E 30 18.61 -55.64 6.34
N THR E 31 17.53 -55.55 7.10
CA THR E 31 16.15 -55.91 6.68
C THR E 31 15.39 -54.63 6.36
N LEU E 32 15.67 -54.01 5.20
CA LEU E 32 15.00 -52.80 4.68
C LEU E 32 14.03 -53.16 3.54
N VAL E 33 12.81 -52.61 3.58
CA VAL E 33 11.69 -52.90 2.65
C VAL E 33 10.94 -51.59 2.33
N LEU E 34 11.19 -51.01 1.15
CA LEU E 34 10.60 -49.71 0.68
C LEU E 34 9.43 -49.98 -0.28
N THR E 35 8.41 -49.10 -0.24
CA THR E 35 7.17 -49.10 -1.08
C THR E 35 6.76 -47.69 -1.49
N LYS E 36 6.42 -47.49 -2.74
CA LYS E 36 6.05 -46.17 -3.28
C LYS E 36 4.56 -45.90 -3.04
N CYS E 37 4.27 -45.11 -2.01
CA CYS E 37 2.95 -44.51 -1.66
C CYS E 37 2.87 -43.13 -2.28
N GLY E 38 2.29 -43.00 -3.46
CA GLY E 38 2.13 -41.71 -4.17
C GLY E 38 3.44 -40.96 -4.18
N SER E 39 3.50 -39.79 -3.51
CA SER E 39 4.66 -38.88 -3.51
C SER E 39 5.70 -39.29 -2.44
N GLN E 40 5.32 -40.23 -1.59
CA GLN E 40 6.05 -40.67 -0.36
C GLN E 40 6.36 -42.15 -0.44
N ILE E 41 7.56 -42.53 0.01
CA ILE E 41 7.97 -43.96 0.05
C ILE E 41 7.81 -44.42 1.49
N LEU E 42 6.97 -45.37 1.69
CA LEU E 42 6.82 -46.03 3.00
C LEU E 42 7.82 -47.18 3.10
N ALA E 43 8.61 -47.17 4.20
CA ALA E 43 10.00 -47.66 4.21
C ALA E 43 10.35 -48.12 5.62
N ASN E 44 10.47 -49.44 5.79
CA ASN E 44 10.57 -50.19 7.08
C ASN E 44 11.91 -50.97 7.09
N VAL E 45 12.62 -50.95 8.23
CA VAL E 45 14.05 -51.39 8.37
C VAL E 45 14.20 -52.25 9.64
N SER E 46 15.22 -53.13 9.67
CA SER E 46 15.77 -53.84 10.87
C SER E 46 17.16 -54.41 10.58
N LEU E 47 18.13 -54.20 11.48
CA LEU E 47 19.51 -54.76 11.43
C LEU E 47 19.61 -55.97 12.37
N ILE E 48 20.48 -56.95 12.03
CA ILE E 48 20.91 -58.06 12.92
C ILE E 48 22.40 -58.35 12.64
N VAL E 49 23.27 -58.22 13.65
CA VAL E 49 24.76 -58.41 13.52
C VAL E 49 25.13 -59.79 14.07
N VAL E 50 25.55 -60.72 13.18
CA VAL E 50 25.65 -62.19 13.46
C VAL E 50 27.10 -62.57 13.80
N ALA E 51 28.08 -61.85 13.25
CA ALA E 51 29.51 -62.07 13.53
C ALA E 51 30.28 -60.76 13.39
N GLY E 52 31.52 -60.73 13.86
CA GLY E 52 32.45 -59.59 13.75
C GLY E 52 32.55 -58.81 15.05
N LYS E 53 33.16 -57.63 14.99
CA LYS E 53 33.46 -56.75 16.16
C LYS E 53 32.15 -56.35 16.83
N TYR E 54 31.12 -56.06 16.03
CA TYR E 54 29.84 -55.44 16.46
C TYR E 54 28.78 -56.52 16.77
N HIS E 55 29.20 -57.76 17.04
CA HIS E 55 28.30 -58.90 17.36
C HIS E 55 28.01 -58.92 18.86
N ILE E 56 29.06 -58.97 19.68
CA ILE E 56 28.96 -59.05 21.17
C ILE E 56 29.45 -57.73 21.76
N ILE E 57 28.54 -56.99 22.39
CA ILE E 57 28.77 -55.62 22.92
C ILE E 57 29.17 -55.72 24.40
N ASN E 58 30.44 -55.52 24.70
CA ASN E 58 30.97 -55.38 26.08
C ASN E 58 31.77 -54.08 26.18
N ASN E 59 31.20 -53.05 26.81
CA ASN E 59 31.87 -51.77 27.13
C ASN E 59 32.29 -51.77 28.61
N LYS E 60 32.85 -52.89 29.08
CA LYS E 60 33.81 -52.93 30.22
C LYS E 60 35.22 -53.11 29.65
N ASN E 61 35.34 -53.87 28.54
CA ASN E 61 36.63 -54.16 27.84
C ASN E 61 36.83 -53.18 26.67
N ASN E 62 35.74 -52.75 26.03
CA ASN E 62 35.75 -52.06 24.71
C ASN E 62 34.93 -50.78 24.79
N PRO E 63 35.15 -49.94 25.83
CA PRO E 63 34.28 -48.79 26.11
C PRO E 63 34.44 -47.66 25.08
N GLU E 64 35.61 -47.58 24.46
CA GLU E 64 35.94 -46.64 23.35
C GLU E 64 34.95 -46.83 22.18
N ILE E 65 34.58 -48.09 21.85
CA ILE E 65 33.64 -48.43 20.73
C ILE E 65 32.22 -48.08 21.19
N LYS E 66 31.52 -47.23 20.43
CA LYS E 66 30.21 -46.63 20.85
C LYS E 66 29.24 -46.49 19.67
N SER E 67 29.68 -46.73 18.42
CA SER E 67 28.85 -46.57 17.20
C SER E 67 29.45 -47.35 16.03
N PHE E 68 28.75 -47.31 14.89
CA PHE E 68 29.24 -47.66 13.53
C PHE E 68 28.30 -46.99 12.52
N THR E 69 28.13 -47.53 11.31
CA THR E 69 27.35 -46.88 10.23
C THR E 69 27.24 -47.77 8.97
N ILE E 70 26.07 -47.67 8.30
CA ILE E 70 25.73 -48.37 7.02
C ILE E 70 25.32 -47.33 5.98
N LYS E 71 25.77 -47.48 4.73
CA LYS E 71 25.61 -46.47 3.64
C LYS E 71 25.19 -47.15 2.32
N LEU E 72 23.93 -46.95 1.90
CA LEU E 72 23.40 -47.27 0.54
C LEU E 72 23.46 -46.04 -0.35
N LEU E 73 24.27 -46.11 -1.42
CA LEU E 73 24.49 -45.06 -2.44
C LEU E 73 23.78 -45.46 -3.74
N PHE E 74 23.35 -44.48 -4.55
CA PHE E 74 22.68 -44.76 -5.86
C PHE E 74 23.08 -43.73 -6.89
N ASP E 75 22.92 -44.06 -8.17
CA ASP E 75 23.36 -43.15 -9.28
C ASP E 75 22.15 -42.38 -9.84
N LYS E 76 22.41 -41.55 -10.88
CA LYS E 76 21.42 -40.89 -11.78
C LYS E 76 20.37 -41.88 -12.29
N ASN E 77 20.51 -43.17 -11.96
CA ASN E 77 19.49 -44.23 -12.23
C ASN E 77 18.89 -44.72 -10.94
N GLY E 78 19.58 -44.50 -9.81
CA GLY E 78 19.14 -44.96 -8.49
C GLY E 78 19.45 -46.43 -8.30
N VAL E 79 20.49 -46.94 -8.96
CA VAL E 79 20.89 -48.38 -8.92
C VAL E 79 22.11 -48.53 -7.99
N LEU E 80 21.89 -49.13 -6.82
CA LEU E 80 22.91 -49.23 -5.73
C LEU E 80 24.31 -49.30 -6.35
N LEU E 81 25.29 -48.67 -5.69
CA LEU E 81 26.74 -48.77 -6.05
C LEU E 81 27.35 -49.89 -5.22
N ASP E 82 28.35 -50.60 -5.76
CA ASP E 82 28.92 -51.84 -5.15
C ASP E 82 29.71 -51.50 -3.87
N ASN E 83 30.17 -50.25 -3.73
CA ASN E 83 31.00 -49.79 -2.57
C ASN E 83 30.12 -49.49 -1.35
N SER E 84 28.80 -49.68 -1.47
CA SER E 84 27.84 -49.77 -0.31
C SER E 84 28.13 -51.00 0.54
N ASN E 85 27.62 -51.02 1.77
CA ASN E 85 27.83 -52.12 2.76
C ASN E 85 26.98 -53.32 2.37
N LEU E 86 25.89 -53.05 1.65
CA LEU E 86 24.86 -54.01 1.18
C LEU E 86 25.35 -54.73 -0.09
N GLY E 87 25.08 -56.04 -0.22
CA GLY E 87 25.26 -56.79 -1.48
C GLY E 87 24.33 -56.26 -2.59
N LYS E 88 24.80 -56.27 -3.83
CA LYS E 88 24.09 -55.63 -4.97
C LYS E 88 23.04 -56.59 -5.53
N THR E 89 23.05 -57.85 -5.05
CA THR E 89 22.19 -58.96 -5.54
C THR E 89 20.95 -59.10 -4.64
N TYR E 90 21.13 -58.97 -3.33
CA TYR E 90 20.10 -59.26 -2.29
C TYR E 90 19.05 -58.15 -2.27
N TRP E 91 19.26 -57.14 -3.11
CA TRP E 91 18.49 -55.87 -3.11
C TRP E 91 17.94 -55.59 -4.52
N ASN E 92 16.73 -56.09 -4.83
CA ASN E 92 15.96 -55.69 -6.04
C ASN E 92 14.47 -55.57 -5.68
N PHE E 93 13.63 -55.02 -6.60
CA PHE E 93 12.14 -55.16 -6.63
C PHE E 93 11.79 -56.57 -6.16
N ARG E 94 10.61 -56.78 -5.57
CA ARG E 94 10.11 -58.12 -5.13
C ARG E 94 9.12 -58.62 -6.18
N SER E 95 8.71 -59.91 -6.07
CA SER E 95 7.52 -60.51 -6.69
C SER E 95 7.23 -61.85 -6.01
N GLY E 96 6.15 -61.92 -5.23
CA GLY E 96 5.78 -63.09 -4.41
C GLY E 96 6.75 -63.27 -3.28
N ASP E 97 7.54 -64.35 -3.31
CA ASP E 97 8.69 -64.57 -2.39
C ASP E 97 9.97 -64.02 -3.03
N SER E 98 10.14 -64.27 -4.33
CA SER E 98 11.38 -64.00 -5.12
C SER E 98 11.45 -62.53 -5.53
N ASN E 99 12.66 -62.01 -5.76
CA ASN E 99 12.96 -60.62 -6.21
C ASN E 99 12.97 -60.58 -7.75
N VAL E 100 12.28 -61.54 -8.39
CA VAL E 100 12.01 -61.68 -9.86
C VAL E 100 13.25 -62.26 -10.59
N SER E 101 14.38 -62.41 -9.86
CA SER E 101 15.61 -63.15 -10.26
C SER E 101 16.38 -62.42 -11.39
N THR E 102 16.14 -61.11 -11.58
CA THR E 102 16.85 -60.23 -12.57
C THR E 102 17.00 -58.82 -11.99
N ALA E 103 18.10 -58.11 -12.31
CA ALA E 103 18.40 -56.74 -11.85
C ALA E 103 17.72 -55.69 -12.76
N TYR E 104 17.26 -56.13 -13.95
CA TYR E 104 16.46 -55.35 -14.94
C TYR E 104 15.44 -54.47 -14.19
N GLU E 105 15.91 -53.29 -13.74
CA GLU E 105 15.14 -52.36 -12.87
C GLU E 105 15.36 -50.92 -13.35
N LYS E 106 14.49 -49.99 -12.88
CA LYS E 106 14.62 -48.51 -12.93
C LYS E 106 14.23 -47.98 -11.55
N ALA E 107 15.05 -47.11 -10.95
CA ALA E 107 15.01 -46.76 -9.49
C ALA E 107 14.38 -45.38 -9.27
N ILE E 108 13.86 -44.76 -10.32
CA ILE E 108 13.40 -43.34 -10.28
C ILE E 108 12.00 -43.33 -9.70
N GLY E 109 11.83 -42.59 -8.60
CA GLY E 109 10.61 -42.56 -7.78
C GLY E 109 10.72 -43.48 -6.59
N PHE E 110 11.95 -43.87 -6.25
CA PHE E 110 12.22 -44.73 -5.07
C PHE E 110 13.35 -44.16 -4.20
N MET E 111 13.92 -43.11 -4.65
CA MET E 111 15.08 -42.34 -4.14
C MET E 111 14.61 -41.17 -3.23
N PRO E 112 15.49 -40.65 -2.33
CA PRO E 112 15.17 -39.44 -1.61
C PRO E 112 15.28 -38.17 -2.49
N ASN E 113 14.23 -37.37 -2.40
CA ASN E 113 14.10 -36.10 -3.11
C ASN E 113 15.35 -35.28 -2.81
N LEU E 114 15.69 -34.41 -3.77
CA LEU E 114 16.98 -33.68 -3.90
C LEU E 114 16.58 -32.23 -4.03
N VAL E 115 15.37 -31.93 -3.52
CA VAL E 115 14.67 -30.61 -3.56
C VAL E 115 14.10 -30.32 -2.16
N ALA E 116 13.75 -31.39 -1.46
CA ALA E 116 13.44 -31.54 -0.02
C ALA E 116 14.68 -32.01 0.78
N TYR E 117 15.57 -32.82 0.13
CA TYR E 117 16.85 -33.38 0.71
C TYR E 117 18.04 -33.08 -0.20
N PRO E 118 18.64 -31.90 -0.05
CA PRO E 118 19.62 -31.40 -0.93
C PRO E 118 21.02 -31.87 -0.52
N LYS E 119 22.06 -31.24 -1.09
CA LYS E 119 23.47 -31.72 -1.03
C LYS E 119 24.34 -30.61 -0.44
N PRO E 120 25.40 -30.93 0.32
CA PRO E 120 26.18 -29.89 1.02
C PRO E 120 27.00 -28.98 0.08
N SER E 121 27.24 -29.47 -1.14
CA SER E 121 27.74 -28.68 -2.29
C SER E 121 27.24 -27.24 -2.15
N ASN E 122 25.92 -27.06 -2.10
CA ASN E 122 25.25 -25.73 -1.87
C ASN E 122 25.16 -25.51 -0.36
N SER E 123 25.83 -24.46 0.13
CA SER E 123 26.40 -24.39 1.49
C SER E 123 25.34 -24.58 2.58
N LYS E 124 24.13 -24.00 2.47
CA LYS E 124 23.11 -24.03 3.56
C LYS E 124 22.51 -25.44 3.61
N LYS E 125 22.76 -26.18 4.70
CA LYS E 125 22.13 -27.50 4.99
C LYS E 125 21.28 -27.38 6.26
N TYR E 126 20.12 -28.04 6.24
CA TYR E 126 19.06 -27.99 7.26
C TYR E 126 19.01 -29.37 7.93
N ALA E 127 18.01 -29.61 8.77
CA ALA E 127 17.86 -30.78 9.65
C ALA E 127 16.87 -31.75 9.12
N ARG E 128 16.15 -31.43 8.10
CA ARG E 128 15.01 -32.28 7.54
C ARG E 128 15.56 -33.66 7.19
N ASP E 129 16.66 -33.70 6.46
CA ASP E 129 17.36 -34.95 6.01
C ASP E 129 17.37 -35.99 7.07
N ILE E 130 17.59 -35.59 8.34
CA ILE E 130 17.54 -36.59 9.49
C ILE E 130 16.12 -36.98 9.79
N VAL E 131 15.88 -38.26 10.12
CA VAL E 131 14.64 -38.72 10.71
C VAL E 131 15.01 -39.75 11.74
N TYR E 132 14.74 -39.42 13.03
CA TYR E 132 15.37 -40.07 14.20
C TYR E 132 14.50 -41.21 14.66
N GLY E 133 15.10 -42.24 15.28
CA GLY E 133 14.32 -43.40 15.77
C GLY E 133 15.04 -44.01 16.96
N THR E 134 14.41 -44.98 17.57
CA THR E 134 14.94 -45.80 18.67
C THR E 134 14.55 -47.23 18.35
N ILE E 135 15.48 -48.18 18.50
CA ILE E 135 15.23 -49.61 18.14
C ILE E 135 15.89 -50.49 19.21
N TYR E 136 15.09 -51.20 19.98
CA TYR E 136 15.54 -51.92 21.21
C TYR E 136 16.24 -53.21 20.81
N LEU E 137 17.43 -53.46 21.38
CA LEU E 137 18.29 -54.66 21.10
C LEU E 137 17.75 -55.86 21.90
N GLY E 138 17.51 -56.98 21.22
CA GLY E 138 16.96 -58.20 21.81
C GLY E 138 15.57 -57.96 22.39
N GLY E 139 14.84 -56.97 21.83
CA GLY E 139 13.49 -56.56 22.27
C GLY E 139 13.43 -56.32 23.77
N LYS E 140 14.53 -55.83 24.35
CA LYS E 140 14.68 -55.58 25.82
C LYS E 140 14.55 -54.08 26.11
N PRO E 141 13.42 -53.65 26.71
CA PRO E 141 13.25 -52.26 27.16
C PRO E 141 14.44 -51.57 27.87
N ASP E 142 15.32 -52.34 28.52
CA ASP E 142 16.47 -51.80 29.32
C ASP E 142 17.76 -51.80 28.47
N GLN E 143 17.66 -52.05 27.16
CA GLN E 143 18.83 -52.10 26.22
C GLN E 143 18.50 -51.34 24.93
N PRO E 144 17.99 -50.09 25.01
CA PRO E 144 17.64 -49.33 23.80
C PRO E 144 18.84 -48.75 23.05
N ALA E 145 18.71 -48.60 21.73
CA ALA E 145 19.71 -47.95 20.84
C ALA E 145 19.01 -46.86 20.02
N VAL E 146 19.78 -46.06 19.27
CA VAL E 146 19.26 -44.89 18.50
C VAL E 146 19.71 -45.01 17.05
N ILE E 147 18.72 -45.18 16.15
CA ILE E 147 18.86 -45.15 14.66
C ILE E 147 18.87 -43.70 14.21
N LYS E 148 20.01 -43.23 13.68
CA LYS E 148 20.10 -41.92 12.97
C LYS E 148 20.18 -42.14 11.46
N THR E 149 19.07 -41.87 10.76
CA THR E 149 18.87 -41.89 9.27
C THR E 149 19.27 -40.55 8.66
N THR E 150 20.07 -40.58 7.59
CA THR E 150 20.41 -39.40 6.75
C THR E 150 19.99 -39.67 5.30
N PHE E 151 19.59 -38.64 4.56
CA PHE E 151 19.16 -38.82 3.16
C PHE E 151 19.97 -37.89 2.30
N ASN E 152 20.48 -38.42 1.16
CA ASN E 152 21.41 -37.71 0.22
C ASN E 152 22.44 -36.86 0.99
N GLN E 153 22.93 -37.33 2.14
CA GLN E 153 24.06 -36.67 2.87
C GLN E 153 25.35 -37.50 2.71
N GLU E 154 25.56 -38.10 1.55
CA GLU E 154 26.75 -38.97 1.30
C GLU E 154 27.27 -38.73 -0.12
N THR E 155 28.59 -38.83 -0.26
CA THR E 155 29.41 -38.25 -1.35
C THR E 155 29.77 -39.33 -2.37
N GLY E 156 30.13 -38.92 -3.59
CA GLY E 156 30.54 -39.81 -4.69
C GLY E 156 29.36 -40.38 -5.46
N CYS E 157 28.14 -40.09 -5.02
CA CYS E 157 26.88 -40.66 -5.55
C CYS E 157 25.90 -39.54 -5.93
N GLU E 158 24.79 -39.91 -6.56
CA GLU E 158 23.66 -38.99 -6.90
C GLU E 158 22.68 -38.94 -5.73
N TYR E 159 22.28 -40.11 -5.22
CA TYR E 159 21.45 -40.30 -4.02
C TYR E 159 22.21 -41.14 -3.01
N SER E 160 21.70 -41.19 -1.78
CA SER E 160 22.29 -41.90 -0.62
C SER E 160 21.28 -42.01 0.52
N ILE E 161 21.05 -43.23 1.00
CA ILE E 161 20.46 -43.55 2.33
C ILE E 161 21.63 -43.87 3.27
N THR E 162 21.47 -43.58 4.55
CA THR E 162 22.52 -43.76 5.58
C THR E 162 21.85 -43.91 6.95
N PHE E 163 22.08 -45.05 7.60
CA PHE E 163 21.79 -45.27 9.03
C PHE E 163 23.13 -45.19 9.80
N ASP E 164 23.22 -44.26 10.77
CA ASP E 164 24.18 -44.27 11.90
C ASP E 164 23.52 -44.94 13.11
N PHE E 165 24.22 -45.85 13.78
CA PHE E 165 23.74 -46.58 14.98
C PHE E 165 24.57 -46.16 16.20
N SER E 166 24.01 -45.23 16.98
CA SER E 166 24.59 -44.71 18.23
C SER E 166 24.02 -45.50 19.43
N TRP E 167 24.74 -45.54 20.57
CA TRP E 167 24.22 -46.01 21.88
C TRP E 167 25.19 -45.61 23.00
N SER E 168 24.69 -44.91 24.02
CA SER E 168 25.50 -44.09 24.99
C SER E 168 25.65 -44.80 26.33
N LYS E 169 24.88 -45.87 26.56
CA LYS E 169 24.89 -46.65 27.84
C LYS E 169 26.17 -47.52 27.88
N THR E 170 26.28 -48.39 28.89
CA THR E 170 27.41 -49.34 29.09
C THR E 170 26.87 -50.78 29.17
N TYR E 171 26.79 -51.46 28.01
CA TYR E 171 26.25 -52.84 27.86
C TYR E 171 27.37 -53.88 27.99
N GLU E 172 27.19 -54.86 28.89
CA GLU E 172 28.14 -55.98 29.16
C GLU E 172 27.60 -57.27 28.53
N ASN E 173 28.08 -57.60 27.32
CA ASN E 173 27.79 -58.86 26.58
C ASN E 173 26.34 -58.86 26.14
N VAL E 174 26.00 -57.96 25.22
CA VAL E 174 24.66 -57.92 24.56
C VAL E 174 24.89 -58.19 23.07
N GLU E 175 24.17 -59.17 22.50
CA GLU E 175 24.09 -59.40 21.03
C GLU E 175 23.29 -58.26 20.40
N PHE E 176 23.43 -58.06 19.08
CA PHE E 176 22.82 -56.92 18.33
C PHE E 176 21.85 -57.47 17.28
N GLU E 177 20.69 -57.90 17.78
CA GLU E 177 19.45 -58.06 16.98
C GLU E 177 18.45 -56.97 17.39
N THR E 178 18.15 -56.07 16.46
CA THR E 178 17.40 -54.82 16.75
C THR E 178 15.94 -55.18 17.05
N THR E 179 15.07 -54.17 17.13
CA THR E 179 13.62 -54.27 16.87
C THR E 179 13.33 -53.52 15.57
N SER E 180 12.14 -53.76 14.97
CA SER E 180 11.67 -53.14 13.71
C SER E 180 11.44 -51.63 13.95
N PHE E 181 11.61 -50.81 12.91
CA PHE E 181 11.28 -49.36 12.84
C PHE E 181 10.68 -49.07 11.44
N THR E 182 9.65 -48.20 11.37
CA THR E 182 8.95 -47.78 10.12
C THR E 182 8.92 -46.24 10.03
N PHE E 183 8.93 -45.70 8.80
CA PHE E 183 9.05 -44.26 8.51
C PHE E 183 8.96 -44.09 7.00
N SER E 184 9.25 -42.88 6.44
CA SER E 184 9.15 -42.60 5.00
C SER E 184 9.62 -41.24 4.79
N TYR E 185 10.11 -41.00 3.57
CA TYR E 185 10.78 -39.83 3.01
C TYR E 185 10.10 -39.45 1.73
N ILE E 186 10.48 -38.37 1.13
CA ILE E 186 9.90 -37.80 -0.10
C ILE E 186 10.73 -38.28 -1.31
N ALA E 187 10.12 -39.14 -2.15
CA ALA E 187 10.55 -39.58 -3.49
C ALA E 187 11.09 -38.40 -4.30
N GLN E 188 11.86 -38.68 -5.37
CA GLN E 188 12.61 -37.67 -6.17
C GLN E 188 11.75 -37.12 -7.33
N GLN E 189 10.78 -37.91 -7.80
CA GLN E 189 9.90 -37.55 -8.95
C GLN E 189 8.85 -38.64 -9.13
N LYS F 4 -13.75 -53.64 -7.53
CA LYS F 4 -12.68 -52.90 -8.38
C LYS F 4 -11.32 -53.59 -8.09
N HIS F 5 -10.25 -53.23 -8.80
CA HIS F 5 -8.84 -53.68 -8.52
C HIS F 5 -8.04 -52.47 -7.99
N ASP F 6 -8.20 -52.19 -6.70
CA ASP F 6 -7.50 -51.08 -6.04
C ASP F 6 -7.35 -51.49 -4.60
N THR F 7 -6.53 -50.78 -3.84
CA THR F 7 -6.11 -51.22 -2.48
C THR F 7 -7.18 -50.81 -1.48
N ARG F 8 -7.70 -51.79 -0.74
CA ARG F 8 -8.82 -51.65 0.23
C ARG F 8 -8.26 -51.60 1.65
N THR F 9 -9.17 -51.61 2.65
CA THR F 9 -8.87 -51.43 4.09
C THR F 9 -9.85 -52.25 4.95
N LEU F 10 -9.29 -53.13 5.77
CA LEU F 10 -9.96 -53.79 6.91
C LEU F 10 -9.86 -52.88 8.14
N TRP F 11 -10.92 -52.81 8.95
CA TRP F 11 -10.99 -51.91 10.12
C TRP F 11 -12.14 -52.28 11.05
N THR F 12 -11.93 -52.07 12.36
CA THR F 12 -12.95 -51.80 13.40
C THR F 12 -13.67 -50.48 13.11
N THR F 13 -14.97 -50.50 12.82
CA THR F 13 -15.77 -49.25 12.63
C THR F 13 -15.38 -48.24 13.71
N PRO F 14 -15.09 -46.96 13.37
CA PRO F 14 -14.61 -45.98 14.35
C PRO F 14 -15.72 -45.37 15.23
N ASP F 15 -16.53 -46.20 15.87
CA ASP F 15 -17.66 -45.76 16.75
C ASP F 15 -17.36 -46.17 18.19
N THR F 16 -18.06 -45.60 19.18
CA THR F 16 -17.89 -45.92 20.63
C THR F 16 -18.84 -47.07 21.00
N SER F 17 -18.73 -48.18 20.26
CA SER F 17 -19.37 -49.50 20.51
C SER F 17 -18.31 -50.48 20.99
N PRO F 18 -18.17 -50.72 22.32
CA PRO F 18 -17.12 -51.62 22.81
C PRO F 18 -17.14 -52.88 21.94
N ASN F 19 -15.96 -53.38 21.58
CA ASN F 19 -15.81 -54.44 20.55
C ASN F 19 -14.59 -55.31 20.88
N CYS F 20 -14.21 -55.39 22.16
CA CYS F 20 -12.93 -55.99 22.61
C CYS F 20 -13.02 -56.34 24.10
N THR F 21 -12.73 -57.60 24.43
CA THR F 21 -12.65 -58.14 25.82
C THR F 21 -11.20 -58.04 26.31
N ILE F 22 -10.99 -57.73 27.60
CA ILE F 22 -9.66 -57.60 28.26
C ILE F 22 -9.69 -58.33 29.61
N ALA F 23 -10.49 -57.82 30.56
CA ALA F 23 -10.73 -58.40 31.90
C ALA F 23 -12.14 -59.01 31.93
N GLN F 24 -13.15 -58.22 31.58
CA GLN F 24 -14.57 -58.66 31.51
C GLN F 24 -15.14 -58.37 30.11
N ASP F 25 -16.37 -58.84 29.85
CA ASP F 25 -16.98 -58.91 28.49
C ASP F 25 -17.13 -57.48 27.93
N LYS F 26 -16.39 -57.17 26.86
CA LYS F 26 -16.51 -55.92 26.03
C LYS F 26 -16.28 -54.69 26.91
N ASP F 27 -15.17 -54.64 27.64
CA ASP F 27 -14.80 -53.50 28.53
C ASP F 27 -13.88 -52.51 27.78
N SER F 28 -13.95 -52.46 26.45
CA SER F 28 -13.07 -51.62 25.61
C SER F 28 -13.61 -51.44 24.19
N LYS F 29 -13.23 -50.33 23.58
CA LYS F 29 -13.31 -50.07 22.12
C LYS F 29 -11.88 -49.89 21.60
N LEU F 30 -11.33 -50.92 20.92
CA LEU F 30 -10.00 -50.86 20.22
C LEU F 30 -10.21 -50.35 18.79
N THR F 31 -9.59 -49.21 18.47
CA THR F 31 -9.75 -48.51 17.17
C THR F 31 -8.52 -48.81 16.32
N LEU F 32 -8.35 -50.06 15.88
CA LEU F 32 -7.34 -50.49 14.87
C LEU F 32 -7.92 -50.25 13.46
N VAL F 33 -7.11 -49.68 12.56
CA VAL F 33 -7.46 -49.45 11.13
C VAL F 33 -6.30 -49.95 10.27
N LEU F 34 -6.61 -50.80 9.28
CA LEU F 34 -5.61 -51.47 8.42
C LEU F 34 -5.72 -50.97 6.98
N THR F 35 -4.60 -50.52 6.44
CA THR F 35 -4.46 -50.01 5.06
C THR F 35 -3.31 -50.76 4.39
N LYS F 36 -3.62 -51.52 3.33
CA LYS F 36 -2.64 -52.34 2.55
C LYS F 36 -1.83 -51.44 1.63
N CYS F 37 -0.50 -51.60 1.66
CA CYS F 37 0.47 -50.98 0.70
C CYS F 37 1.37 -52.09 0.13
N GLY F 38 0.84 -52.81 -0.88
CA GLY F 38 1.44 -54.00 -1.49
C GLY F 38 2.14 -54.86 -0.47
N SER F 39 3.47 -54.80 -0.44
CA SER F 39 4.33 -55.55 0.51
C SER F 39 4.33 -54.85 1.85
N GLN F 40 4.11 -53.53 1.89
CA GLN F 40 3.98 -52.81 3.18
C GLN F 40 2.56 -53.01 3.68
N ILE F 41 2.34 -52.63 4.92
CA ILE F 41 1.03 -52.64 5.59
C ILE F 41 1.13 -51.63 6.73
N LEU F 42 0.28 -50.59 6.71
CA LEU F 42 0.36 -49.40 7.61
C LEU F 42 -0.92 -49.35 8.45
N ALA F 43 -0.77 -49.39 9.77
CA ALA F 43 -1.84 -49.53 10.78
C ALA F 43 -1.80 -48.32 11.74
N ASN F 44 -3.00 -47.83 12.14
CA ASN F 44 -3.27 -46.79 13.18
C ASN F 44 -4.07 -47.42 14.32
N VAL F 45 -3.50 -47.58 15.51
CA VAL F 45 -4.14 -48.33 16.62
C VAL F 45 -4.46 -47.36 17.78
N SER F 46 -5.65 -47.50 18.38
CA SER F 46 -6.09 -46.74 19.58
C SER F 46 -7.06 -47.61 20.40
N LEU F 47 -7.21 -47.27 21.68
CA LEU F 47 -8.00 -48.03 22.69
C LEU F 47 -8.69 -47.05 23.64
N ILE F 48 -10.01 -47.16 23.77
CA ILE F 48 -10.75 -46.66 24.96
C ILE F 48 -11.15 -47.84 25.85
N VAL F 49 -10.74 -47.83 27.13
CA VAL F 49 -11.11 -48.84 28.15
C VAL F 49 -12.25 -48.26 29.01
N VAL F 50 -13.50 -48.69 28.76
CA VAL F 50 -14.75 -48.02 29.23
C VAL F 50 -15.37 -48.82 30.38
N ALA F 51 -14.70 -49.88 30.87
CA ALA F 51 -15.25 -50.82 31.90
C ALA F 51 -14.16 -51.74 32.45
N GLY F 52 -14.34 -52.19 33.70
CA GLY F 52 -13.58 -53.28 34.31
C GLY F 52 -12.23 -52.82 34.85
N LYS F 53 -11.45 -53.78 35.36
CA LYS F 53 -10.23 -53.60 36.20
C LYS F 53 -9.33 -52.50 35.60
N TYR F 54 -9.16 -52.48 34.28
CA TYR F 54 -8.22 -51.55 33.60
C TYR F 54 -8.92 -50.22 33.22
N HIS F 55 -10.18 -50.01 33.65
CA HIS F 55 -10.92 -48.72 33.42
C HIS F 55 -10.09 -47.56 33.99
N ILE F 56 -10.15 -47.38 35.31
CA ILE F 56 -9.47 -46.26 36.02
C ILE F 56 -8.20 -46.80 36.70
N ILE F 57 -7.04 -46.21 36.41
CA ILE F 57 -5.71 -46.74 36.83
C ILE F 57 -5.26 -46.13 38.18
N ASN F 58 -5.05 -46.98 39.19
CA ASN F 58 -4.58 -46.57 40.56
C ASN F 58 -3.54 -47.58 41.06
N ASN F 59 -2.28 -47.16 41.25
CA ASN F 59 -1.16 -48.01 41.76
C ASN F 59 -0.78 -47.56 43.18
N LYS F 60 -1.74 -47.00 43.90
CA LYS F 60 -1.70 -46.74 45.38
C LYS F 60 -2.75 -47.64 46.03
N ASN F 61 -3.88 -47.83 45.35
CA ASN F 61 -4.89 -48.89 45.60
C ASN F 61 -4.33 -50.24 45.14
N ASN F 62 -4.03 -50.36 43.84
CA ASN F 62 -3.72 -51.64 43.16
C ASN F 62 -2.28 -51.66 42.66
N PRO F 63 -1.27 -51.52 43.56
CA PRO F 63 0.11 -51.24 43.16
C PRO F 63 0.75 -52.30 42.24
N GLU F 64 0.22 -53.52 42.27
CA GLU F 64 0.71 -54.70 41.49
C GLU F 64 0.13 -54.70 40.07
N ILE F 65 -0.63 -53.65 39.67
CA ILE F 65 -1.31 -53.57 38.34
C ILE F 65 -0.52 -52.59 37.44
N LYS F 66 0.20 -53.13 36.46
CA LYS F 66 0.98 -52.32 35.49
C LYS F 66 1.35 -53.17 34.27
N SER F 67 0.35 -53.76 33.60
CA SER F 67 0.46 -54.41 32.26
C SER F 67 -0.86 -55.06 31.84
N PHE F 68 -1.04 -55.24 30.52
CA PHE F 68 -1.97 -56.24 29.90
C PHE F 68 -1.68 -56.39 28.40
N THR F 69 -2.22 -57.46 27.81
CA THR F 69 -1.99 -57.89 26.40
C THR F 69 -3.32 -57.98 25.64
N ILE F 70 -3.30 -57.66 24.34
CA ILE F 70 -4.42 -57.94 23.39
C ILE F 70 -3.87 -58.66 22.14
N LYS F 71 -4.26 -59.91 21.94
CA LYS F 71 -3.84 -60.82 20.82
C LYS F 71 -4.94 -60.88 19.75
N LEU F 72 -4.58 -60.65 18.50
CA LEU F 72 -5.46 -60.92 17.32
C LEU F 72 -4.88 -62.08 16.52
N LEU F 73 -5.49 -63.27 16.63
CA LEU F 73 -5.01 -64.52 16.00
C LEU F 73 -5.89 -64.81 14.77
N PHE F 74 -5.27 -65.16 13.63
CA PHE F 74 -5.96 -65.54 12.37
C PHE F 74 -5.63 -66.99 12.01
N ASP F 75 -6.44 -67.58 11.12
CA ASP F 75 -6.23 -68.92 10.50
C ASP F 75 -5.35 -68.75 9.24
N LYS F 76 -5.46 -69.68 8.29
CA LYS F 76 -4.60 -69.76 7.06
C LYS F 76 -5.03 -68.70 6.05
N ASN F 77 -6.34 -68.41 5.99
CA ASN F 77 -6.91 -67.51 4.94
C ASN F 77 -6.99 -66.09 5.50
N GLY F 78 -6.51 -65.87 6.72
CA GLY F 78 -6.33 -64.53 7.33
C GLY F 78 -7.61 -64.01 7.97
N VAL F 79 -8.42 -64.89 8.59
CA VAL F 79 -9.68 -64.50 9.30
C VAL F 79 -9.43 -64.58 10.81
N LEU F 80 -9.89 -63.56 11.56
CA LEU F 80 -9.70 -63.43 13.02
C LEU F 80 -10.42 -64.58 13.72
N LEU F 81 -9.71 -65.33 14.57
CA LEU F 81 -10.28 -66.41 15.41
C LEU F 81 -11.07 -65.77 16.56
N ASP F 82 -12.33 -66.20 16.76
CA ASP F 82 -13.26 -65.74 17.84
C ASP F 82 -12.66 -66.00 19.24
N ASN F 83 -11.45 -66.58 19.30
CA ASN F 83 -10.63 -66.77 20.52
C ASN F 83 -9.68 -65.57 20.70
N SER F 84 -9.83 -64.53 19.88
CA SER F 84 -9.06 -63.25 19.92
C SER F 84 -9.76 -62.23 20.82
N ASN F 85 -9.02 -61.24 21.33
CA ASN F 85 -9.52 -60.27 22.33
C ASN F 85 -10.57 -59.39 21.64
N LEU F 86 -10.34 -59.08 20.38
CA LEU F 86 -11.31 -58.32 19.53
C LEU F 86 -12.44 -59.25 19.07
N GLY F 87 -13.55 -58.65 18.59
CA GLY F 87 -14.75 -59.37 18.12
C GLY F 87 -14.72 -59.56 16.62
N LYS F 88 -15.56 -60.43 16.09
CA LYS F 88 -15.51 -60.87 14.67
C LYS F 88 -16.58 -60.16 13.85
N THR F 89 -17.64 -59.64 14.48
CA THR F 89 -18.77 -58.95 13.81
C THR F 89 -18.36 -57.53 13.42
N TYR F 90 -17.42 -56.95 14.18
CA TYR F 90 -16.95 -55.53 14.06
C TYR F 90 -15.74 -55.43 13.12
N TRP F 91 -15.29 -56.56 12.54
CA TRP F 91 -14.02 -56.67 11.78
C TRP F 91 -14.27 -57.05 10.33
N ASN F 92 -14.52 -56.07 9.46
CA ASN F 92 -14.91 -56.26 8.04
C ASN F 92 -14.27 -55.14 7.21
N PHE F 93 -14.27 -55.28 5.87
CA PHE F 93 -13.76 -54.28 4.90
C PHE F 93 -14.58 -52.99 5.00
N ARG F 94 -13.99 -51.84 4.64
CA ARG F 94 -14.69 -50.52 4.65
C ARG F 94 -15.52 -50.36 3.37
N SER F 95 -16.79 -49.99 3.52
CA SER F 95 -17.74 -49.66 2.42
C SER F 95 -18.37 -48.28 2.67
N GLY F 96 -17.54 -47.24 2.79
CA GLY F 96 -17.95 -45.89 3.23
C GLY F 96 -17.83 -45.76 4.74
N ASP F 97 -18.71 -44.96 5.36
CA ASP F 97 -18.72 -44.72 6.84
C ASP F 97 -18.92 -46.05 7.58
N SER F 98 -19.73 -46.95 7.02
CA SER F 98 -19.98 -48.32 7.54
C SER F 98 -19.08 -49.32 6.81
N ASN F 99 -19.25 -50.62 7.10
CA ASN F 99 -18.52 -51.74 6.45
C ASN F 99 -19.39 -52.28 5.31
N VAL F 100 -19.02 -53.44 4.76
CA VAL F 100 -19.82 -54.18 3.73
C VAL F 100 -21.12 -54.65 4.38
N SER F 101 -21.06 -55.13 5.63
CA SER F 101 -22.18 -55.72 6.44
C SER F 101 -22.35 -57.20 6.07
N THR F 102 -21.76 -57.64 4.96
CA THR F 102 -21.59 -59.07 4.59
C THR F 102 -20.19 -59.51 5.01
N ALA F 103 -20.10 -60.55 5.84
CA ALA F 103 -18.84 -61.07 6.42
C ALA F 103 -17.83 -61.27 5.30
N TYR F 104 -16.56 -60.94 5.56
CA TYR F 104 -15.42 -61.13 4.62
C TYR F 104 -14.83 -62.53 4.83
N GLU F 105 -13.89 -62.91 3.97
CA GLU F 105 -13.01 -64.09 4.13
C GLU F 105 -11.79 -63.91 3.24
N LYS F 106 -10.88 -64.87 3.25
CA LYS F 106 -9.72 -64.97 2.31
C LYS F 106 -9.15 -63.56 2.06
N ALA F 107 -8.95 -62.78 3.13
CA ALA F 107 -8.19 -61.52 3.10
C ALA F 107 -6.73 -61.81 3.48
N ILE F 108 -6.04 -62.61 2.67
CA ILE F 108 -4.66 -63.08 2.95
C ILE F 108 -3.69 -61.97 2.54
N GLY F 109 -2.50 -61.95 3.14
CA GLY F 109 -1.40 -61.04 2.78
C GLY F 109 -1.40 -59.80 3.63
N PHE F 110 -2.49 -59.53 4.36
CA PHE F 110 -2.56 -58.49 5.41
C PHE F 110 -1.78 -59.01 6.62
N MET F 111 -1.34 -60.25 6.52
CA MET F 111 -0.78 -61.06 7.62
C MET F 111 0.71 -60.83 7.64
N PRO F 112 1.37 -60.90 8.83
CA PRO F 112 2.82 -60.69 8.93
C PRO F 112 3.57 -61.83 8.24
N ASN F 113 4.21 -61.54 7.10
CA ASN F 113 5.02 -62.52 6.32
C ASN F 113 5.87 -63.35 7.27
N LEU F 114 5.78 -64.69 7.13
CA LEU F 114 6.22 -65.69 8.14
C LEU F 114 7.73 -65.92 8.05
N VAL F 115 8.34 -65.39 6.99
CA VAL F 115 9.80 -65.54 6.71
C VAL F 115 10.55 -64.50 7.53
N ALA F 116 10.11 -63.24 7.43
CA ALA F 116 10.59 -62.09 8.23
C ALA F 116 10.38 -62.35 9.72
N TYR F 117 9.16 -62.73 10.12
CA TYR F 117 8.66 -62.75 11.52
C TYR F 117 8.21 -64.17 11.91
N PRO F 118 9.13 -65.16 11.92
CA PRO F 118 8.74 -66.57 11.95
C PRO F 118 8.16 -67.08 13.28
N LYS F 119 7.39 -68.18 13.21
CA LYS F 119 6.75 -68.89 14.36
C LYS F 119 7.84 -69.32 15.35
N PRO F 120 7.52 -69.43 16.66
CA PRO F 120 8.50 -69.86 17.66
C PRO F 120 8.78 -71.37 17.54
N SER F 121 9.98 -71.71 17.09
CA SER F 121 10.45 -73.10 16.86
C SER F 121 11.69 -73.34 17.74
N ASN F 122 12.38 -74.47 17.54
CA ASN F 122 13.63 -74.85 18.26
C ASN F 122 14.72 -73.81 17.99
N SER F 123 14.89 -73.43 16.72
CA SER F 123 15.94 -72.52 16.21
C SER F 123 15.86 -71.17 16.94
N LYS F 124 16.91 -70.35 16.86
CA LYS F 124 16.94 -68.99 17.46
C LYS F 124 16.12 -68.04 16.61
N LYS F 125 14.99 -67.57 17.16
CA LYS F 125 14.18 -66.44 16.61
C LYS F 125 14.90 -65.16 16.99
N TYR F 126 14.65 -64.09 16.24
CA TYR F 126 15.36 -62.79 16.38
C TYR F 126 14.32 -61.68 16.61
N ALA F 127 14.77 -60.57 17.21
CA ALA F 127 13.90 -59.57 17.87
C ALA F 127 13.35 -58.57 16.85
N ARG F 128 13.53 -58.87 15.55
CA ARG F 128 12.98 -58.08 14.43
C ARG F 128 11.46 -58.33 14.29
N ASP F 129 10.85 -59.00 15.28
CA ASP F 129 9.39 -59.34 15.33
C ASP F 129 8.57 -58.19 15.93
N ILE F 130 9.20 -57.23 16.63
CA ILE F 130 8.49 -56.26 17.53
C ILE F 130 8.73 -54.80 17.07
N VAL F 131 7.65 -54.03 16.89
CA VAL F 131 7.65 -52.54 16.78
C VAL F 131 7.13 -51.92 18.09
N TYR F 132 8.04 -51.41 18.93
CA TYR F 132 7.77 -50.60 20.16
C TYR F 132 7.23 -49.21 19.83
N GLY F 133 6.36 -48.66 20.71
CA GLY F 133 5.98 -47.20 20.62
C GLY F 133 5.39 -46.68 21.91
N THR F 134 5.18 -45.42 22.00
CA THR F 134 4.55 -44.76 23.19
C THR F 134 3.28 -43.98 22.80
N ILE F 135 2.24 -44.13 23.60
CA ILE F 135 0.93 -43.42 23.41
C ILE F 135 0.44 -42.89 24.77
N TYR F 136 0.25 -41.59 24.90
CA TYR F 136 0.04 -40.97 26.24
C TYR F 136 -1.44 -41.15 26.60
N LEU F 137 -1.72 -41.85 27.69
CA LEU F 137 -3.10 -42.03 28.20
C LEU F 137 -3.63 -40.66 28.59
N GLY F 138 -4.68 -40.20 27.89
CA GLY F 138 -5.53 -39.05 28.28
C GLY F 138 -5.23 -37.90 27.41
N GLY F 139 -4.22 -38.08 26.56
CA GLY F 139 -3.60 -37.01 25.77
C GLY F 139 -2.47 -36.32 26.50
N LYS F 140 -2.29 -36.61 27.73
CA LYS F 140 -1.45 -35.76 28.63
C LYS F 140 0.02 -36.19 28.53
N PRO F 141 0.95 -35.30 28.25
CA PRO F 141 2.38 -35.67 28.23
C PRO F 141 2.89 -36.44 29.47
N ASP F 142 2.60 -35.90 30.66
CA ASP F 142 3.07 -36.40 31.99
C ASP F 142 2.65 -37.86 32.18
N GLN F 143 1.58 -38.27 31.47
CA GLN F 143 1.00 -39.63 31.53
C GLN F 143 1.30 -40.37 30.24
N PRO F 144 2.49 -41.02 30.14
CA PRO F 144 2.83 -41.88 29.01
C PRO F 144 2.54 -43.36 29.28
N ALA F 145 2.70 -44.19 28.25
CA ALA F 145 2.38 -45.65 28.26
C ALA F 145 2.86 -46.28 26.97
N VAL F 146 3.44 -47.46 27.05
CA VAL F 146 4.16 -48.10 25.90
C VAL F 146 3.24 -49.11 25.22
N ILE F 147 3.19 -49.10 23.92
CA ILE F 147 2.37 -50.15 23.19
C ILE F 147 3.25 -51.02 22.25
N LYS F 148 3.73 -52.17 22.73
CA LYS F 148 4.72 -53.08 22.02
C LYS F 148 3.92 -54.13 21.22
N THR F 149 3.97 -54.08 19.90
CA THR F 149 3.19 -54.95 18.95
C THR F 149 4.12 -56.04 18.38
N THR F 150 3.82 -57.33 18.64
CA THR F 150 4.61 -58.53 18.24
C THR F 150 3.81 -59.37 17.23
N PHE F 151 4.47 -59.89 16.17
CA PHE F 151 3.85 -60.61 15.01
C PHE F 151 4.24 -62.10 15.03
N ASN F 152 3.24 -62.98 15.10
CA ASN F 152 3.36 -64.45 14.85
C ASN F 152 4.10 -65.16 16.01
N GLN F 153 3.67 -64.93 17.26
CA GLN F 153 4.37 -65.46 18.47
C GLN F 153 3.41 -66.28 19.36
N GLU F 154 2.11 -66.31 19.01
CA GLU F 154 1.09 -67.14 19.71
C GLU F 154 0.73 -68.35 18.84
N THR F 155 0.51 -69.51 19.49
CA THR F 155 0.26 -70.82 18.81
C THR F 155 -1.21 -71.21 18.91
N GLY F 156 -1.63 -72.10 18.03
CA GLY F 156 -3.05 -72.42 17.77
C GLY F 156 -3.65 -71.43 16.82
N CYS F 157 -2.91 -71.09 15.77
CA CYS F 157 -3.30 -70.14 14.70
C CYS F 157 -2.21 -70.15 13.62
N GLU F 158 -2.38 -69.35 12.57
CA GLU F 158 -1.30 -69.07 11.57
C GLU F 158 -0.61 -67.76 11.96
N TYR F 159 -1.32 -66.64 11.90
CA TYR F 159 -0.78 -65.28 12.09
C TYR F 159 -1.39 -64.64 13.35
N SER F 160 -0.57 -64.00 14.18
CA SER F 160 -0.97 -63.28 15.43
C SER F 160 -0.39 -61.86 15.46
N ILE F 161 -1.23 -60.81 15.41
CA ILE F 161 -0.87 -59.40 15.75
C ILE F 161 -1.07 -59.20 17.27
N THR F 162 -0.01 -59.31 18.08
CA THR F 162 -0.12 -59.24 19.56
C THR F 162 0.47 -57.93 20.08
N PHE F 163 -0.38 -57.07 20.66
CA PHE F 163 -0.02 -55.79 21.35
C PHE F 163 0.08 -56.01 22.84
N ASP F 164 1.12 -55.46 23.47
CA ASP F 164 1.40 -55.72 24.91
C ASP F 164 1.59 -54.39 25.62
N PHE F 165 0.52 -53.88 26.23
CA PHE F 165 0.40 -52.55 26.88
C PHE F 165 0.91 -52.63 28.30
N SER F 166 1.89 -51.81 28.62
CA SER F 166 2.53 -51.73 29.95
C SER F 166 2.79 -50.29 30.30
N TRP F 167 3.12 -50.02 31.56
CA TRP F 167 3.31 -48.65 32.11
C TRP F 167 3.67 -48.78 33.59
N SER F 168 4.77 -48.13 34.00
CA SER F 168 5.52 -48.39 35.26
C SER F 168 5.38 -47.20 36.24
N LYS F 169 4.63 -46.17 35.84
CA LYS F 169 4.44 -44.92 36.61
C LYS F 169 3.21 -45.08 37.52
N THR F 170 3.40 -44.94 38.83
CA THR F 170 2.36 -45.09 39.87
C THR F 170 1.26 -44.04 39.63
N TYR F 171 0.38 -44.28 38.64
CA TYR F 171 -0.73 -43.38 38.22
C TYR F 171 -1.87 -43.46 39.23
N GLU F 172 -2.53 -42.32 39.49
CA GLU F 172 -3.63 -42.19 40.47
C GLU F 172 -4.94 -41.85 39.73
N ASN F 173 -5.87 -42.81 39.67
CA ASN F 173 -7.24 -42.67 39.10
C ASN F 173 -7.12 -42.00 37.73
N VAL F 174 -6.65 -42.77 36.75
CA VAL F 174 -6.31 -42.34 35.36
C VAL F 174 -7.07 -43.24 34.37
N GLU F 175 -8.07 -42.69 33.65
CA GLU F 175 -8.83 -43.42 32.58
C GLU F 175 -7.83 -43.86 31.49
N PHE F 176 -7.80 -45.16 31.22
CA PHE F 176 -6.87 -45.74 30.21
C PHE F 176 -7.44 -45.55 28.79
N GLU F 177 -7.75 -44.29 28.41
CA GLU F 177 -7.95 -43.81 27.01
C GLU F 177 -6.60 -43.35 26.44
N THR F 178 -6.12 -44.01 25.38
CA THR F 178 -4.76 -43.80 24.82
C THR F 178 -4.83 -42.86 23.61
N THR F 179 -3.72 -42.16 23.32
CA THR F 179 -3.48 -41.44 22.05
C THR F 179 -3.29 -42.48 20.94
N SER F 180 -3.11 -42.03 19.68
CA SER F 180 -3.12 -42.92 18.49
C SER F 180 -1.67 -43.25 18.05
N PHE F 181 -1.36 -44.53 17.94
CA PHE F 181 -0.04 -45.02 17.48
C PHE F 181 -0.18 -45.73 16.13
N THR F 182 0.67 -45.30 15.19
CA THR F 182 0.82 -45.87 13.83
C THR F 182 2.22 -46.46 13.65
N PHE F 183 2.31 -47.47 12.79
CA PHE F 183 3.44 -48.42 12.66
C PHE F 183 3.09 -49.36 11.52
N SER F 184 4.11 -50.04 10.95
CA SER F 184 3.93 -51.03 9.85
C SER F 184 4.88 -52.22 9.99
N TYR F 185 4.53 -53.32 9.33
CA TYR F 185 5.34 -54.56 9.17
C TYR F 185 5.40 -54.95 7.68
N ILE F 186 6.17 -56.02 7.40
CA ILE F 186 6.32 -56.70 6.08
C ILE F 186 5.13 -57.65 5.90
N ALA F 187 4.43 -57.54 4.75
CA ALA F 187 3.14 -58.22 4.44
C ALA F 187 3.39 -59.60 3.82
N GLN F 188 2.51 -60.56 4.08
CA GLN F 188 2.68 -62.01 3.79
C GLN F 188 2.67 -62.29 2.28
N GLN F 189 1.74 -61.67 1.55
CA GLN F 189 1.31 -62.07 0.19
C GLN F 189 0.84 -60.84 -0.59
N TRP G 1 49.76 -7.99 2.47
CA TRP G 1 48.33 -8.01 2.04
C TRP G 1 48.24 -8.29 0.53
N ASN G 2 48.27 -9.57 0.14
CA ASN G 2 48.00 -10.01 -1.26
C ASN G 2 46.84 -11.00 -1.21
N VAL G 3 45.90 -10.84 -2.14
CA VAL G 3 44.47 -11.24 -1.98
C VAL G 3 43.84 -11.28 -3.38
N LYS G 4 44.31 -12.23 -4.20
CA LYS G 4 44.12 -12.23 -5.67
C LYS G 4 42.61 -12.27 -5.96
N HIS G 5 42.07 -11.08 -6.20
CA HIS G 5 40.62 -10.76 -6.36
C HIS G 5 40.29 -10.77 -7.84
N ASP G 6 39.64 -11.80 -8.36
CA ASP G 6 39.60 -12.12 -9.82
C ASP G 6 38.18 -11.90 -10.42
N THR G 7 38.10 -11.41 -11.66
CA THR G 7 36.91 -11.57 -12.55
C THR G 7 37.37 -12.18 -13.90
N ARG G 8 36.87 -13.37 -14.24
CA ARG G 8 37.29 -14.12 -15.47
C ARG G 8 36.29 -13.90 -16.59
N THR G 9 36.60 -14.44 -17.77
CA THR G 9 35.77 -14.34 -19.01
C THR G 9 36.00 -15.59 -19.85
N LEU G 10 34.91 -16.22 -20.30
CA LEU G 10 34.92 -17.38 -21.23
C LEU G 10 34.37 -16.89 -22.57
N TRP G 11 35.21 -16.83 -23.59
CA TRP G 11 34.98 -15.96 -24.78
C TRP G 11 35.35 -16.69 -26.08
N THR G 12 34.87 -16.19 -27.22
CA THR G 12 35.37 -16.52 -28.59
C THR G 12 36.35 -15.44 -29.02
N THR G 13 37.51 -15.84 -29.54
CA THR G 13 38.60 -14.93 -29.97
C THR G 13 38.11 -14.11 -31.15
N PRO G 14 37.77 -12.80 -30.95
CA PRO G 14 37.04 -12.03 -31.97
C PRO G 14 37.91 -11.73 -33.20
N ASP G 15 38.27 -12.78 -33.95
CA ASP G 15 39.15 -12.70 -35.15
C ASP G 15 38.30 -12.70 -36.44
N THR G 16 36.99 -12.94 -36.32
CA THR G 16 36.03 -13.08 -37.45
C THR G 16 36.50 -14.19 -38.40
N SER G 17 37.01 -15.30 -37.86
CA SER G 17 37.39 -16.52 -38.60
C SER G 17 36.34 -17.60 -38.36
N PRO G 18 35.35 -17.77 -39.28
CA PRO G 18 34.13 -18.54 -39.01
C PRO G 18 34.30 -19.73 -38.05
N ASN G 19 33.79 -19.56 -36.83
CA ASN G 19 33.90 -20.51 -35.69
C ASN G 19 32.55 -21.16 -35.41
N CYS G 20 31.54 -20.91 -36.25
CA CYS G 20 30.12 -21.30 -36.06
C CYS G 20 29.61 -22.06 -37.29
N THR G 21 28.96 -23.20 -37.10
CA THR G 21 28.39 -23.98 -38.24
C THR G 21 26.86 -23.90 -38.23
N ILE G 22 26.30 -23.28 -39.25
CA ILE G 22 24.85 -23.39 -39.63
C ILE G 22 24.81 -23.93 -41.06
N ALA G 23 24.01 -24.96 -41.34
CA ALA G 23 23.75 -25.46 -42.72
C ALA G 23 25.03 -26.10 -43.30
N GLN G 24 26.03 -25.27 -43.66
CA GLN G 24 27.37 -25.71 -44.13
C GLN G 24 28.43 -25.38 -43.07
N ASP G 25 29.37 -26.30 -42.84
CA ASP G 25 30.43 -26.18 -41.82
C ASP G 25 31.02 -24.77 -41.84
N LYS G 26 31.34 -24.24 -40.65
CA LYS G 26 32.05 -22.95 -40.43
C LYS G 26 31.62 -21.91 -41.47
N ASP G 27 30.33 -21.80 -41.77
CA ASP G 27 29.82 -20.84 -42.81
C ASP G 27 29.48 -19.50 -42.16
N SER G 28 29.74 -19.35 -40.86
CA SER G 28 29.41 -18.14 -40.08
C SER G 28 30.37 -18.03 -38.89
N LYS G 29 30.37 -16.87 -38.22
CA LYS G 29 31.08 -16.62 -36.94
C LYS G 29 30.06 -16.23 -35.88
N LEU G 30 30.19 -16.77 -34.66
CA LEU G 30 29.46 -16.34 -33.44
C LEU G 30 30.42 -15.58 -32.51
N THR G 31 30.20 -14.27 -32.31
CA THR G 31 30.90 -13.44 -31.29
C THR G 31 30.03 -13.37 -30.02
N LEU G 32 30.20 -14.36 -29.12
CA LEU G 32 29.66 -14.41 -27.73
C LEU G 32 30.82 -14.32 -26.74
N VAL G 33 30.64 -13.58 -25.63
CA VAL G 33 31.64 -13.39 -24.52
C VAL G 33 30.91 -13.28 -23.17
N LEU G 34 31.00 -14.31 -22.34
CA LEU G 34 30.35 -14.39 -21.00
C LEU G 34 31.36 -13.94 -19.92
N THR G 35 31.01 -12.91 -19.15
CA THR G 35 31.86 -12.32 -18.09
C THR G 35 31.19 -12.50 -16.71
N LYS G 36 31.67 -13.47 -15.95
CA LYS G 36 31.19 -13.82 -14.58
C LYS G 36 31.46 -12.64 -13.65
N CYS G 37 30.40 -11.96 -13.20
CA CYS G 37 30.43 -11.01 -12.05
C CYS G 37 29.89 -11.73 -10.80
N GLY G 38 30.50 -12.86 -10.45
CA GLY G 38 30.05 -13.77 -9.37
C GLY G 38 28.80 -14.54 -9.78
N SER G 39 27.65 -14.14 -9.24
CA SER G 39 26.41 -14.94 -9.20
C SER G 39 25.56 -14.66 -10.45
N GLN G 40 25.80 -13.55 -11.14
CA GLN G 40 25.26 -13.27 -12.50
C GLN G 40 26.38 -13.39 -13.54
N ILE G 41 26.05 -13.98 -14.68
CA ILE G 41 26.92 -14.04 -15.89
C ILE G 41 26.47 -12.93 -16.82
N LEU G 42 27.42 -12.07 -17.22
CA LEU G 42 27.22 -10.90 -18.10
C LEU G 42 27.69 -11.26 -19.51
N ALA G 43 26.78 -11.18 -20.48
CA ALA G 43 26.94 -11.78 -21.83
C ALA G 43 26.79 -10.73 -22.88
N ASN G 44 27.80 -10.63 -23.74
CA ASN G 44 27.80 -9.84 -24.96
C ASN G 44 27.73 -10.82 -26.16
N VAL G 45 26.58 -10.88 -26.91
CA VAL G 45 26.44 -11.77 -28.11
C VAL G 45 26.07 -10.99 -29.35
N SER G 46 26.83 -11.17 -30.45
CA SER G 46 26.40 -11.09 -31.88
C SER G 46 26.85 -12.32 -32.71
N LEU G 47 26.71 -12.18 -34.03
CA LEU G 47 26.94 -13.24 -35.04
C LEU G 47 27.04 -12.54 -36.40
N ILE G 48 27.92 -13.05 -37.28
CA ILE G 48 28.05 -12.65 -38.71
C ILE G 48 27.96 -13.90 -39.61
N VAL G 49 26.91 -13.99 -40.44
CA VAL G 49 26.79 -15.04 -41.49
C VAL G 49 27.54 -14.55 -42.73
N VAL G 50 28.65 -15.20 -43.06
CA VAL G 50 29.61 -14.78 -44.12
C VAL G 50 29.45 -15.67 -45.37
N ALA G 51 28.86 -16.86 -45.20
CA ALA G 51 28.72 -17.89 -46.26
C ALA G 51 27.39 -18.65 -46.09
N GLY G 52 27.03 -19.47 -47.09
CA GLY G 52 26.01 -20.52 -46.98
C GLY G 52 24.63 -20.05 -47.38
N LYS G 53 23.61 -20.81 -46.98
CA LYS G 53 22.18 -20.52 -47.26
C LYS G 53 21.76 -19.22 -46.57
N TYR G 54 22.37 -18.91 -45.42
CA TYR G 54 21.87 -17.90 -44.45
C TYR G 54 22.67 -16.60 -44.56
N HIS G 55 23.67 -16.58 -45.45
CA HIS G 55 24.55 -15.41 -45.74
C HIS G 55 23.69 -14.24 -46.22
N ILE G 56 23.24 -14.28 -47.47
CA ILE G 56 22.34 -13.26 -48.08
C ILE G 56 20.90 -13.74 -47.94
N ILE G 57 19.99 -12.83 -47.57
CA ILE G 57 18.55 -13.12 -47.28
C ILE G 57 17.69 -12.47 -48.35
N ASN G 58 16.90 -13.27 -49.07
CA ASN G 58 15.94 -12.81 -50.11
C ASN G 58 14.56 -13.40 -49.77
N ASN G 59 13.64 -12.55 -49.30
CA ASN G 59 12.26 -12.97 -48.90
C ASN G 59 11.29 -12.73 -50.07
N LYS G 60 11.81 -12.61 -51.30
CA LYS G 60 10.99 -12.55 -52.55
C LYS G 60 11.04 -13.90 -53.26
N ASN G 61 12.24 -14.41 -53.54
CA ASN G 61 12.47 -15.75 -54.17
C ASN G 61 12.21 -16.84 -53.11
N ASN G 62 12.67 -16.60 -51.88
CA ASN G 62 12.54 -17.54 -50.73
C ASN G 62 11.70 -16.87 -49.63
N PRO G 63 10.36 -16.89 -49.73
CA PRO G 63 9.49 -16.32 -48.68
C PRO G 63 9.53 -17.11 -47.35
N GLU G 64 9.77 -18.43 -47.43
CA GLU G 64 9.68 -19.38 -46.28
C GLU G 64 10.85 -19.17 -45.30
N ILE G 65 12.04 -18.82 -45.80
CA ILE G 65 13.26 -18.62 -44.94
C ILE G 65 13.13 -17.28 -44.20
N LYS G 66 12.68 -17.34 -42.94
CA LYS G 66 12.50 -16.19 -42.01
C LYS G 66 12.44 -16.72 -40.58
N SER G 67 13.39 -17.60 -40.24
CA SER G 67 13.53 -18.31 -38.93
C SER G 67 14.68 -19.31 -39.00
N PHE G 68 15.56 -19.32 -37.99
CA PHE G 68 16.57 -20.41 -37.76
C PHE G 68 17.06 -20.37 -36.30
N THR G 69 17.84 -21.39 -35.91
CA THR G 69 18.12 -21.77 -34.51
C THR G 69 19.59 -22.13 -34.32
N ILE G 70 20.27 -21.50 -33.35
CA ILE G 70 21.64 -21.89 -32.90
C ILE G 70 21.54 -22.42 -31.46
N LYS G 71 22.29 -23.50 -31.16
CA LYS G 71 22.30 -24.19 -29.83
C LYS G 71 23.74 -24.23 -29.27
N LEU G 72 23.89 -24.09 -27.94
CA LEU G 72 25.13 -24.43 -27.19
C LEU G 72 24.81 -25.51 -26.16
N LEU G 73 25.52 -26.63 -26.20
CA LEU G 73 25.20 -27.87 -25.43
C LEU G 73 26.45 -28.34 -24.68
N PHE G 74 26.35 -28.44 -23.35
CA PHE G 74 27.49 -28.64 -22.41
C PHE G 74 27.33 -29.97 -21.66
N ASP G 75 28.31 -30.28 -20.80
CA ASP G 75 28.30 -31.45 -19.88
C ASP G 75 28.19 -30.93 -18.44
N LYS G 76 28.14 -31.83 -17.45
CA LYS G 76 28.00 -31.52 -16.00
C LYS G 76 29.18 -30.66 -15.51
N ASN G 77 30.33 -30.76 -16.19
CA ASN G 77 31.59 -30.03 -15.85
C ASN G 77 31.57 -28.66 -16.51
N GLY G 78 30.69 -28.49 -17.52
CA GLY G 78 30.32 -27.21 -18.13
C GLY G 78 31.02 -27.01 -19.44
N VAL G 79 31.49 -28.10 -20.04
CA VAL G 79 32.42 -28.11 -21.20
C VAL G 79 31.61 -28.42 -22.47
N LEU G 80 31.75 -27.57 -23.49
CA LEU G 80 30.94 -27.60 -24.73
C LEU G 80 30.95 -29.00 -25.36
N LEU G 81 29.78 -29.50 -25.77
CA LEU G 81 29.64 -30.74 -26.55
C LEU G 81 29.76 -30.40 -28.04
N ASP G 82 30.43 -31.26 -28.81
CA ASP G 82 30.87 -30.97 -30.21
C ASP G 82 29.64 -31.04 -31.15
N ASN G 83 28.50 -31.54 -30.65
CA ASN G 83 27.20 -31.49 -31.37
C ASN G 83 26.56 -30.10 -31.19
N SER G 84 27.23 -29.19 -30.47
CA SER G 84 26.93 -27.73 -30.43
C SER G 84 27.46 -27.06 -31.70
N ASN G 85 26.64 -26.23 -32.36
CA ASN G 85 26.95 -25.60 -33.68
C ASN G 85 28.31 -24.90 -33.62
N LEU G 86 28.74 -24.54 -32.39
CA LEU G 86 30.05 -23.94 -32.06
C LEU G 86 31.17 -24.98 -32.29
N GLY G 87 32.41 -24.51 -32.50
CA GLY G 87 33.65 -25.30 -32.44
C GLY G 87 34.36 -25.09 -31.11
N LYS G 88 34.89 -26.15 -30.52
CA LYS G 88 35.30 -26.19 -29.09
C LYS G 88 36.74 -25.69 -28.92
N THR G 89 37.53 -25.66 -30.00
CA THR G 89 38.98 -25.32 -29.97
C THR G 89 39.14 -23.82 -29.73
N TYR G 90 38.38 -23.02 -30.47
CA TYR G 90 38.37 -21.53 -30.44
C TYR G 90 37.92 -21.05 -29.06
N TRP G 91 36.91 -21.70 -28.48
CA TRP G 91 36.24 -21.28 -27.23
C TRP G 91 37.05 -21.75 -26.02
N ASN G 92 37.47 -20.81 -25.18
CA ASN G 92 38.12 -21.04 -23.86
C ASN G 92 38.17 -19.69 -23.15
N PHE G 93 39.04 -19.56 -22.15
CA PHE G 93 39.34 -18.30 -21.40
C PHE G 93 40.04 -17.31 -22.35
N ARG G 94 40.64 -16.25 -21.78
CA ARG G 94 41.51 -15.28 -22.50
C ARG G 94 42.74 -14.96 -21.63
N SER G 95 43.94 -14.98 -22.23
CA SER G 95 45.19 -14.40 -21.65
C SER G 95 45.81 -13.43 -22.65
N GLY G 96 45.84 -12.14 -22.31
CA GLY G 96 46.16 -11.06 -23.26
C GLY G 96 45.22 -11.10 -24.47
N ASP G 97 45.77 -11.25 -25.68
CA ASP G 97 44.99 -11.22 -26.96
C ASP G 97 44.50 -12.63 -27.33
N SER G 98 44.86 -13.66 -26.55
CA SER G 98 44.65 -15.10 -26.89
C SER G 98 43.84 -15.79 -25.78
N ASN G 99 43.51 -17.08 -25.99
CA ASN G 99 42.75 -17.95 -25.03
C ASN G 99 43.74 -18.56 -24.03
N VAL G 100 43.26 -19.45 -23.15
CA VAL G 100 44.10 -20.33 -22.28
C VAL G 100 45.07 -21.13 -23.18
N SER G 101 44.57 -21.58 -24.34
CA SER G 101 45.29 -22.40 -25.36
C SER G 101 45.15 -23.90 -25.03
N THR G 102 44.79 -24.22 -23.79
CA THR G 102 44.43 -25.58 -23.31
C THR G 102 42.91 -25.61 -23.08
N ALA G 103 42.22 -26.64 -23.59
CA ALA G 103 40.80 -26.91 -23.31
C ALA G 103 40.53 -26.75 -21.81
N TYR G 104 39.79 -25.72 -21.43
CA TYR G 104 39.23 -25.50 -20.06
C TYR G 104 38.84 -26.85 -19.45
N GLU G 105 39.20 -27.06 -18.17
CA GLU G 105 38.83 -28.27 -17.39
C GLU G 105 37.89 -27.89 -16.23
N LYS G 106 37.62 -26.59 -16.05
CA LYS G 106 36.67 -26.03 -15.05
C LYS G 106 35.82 -24.94 -15.72
N ALA G 107 34.49 -25.07 -15.69
CA ALA G 107 33.53 -24.23 -16.43
C ALA G 107 32.28 -23.90 -15.59
N ILE G 108 32.19 -24.40 -14.35
CA ILE G 108 30.95 -24.30 -13.50
C ILE G 108 30.84 -22.88 -12.92
N GLY G 109 29.62 -22.38 -12.77
CA GLY G 109 29.33 -21.01 -12.33
C GLY G 109 29.28 -20.04 -13.50
N PHE G 110 29.47 -20.55 -14.73
CA PHE G 110 29.11 -19.90 -16.02
C PHE G 110 27.85 -20.58 -16.56
N MET G 111 27.23 -21.43 -15.75
CA MET G 111 26.18 -22.37 -16.21
C MET G 111 24.82 -21.86 -15.76
N PRO G 112 23.81 -21.84 -16.67
CA PRO G 112 22.47 -21.35 -16.32
C PRO G 112 21.90 -22.15 -15.15
N ASN G 113 21.79 -21.49 -13.99
CA ASN G 113 21.21 -22.05 -12.74
C ASN G 113 20.04 -22.96 -13.08
N LEU G 114 20.17 -24.26 -12.78
CA LEU G 114 19.18 -25.30 -13.18
C LEU G 114 17.87 -25.04 -12.44
N VAL G 115 17.95 -24.82 -11.13
CA VAL G 115 16.81 -24.36 -10.27
C VAL G 115 16.03 -23.29 -11.04
N ALA G 116 16.64 -22.11 -11.25
CA ALA G 116 15.98 -20.91 -11.83
C ALA G 116 15.56 -21.20 -13.27
N TYR G 117 16.43 -21.87 -14.03
CA TYR G 117 16.27 -22.22 -15.46
C TYR G 117 16.24 -23.74 -15.62
N PRO G 118 15.06 -24.39 -15.48
CA PRO G 118 14.97 -25.85 -15.33
C PRO G 118 14.89 -26.65 -16.64
N LYS G 119 15.04 -27.98 -16.56
CA LYS G 119 14.95 -28.91 -17.71
C LYS G 119 13.49 -29.20 -18.03
N PRO G 120 13.08 -29.18 -19.32
CA PRO G 120 11.67 -29.24 -19.70
C PRO G 120 11.04 -30.57 -19.26
N SER G 121 10.36 -30.55 -18.12
CA SER G 121 9.79 -31.74 -17.43
C SER G 121 8.27 -31.80 -17.63
N ASN G 122 7.62 -32.84 -17.09
CA ASN G 122 6.13 -33.00 -17.07
C ASN G 122 5.53 -31.81 -16.33
N SER G 123 6.29 -31.24 -15.40
CA SER G 123 5.99 -29.97 -14.69
C SER G 123 5.60 -28.87 -15.70
N LYS G 124 4.64 -28.02 -15.34
CA LYS G 124 4.32 -26.77 -16.08
C LYS G 124 5.55 -25.84 -16.05
N LYS G 125 5.84 -25.19 -17.18
CA LYS G 125 7.14 -24.53 -17.46
C LYS G 125 6.90 -23.04 -17.73
N TYR G 126 7.74 -22.20 -17.14
CA TYR G 126 7.56 -20.73 -17.01
C TYR G 126 8.56 -20.06 -17.95
N ALA G 127 8.15 -18.92 -18.49
CA ALA G 127 8.80 -18.25 -19.62
C ALA G 127 10.05 -17.49 -19.17
N ARG G 128 10.38 -17.51 -17.86
CA ARG G 128 11.54 -16.75 -17.30
C ARG G 128 12.86 -17.40 -17.75
N ASP G 129 12.79 -18.59 -18.38
CA ASP G 129 13.93 -19.26 -19.08
C ASP G 129 14.37 -18.37 -20.25
N ILE G 130 13.48 -17.49 -20.71
CA ILE G 130 13.57 -16.76 -22.01
C ILE G 130 13.83 -15.26 -21.78
N VAL G 131 14.73 -14.68 -22.58
CA VAL G 131 15.05 -13.23 -22.61
C VAL G 131 14.97 -12.79 -24.06
N TYR G 132 14.03 -11.88 -24.37
CA TYR G 132 13.74 -11.44 -25.76
C TYR G 132 14.42 -10.10 -25.98
N GLY G 133 15.14 -9.95 -27.10
CA GLY G 133 15.71 -8.68 -27.58
C GLY G 133 15.72 -8.69 -29.08
N THR G 134 16.32 -7.63 -29.67
CA THR G 134 16.51 -7.38 -31.12
C THR G 134 17.97 -6.99 -31.42
N ILE G 135 18.42 -7.30 -32.66
CA ILE G 135 19.68 -6.74 -33.29
C ILE G 135 19.33 -6.26 -34.70
N TYR G 136 20.00 -5.21 -35.18
CA TYR G 136 20.01 -4.77 -36.59
C TYR G 136 21.16 -5.47 -37.35
N LEU G 137 20.89 -5.65 -38.67
CA LEU G 137 21.47 -6.65 -39.62
C LEU G 137 22.05 -5.85 -40.75
N GLY G 138 23.24 -5.30 -40.62
CA GLY G 138 23.75 -4.33 -41.62
C GLY G 138 24.02 -2.98 -41.06
N GLY G 139 23.73 -2.77 -39.76
CA GLY G 139 23.84 -1.45 -39.09
C GLY G 139 22.48 -0.79 -38.97
N LYS G 140 21.51 -1.22 -39.80
CA LYS G 140 20.48 -0.31 -40.37
C LYS G 140 19.21 -0.37 -39.54
N PRO G 141 18.72 0.78 -39.00
CA PRO G 141 17.45 0.82 -38.26
C PRO G 141 16.26 0.16 -39.00
N ASP G 142 16.08 0.44 -40.28
CA ASP G 142 14.95 -0.08 -41.10
C ASP G 142 14.98 -1.60 -41.08
N GLN G 143 16.17 -2.19 -41.01
CA GLN G 143 16.40 -3.66 -40.99
C GLN G 143 16.75 -4.09 -39.57
N PRO G 144 15.73 -4.46 -38.73
CA PRO G 144 15.97 -5.22 -37.50
C PRO G 144 15.93 -6.75 -37.65
N ALA G 145 16.12 -7.48 -36.53
CA ALA G 145 15.60 -8.85 -36.33
C ALA G 145 15.52 -9.12 -34.83
N VAL G 146 15.17 -10.34 -34.41
CA VAL G 146 14.85 -10.65 -32.98
C VAL G 146 15.75 -11.80 -32.56
N ILE G 147 16.29 -11.74 -31.32
CA ILE G 147 17.32 -12.67 -30.75
C ILE G 147 16.79 -13.28 -29.45
N LYS G 148 15.74 -14.08 -29.51
CA LYS G 148 15.36 -14.94 -28.37
C LYS G 148 16.59 -15.75 -27.95
N THR G 149 16.88 -15.78 -26.65
CA THR G 149 17.83 -16.73 -25.99
C THR G 149 17.04 -17.58 -24.98
N THR G 150 17.40 -18.87 -24.82
CA THR G 150 16.68 -19.88 -23.99
C THR G 150 17.67 -20.84 -23.31
N PHE G 151 17.50 -21.10 -22.01
CA PHE G 151 18.51 -21.75 -21.13
C PHE G 151 17.98 -23.09 -20.58
N ASN G 152 18.71 -24.17 -20.85
CA ASN G 152 18.48 -25.51 -20.26
C ASN G 152 17.18 -26.12 -20.82
N GLN G 153 16.92 -25.96 -22.12
CA GLN G 153 15.67 -26.46 -22.77
C GLN G 153 15.99 -27.53 -23.82
N GLU G 154 17.28 -27.85 -24.02
CA GLU G 154 17.76 -28.74 -25.12
C GLU G 154 18.53 -29.92 -24.53
N THR G 155 17.99 -31.12 -24.76
CA THR G 155 18.32 -32.40 -24.09
C THR G 155 19.68 -32.92 -24.58
N GLY G 156 20.14 -34.04 -24.03
CA GLY G 156 21.43 -34.68 -24.36
C GLY G 156 22.57 -34.10 -23.55
N CYS G 157 22.26 -33.16 -22.65
CA CYS G 157 23.21 -32.25 -21.97
C CYS G 157 22.73 -32.00 -20.53
N GLU G 158 23.63 -31.54 -19.67
CA GLU G 158 23.28 -31.00 -18.33
C GLU G 158 22.69 -29.58 -18.49
N TYR G 159 23.32 -28.72 -19.30
CA TYR G 159 22.96 -27.29 -19.52
C TYR G 159 22.91 -26.98 -21.01
N SER G 160 22.29 -25.84 -21.36
CA SER G 160 21.98 -25.40 -22.75
C SER G 160 21.77 -23.87 -22.80
N ILE G 161 22.32 -23.21 -23.84
CA ILE G 161 22.12 -21.77 -24.17
C ILE G 161 21.85 -21.66 -25.68
N THR G 162 20.62 -21.34 -26.07
CA THR G 162 20.09 -21.45 -27.45
C THR G 162 19.69 -20.05 -27.93
N PHE G 163 20.24 -19.60 -29.07
CA PHE G 163 19.86 -18.34 -29.76
C PHE G 163 19.06 -18.67 -31.03
N ASP G 164 17.72 -18.67 -30.95
CA ASP G 164 16.86 -18.56 -32.16
C ASP G 164 16.99 -17.15 -32.68
N PHE G 165 17.16 -17.01 -33.99
CA PHE G 165 17.03 -15.75 -34.75
C PHE G 165 15.79 -15.85 -35.65
N SER G 166 15.15 -14.71 -35.96
CA SER G 166 13.84 -14.64 -36.68
C SER G 166 13.49 -13.18 -37.04
N TRP G 167 12.98 -12.97 -38.27
CA TRP G 167 12.75 -11.63 -38.88
C TRP G 167 11.42 -11.61 -39.63
N SER G 168 10.43 -10.93 -39.05
CA SER G 168 9.01 -10.94 -39.47
C SER G 168 8.81 -10.04 -40.69
N LYS G 169 9.82 -9.22 -41.00
CA LYS G 169 9.86 -8.34 -42.19
C LYS G 169 10.38 -9.16 -43.38
N THR G 170 9.99 -8.76 -44.60
CA THR G 170 10.27 -9.43 -45.89
C THR G 170 11.46 -8.71 -46.59
N TYR G 171 12.70 -9.14 -46.30
CA TYR G 171 13.94 -8.40 -46.68
C TYR G 171 14.45 -8.89 -48.04
N GLU G 172 15.11 -7.99 -48.76
CA GLU G 172 15.54 -8.16 -50.18
C GLU G 172 17.04 -7.85 -50.30
N ASN G 173 17.89 -8.88 -50.29
CA ASN G 173 19.37 -8.79 -50.43
C ASN G 173 19.92 -8.19 -49.14
N VAL G 174 19.84 -8.91 -48.04
CA VAL G 174 20.37 -8.41 -46.74
C VAL G 174 21.39 -9.42 -46.23
N GLU G 175 22.65 -8.98 -46.08
CA GLU G 175 23.76 -9.80 -45.54
C GLU G 175 23.62 -9.88 -44.03
N PHE G 176 23.42 -11.10 -43.50
CA PHE G 176 23.15 -11.37 -42.07
C PHE G 176 24.45 -11.16 -41.27
N GLU G 177 24.74 -9.90 -40.89
CA GLU G 177 25.72 -9.54 -39.82
C GLU G 177 25.03 -8.73 -38.73
N THR G 178 25.01 -9.23 -37.50
CA THR G 178 24.24 -8.69 -36.34
C THR G 178 25.11 -7.90 -35.34
N THR G 179 24.73 -6.63 -35.10
CA THR G 179 25.16 -5.77 -33.95
C THR G 179 25.16 -6.57 -32.74
N SER G 180 26.12 -6.34 -31.77
CA SER G 180 26.02 -6.83 -30.32
C SER G 180 24.60 -6.54 -29.75
N PHE G 181 24.12 -7.43 -28.94
CA PHE G 181 22.89 -7.38 -28.13
C PHE G 181 23.25 -7.88 -26.75
N THR G 182 23.06 -7.07 -25.66
CA THR G 182 23.74 -7.25 -24.33
C THR G 182 22.70 -7.58 -23.26
N PHE G 183 22.89 -8.69 -22.54
CA PHE G 183 21.89 -9.40 -21.73
C PHE G 183 22.62 -10.10 -20.57
N SER G 184 21.86 -10.64 -19.57
CA SER G 184 22.42 -11.32 -18.37
C SER G 184 21.54 -12.50 -18.00
N TYR G 185 22.13 -13.58 -17.46
CA TYR G 185 21.42 -14.76 -16.89
C TYR G 185 22.14 -15.21 -15.60
N ILE G 186 21.46 -16.03 -14.80
CA ILE G 186 21.83 -16.35 -13.39
C ILE G 186 22.71 -17.61 -13.38
N ALA G 187 23.74 -17.61 -12.54
CA ALA G 187 24.82 -18.61 -12.53
C ALA G 187 24.43 -19.75 -11.59
N GLN G 188 25.01 -20.94 -11.79
CA GLN G 188 24.82 -22.09 -10.84
C GLN G 188 25.76 -21.89 -9.63
N GLN G 189 26.75 -21.00 -9.75
CA GLN G 189 27.75 -20.68 -8.69
C GLN G 189 28.54 -19.41 -9.06
N THR H 7 40.68 -2.89 -8.81
CA THR H 7 39.93 -2.49 -10.06
C THR H 7 38.69 -1.68 -9.66
N ARG H 8 38.40 -0.61 -10.39
CA ARG H 8 37.28 0.34 -10.12
C ARG H 8 36.67 0.80 -11.46
N THR H 9 35.95 1.93 -11.46
CA THR H 9 35.08 2.37 -12.59
C THR H 9 35.39 3.83 -12.94
N LEU H 10 35.10 4.22 -14.19
CA LEU H 10 35.49 5.53 -14.80
C LEU H 10 34.23 6.29 -15.22
N TRP H 11 33.79 7.22 -14.37
CA TRP H 11 32.44 7.82 -14.44
C TRP H 11 32.54 9.34 -14.55
N THR H 12 31.41 9.98 -14.83
CA THR H 12 31.23 11.46 -14.84
C THR H 12 30.32 11.82 -13.66
N THR H 13 30.77 12.68 -12.73
CA THR H 13 30.03 13.01 -11.48
C THR H 13 28.56 13.27 -11.83
N PRO H 14 27.58 12.61 -11.14
CA PRO H 14 26.16 12.82 -11.41
C PRO H 14 25.55 14.02 -10.64
N ASP H 15 26.08 15.22 -10.88
CA ASP H 15 25.73 16.48 -10.15
C ASP H 15 25.16 17.48 -11.16
N THR H 16 24.45 16.96 -12.17
CA THR H 16 23.62 17.72 -13.14
C THR H 16 24.28 19.08 -13.47
N SER H 17 25.62 19.12 -13.62
CA SER H 17 26.43 20.32 -13.94
C SER H 17 26.95 20.25 -15.38
N PRO H 18 26.53 21.16 -16.29
CA PRO H 18 26.73 20.95 -17.73
C PRO H 18 28.20 20.62 -18.07
N ASN H 19 28.42 19.61 -18.92
CA ASN H 19 29.75 18.98 -19.13
C ASN H 19 29.84 18.41 -20.57
N CYS H 20 29.21 19.05 -21.55
CA CYS H 20 29.06 18.52 -22.94
C CYS H 20 28.47 19.61 -23.85
N THR H 21 29.20 19.92 -24.92
CA THR H 21 28.82 20.86 -26.01
C THR H 21 28.26 20.06 -27.18
N ILE H 22 26.96 20.17 -27.46
CA ILE H 22 26.29 19.56 -28.64
C ILE H 22 26.18 20.63 -29.73
N ALA H 23 25.38 21.68 -29.49
CA ALA H 23 25.08 22.80 -30.42
C ALA H 23 25.87 24.04 -30.03
N GLN H 24 26.16 24.19 -28.73
CA GLN H 24 26.81 25.38 -28.12
C GLN H 24 27.57 25.00 -26.85
N ASP H 25 28.33 25.97 -26.34
CA ASP H 25 29.24 25.75 -25.20
C ASP H 25 28.37 25.28 -24.03
N LYS H 26 28.45 23.98 -23.71
CA LYS H 26 27.98 23.38 -22.44
C LYS H 26 26.44 23.45 -22.36
N ASP H 27 25.75 22.99 -23.43
CA ASP H 27 24.27 23.05 -23.59
C ASP H 27 23.62 21.76 -23.06
N SER H 28 24.42 20.76 -22.67
CA SER H 28 23.92 19.47 -22.09
C SER H 28 24.78 19.00 -20.91
N LYS H 29 24.19 18.12 -20.11
CA LYS H 29 24.84 17.33 -19.06
C LYS H 29 24.64 15.86 -19.42
N LEU H 30 25.75 15.09 -19.52
CA LEU H 30 25.76 13.69 -20.01
C LEU H 30 26.20 12.74 -18.88
N THR H 31 25.33 11.81 -18.47
CA THR H 31 25.50 10.93 -17.28
C THR H 31 25.86 9.51 -17.76
N LEU H 32 26.85 9.40 -18.65
CA LEU H 32 27.55 8.14 -19.01
C LEU H 32 28.47 7.65 -17.88
N VAL H 33 28.27 6.39 -17.46
CA VAL H 33 29.13 5.66 -16.49
C VAL H 33 29.72 4.40 -17.14
N LEU H 34 30.92 3.98 -16.70
CA LEU H 34 31.70 2.84 -17.24
C LEU H 34 32.36 2.09 -16.09
N THR H 35 31.96 0.83 -15.93
CA THR H 35 32.43 -0.08 -14.87
C THR H 35 33.26 -1.20 -15.50
N LYS H 36 34.47 -1.41 -14.97
CA LYS H 36 35.43 -2.44 -15.45
C LYS H 36 35.10 -3.78 -14.79
N CYS H 37 34.43 -4.66 -15.52
CA CYS H 37 34.21 -6.09 -15.16
C CYS H 37 35.08 -6.97 -16.06
N GLY H 38 36.30 -7.28 -15.61
CA GLY H 38 37.32 -8.01 -16.38
C GLY H 38 37.33 -7.56 -17.84
N SER H 39 37.10 -8.51 -18.74
CA SER H 39 37.21 -8.36 -20.22
C SER H 39 35.83 -8.10 -20.85
N GLN H 40 34.84 -7.61 -20.06
CA GLN H 40 33.65 -6.85 -20.59
C GLN H 40 33.41 -5.59 -19.74
N ILE H 41 32.89 -4.52 -20.34
CA ILE H 41 32.64 -3.21 -19.65
C ILE H 41 31.13 -2.93 -19.60
N LEU H 42 30.62 -2.79 -18.37
CA LEU H 42 29.20 -2.48 -18.08
C LEU H 42 29.01 -0.95 -18.16
N ALA H 43 28.21 -0.45 -19.14
CA ALA H 43 28.02 1.00 -19.38
C ALA H 43 26.55 1.45 -19.09
N ASN H 44 26.35 2.58 -18.35
CA ASN H 44 25.04 3.28 -18.07
C ASN H 44 25.12 4.72 -18.56
N VAL H 45 24.44 5.04 -19.64
CA VAL H 45 24.36 6.38 -20.19
C VAL H 45 23.02 7.00 -19.79
N SER H 46 22.98 8.33 -19.70
CA SER H 46 21.79 9.21 -19.85
C SER H 46 22.26 10.55 -20.41
N LEU H 47 21.38 11.57 -20.48
CA LEU H 47 21.68 12.88 -21.14
C LEU H 47 20.57 13.90 -20.83
N ILE H 48 20.95 15.09 -20.34
CA ILE H 48 20.01 16.23 -20.06
C ILE H 48 20.49 17.42 -20.86
N VAL H 49 19.67 17.90 -21.80
CA VAL H 49 19.97 19.09 -22.66
C VAL H 49 19.22 20.30 -22.11
N VAL H 50 19.98 21.33 -21.68
CA VAL H 50 19.50 22.39 -20.74
C VAL H 50 19.57 23.75 -21.45
N ALA H 51 19.91 23.76 -22.75
CA ALA H 51 20.11 24.99 -23.57
C ALA H 51 20.01 24.70 -25.07
N GLY H 52 19.70 25.75 -25.86
CA GLY H 52 19.88 25.84 -27.32
C GLY H 52 18.99 24.90 -28.14
N LYS H 53 19.37 24.74 -29.40
CA LYS H 53 18.62 24.00 -30.47
C LYS H 53 17.90 22.77 -29.95
N TYR H 54 18.59 21.94 -29.17
CA TYR H 54 18.21 20.54 -28.82
C TYR H 54 17.67 20.42 -27.40
N HIS H 55 17.68 21.52 -26.62
CA HIS H 55 16.81 21.71 -25.43
C HIS H 55 15.39 21.19 -25.75
N ILE H 56 14.63 21.90 -26.60
CA ILE H 56 13.14 21.80 -26.64
C ILE H 56 12.69 21.59 -28.10
N ILE H 57 12.04 20.48 -28.36
CA ILE H 57 11.76 20.00 -29.75
C ILE H 57 10.33 20.39 -30.18
N ASN H 58 10.24 21.25 -31.18
CA ASN H 58 9.00 21.52 -31.95
C ASN H 58 9.26 21.12 -33.41
N ASN H 59 8.60 20.09 -33.90
CA ASN H 59 8.71 19.62 -35.30
C ASN H 59 7.46 20.01 -36.09
N LYS H 60 6.94 21.23 -35.85
CA LYS H 60 5.98 21.95 -36.72
C LYS H 60 6.65 23.22 -37.25
N ASN H 61 7.42 23.91 -36.40
CA ASN H 61 8.17 25.16 -36.73
C ASN H 61 9.53 24.81 -37.34
N ASN H 62 10.13 23.72 -36.86
CA ASN H 62 11.51 23.27 -37.20
C ASN H 62 11.49 21.78 -37.53
N PRO H 63 10.59 21.33 -38.44
CA PRO H 63 10.34 19.91 -38.66
C PRO H 63 11.42 19.12 -39.40
N GLU H 64 12.56 19.71 -39.70
CA GLU H 64 13.71 19.00 -40.35
C GLU H 64 14.80 18.71 -39.31
N ILE H 65 14.52 19.00 -38.02
CA ILE H 65 15.44 18.85 -36.86
C ILE H 65 15.07 17.56 -36.11
N LYS H 66 15.95 16.55 -36.10
CA LYS H 66 15.54 15.16 -35.77
C LYS H 66 16.73 14.27 -35.41
N SER H 67 17.98 14.73 -35.41
CA SER H 67 19.00 13.84 -34.76
C SER H 67 20.15 14.63 -34.16
N PHE H 68 20.90 14.02 -33.26
CA PHE H 68 22.30 14.54 -32.93
C PHE H 68 23.29 13.47 -32.44
N THR H 69 24.54 13.82 -32.57
CA THR H 69 25.74 12.98 -32.38
C THR H 69 26.65 13.55 -31.23
N ILE H 70 27.20 12.70 -30.39
CA ILE H 70 28.23 13.02 -29.32
C ILE H 70 29.41 11.99 -29.44
N LYS H 71 30.59 12.43 -29.78
CA LYS H 71 31.81 11.61 -30.00
C LYS H 71 32.81 11.79 -28.84
N LEU H 72 33.09 10.71 -28.10
CA LEU H 72 34.01 10.63 -26.92
C LEU H 72 35.43 10.14 -27.30
N LEU H 73 36.36 11.02 -27.70
CA LEU H 73 37.63 10.61 -28.39
C LEU H 73 38.77 10.48 -27.36
N PHE H 74 39.49 9.36 -27.37
CA PHE H 74 40.60 9.09 -26.42
C PHE H 74 41.90 8.91 -27.20
N ASP H 75 43.01 8.63 -26.49
CA ASP H 75 44.36 8.45 -27.09
C ASP H 75 44.92 7.09 -26.79
N LYS H 76 46.15 6.80 -27.22
CA LYS H 76 46.83 5.48 -27.00
C LYS H 76 46.80 5.12 -25.51
N ASN H 77 46.95 6.11 -24.64
CA ASN H 77 46.96 5.95 -23.15
C ASN H 77 45.54 5.85 -22.57
N GLY H 78 44.49 6.01 -23.40
CA GLY H 78 43.09 5.85 -22.97
C GLY H 78 42.65 7.04 -22.13
N VAL H 79 43.07 8.23 -22.48
CA VAL H 79 42.66 9.49 -21.82
C VAL H 79 41.95 10.32 -22.89
N LEU H 80 40.94 11.06 -22.44
CA LEU H 80 39.96 11.78 -23.27
C LEU H 80 40.69 12.99 -23.88
N LEU H 81 40.64 13.12 -25.20
CA LEU H 81 41.03 14.34 -25.93
C LEU H 81 40.03 15.45 -25.59
N ASP H 82 40.48 16.70 -25.57
CA ASP H 82 39.71 17.91 -25.14
C ASP H 82 39.02 18.57 -26.34
N ASN H 83 39.01 17.91 -27.50
CA ASN H 83 38.33 18.33 -28.75
C ASN H 83 37.09 17.45 -28.99
N SER H 84 36.74 16.62 -28.00
CA SER H 84 35.42 15.93 -27.87
C SER H 84 34.37 16.93 -27.37
N ASN H 85 33.11 16.77 -27.79
CA ASN H 85 31.93 17.46 -27.19
C ASN H 85 31.98 17.34 -25.65
N LEU H 86 32.03 16.11 -25.13
CA LEU H 86 32.18 15.84 -23.67
C LEU H 86 33.50 16.47 -23.19
N GLY H 87 33.56 16.89 -21.92
CA GLY H 87 34.69 17.64 -21.34
C GLY H 87 35.66 16.73 -20.61
N LYS H 88 36.74 17.30 -20.05
CA LYS H 88 37.89 16.54 -19.48
C LYS H 88 37.93 16.66 -17.95
N THR H 89 37.55 17.81 -17.39
CA THR H 89 37.80 18.14 -15.94
C THR H 89 36.85 17.32 -15.04
N TYR H 90 35.71 16.86 -15.57
CA TYR H 90 34.65 16.12 -14.84
C TYR H 90 34.92 14.60 -14.90
N TRP H 91 35.60 14.15 -15.96
CA TRP H 91 35.69 12.73 -16.40
C TRP H 91 36.91 12.06 -15.75
N ASN H 92 36.71 11.32 -14.66
CA ASN H 92 37.80 10.73 -13.86
C ASN H 92 37.22 9.58 -13.02
N PHE H 93 38.00 8.51 -12.80
CA PHE H 93 37.58 7.30 -12.04
C PHE H 93 36.97 7.74 -10.71
N ARG H 94 35.82 7.18 -10.35
CA ARG H 94 35.14 7.53 -9.08
C ARG H 94 36.02 7.01 -7.92
N SER H 95 36.30 7.87 -6.94
CA SER H 95 36.81 7.48 -5.58
C SER H 95 35.86 8.01 -4.51
N GLY H 96 34.72 7.32 -4.35
CA GLY H 96 33.66 7.60 -3.37
C GLY H 96 32.40 8.09 -4.07
N ASP H 97 31.99 9.33 -3.76
CA ASP H 97 30.95 10.11 -4.49
C ASP H 97 31.66 11.20 -5.32
N SER H 98 33.01 11.21 -5.28
CA SER H 98 33.91 12.12 -6.01
C SER H 98 34.85 11.31 -6.91
N ASN H 99 35.84 11.98 -7.53
CA ASN H 99 36.77 11.39 -8.53
C ASN H 99 38.19 11.29 -7.92
N VAL H 100 39.13 10.74 -8.68
CA VAL H 100 40.53 10.39 -8.27
C VAL H 100 41.20 11.59 -7.60
N SER H 101 40.92 12.82 -8.06
CA SER H 101 41.44 14.12 -7.53
C SER H 101 42.88 14.36 -8.02
N THR H 102 43.41 13.44 -8.83
CA THR H 102 44.56 13.64 -9.75
C THR H 102 44.06 13.43 -11.18
N ALA H 103 44.75 14.00 -12.17
CA ALA H 103 44.55 13.70 -13.60
C ALA H 103 44.82 12.21 -13.82
N TYR H 104 43.77 11.41 -13.96
CA TYR H 104 43.84 9.93 -14.03
C TYR H 104 44.73 9.51 -15.21
N GLU H 105 45.29 8.31 -15.14
CA GLU H 105 46.02 7.63 -16.25
C GLU H 105 45.60 6.15 -16.26
N LYS H 106 46.29 5.30 -17.02
CA LYS H 106 46.03 3.82 -17.09
C LYS H 106 44.52 3.62 -17.32
N ALA H 107 44.00 4.14 -18.43
CA ALA H 107 42.59 3.96 -18.83
C ALA H 107 42.50 2.96 -20.00
N ILE H 108 43.51 2.09 -20.17
CA ILE H 108 43.48 0.98 -21.16
C ILE H 108 42.67 -0.18 -20.54
N GLY H 109 41.85 -0.82 -21.35
CA GLY H 109 40.92 -1.88 -20.88
C GLY H 109 39.63 -1.30 -20.30
N PHE H 110 39.43 0.02 -20.44
CA PHE H 110 38.12 0.71 -20.34
C PHE H 110 37.64 1.00 -21.78
N MET H 111 38.55 0.93 -22.72
CA MET H 111 38.34 1.34 -24.13
C MET H 111 37.70 0.17 -24.89
N PRO H 112 37.18 0.38 -26.10
CA PRO H 112 36.60 -0.67 -26.86
C PRO H 112 37.81 -1.40 -27.58
N ASN H 113 38.04 -2.60 -27.35
CA ASN H 113 39.18 -3.41 -27.96
C ASN H 113 39.15 -3.34 -29.48
N LEU H 114 40.25 -2.84 -30.07
CA LEU H 114 40.38 -2.44 -31.51
C LEU H 114 40.24 -3.65 -32.45
N VAL H 115 40.23 -4.88 -31.91
CA VAL H 115 39.87 -6.11 -32.67
C VAL H 115 38.35 -6.35 -32.53
N ALA H 116 37.82 -5.92 -31.38
CA ALA H 116 36.41 -6.04 -30.93
C ALA H 116 35.49 -5.10 -31.72
N TYR H 117 36.05 -4.06 -32.25
CA TYR H 117 35.43 -2.96 -33.00
C TYR H 117 36.45 -2.18 -33.81
N PRO H 118 36.82 -2.64 -35.03
CA PRO H 118 38.00 -2.11 -35.74
C PRO H 118 38.06 -0.60 -36.11
N LYS H 119 39.21 -0.16 -36.66
CA LYS H 119 39.42 1.19 -37.27
C LYS H 119 39.24 1.10 -38.80
N PRO H 120 38.39 1.98 -39.38
CA PRO H 120 37.77 1.73 -40.70
C PRO H 120 38.68 1.37 -41.89
N SER H 121 39.93 1.89 -41.91
CA SER H 121 40.87 1.71 -43.05
C SER H 121 41.45 0.30 -43.01
N ASN H 122 42.13 -0.11 -44.11
CA ASN H 122 42.73 -1.45 -44.30
C ASN H 122 41.83 -2.53 -43.67
N SER H 123 40.66 -2.78 -44.27
CA SER H 123 39.61 -3.69 -43.74
C SER H 123 38.35 -3.64 -44.62
N LYS H 124 37.40 -4.54 -44.33
CA LYS H 124 35.95 -4.43 -44.60
C LYS H 124 35.22 -4.47 -43.25
N LYS H 125 34.57 -3.37 -42.86
CA LYS H 125 33.95 -3.19 -41.52
C LYS H 125 32.73 -4.12 -41.40
N TYR H 126 32.42 -4.58 -40.18
CA TYR H 126 31.24 -5.43 -39.84
C TYR H 126 30.39 -4.76 -38.75
N ALA H 127 29.07 -5.04 -38.76
CA ALA H 127 28.01 -4.17 -38.19
C ALA H 127 28.10 -4.23 -36.67
N ARG H 128 28.96 -5.12 -36.17
CA ARG H 128 28.99 -5.49 -34.78
C ARG H 128 29.74 -4.37 -34.03
N ASP H 129 30.06 -3.29 -34.69
CA ASP H 129 30.44 -1.98 -34.14
C ASP H 129 29.25 -1.13 -33.57
N ILE H 130 27.98 -1.55 -33.74
CA ILE H 130 26.76 -0.70 -33.53
C ILE H 130 25.85 -1.34 -32.49
N VAL H 131 25.20 -0.55 -31.62
CA VAL H 131 24.53 -0.98 -30.32
C VAL H 131 23.21 -0.18 -30.21
N TYR H 132 22.26 -0.45 -31.10
CA TYR H 132 21.12 0.45 -31.30
C TYR H 132 20.30 0.47 -30.04
N GLY H 133 19.64 1.60 -29.74
CA GLY H 133 18.71 1.47 -28.52
C GLY H 133 17.84 2.74 -28.33
N THR H 134 16.86 2.51 -27.63
CA THR H 134 15.65 3.45 -27.59
C THR H 134 15.48 3.89 -26.17
N ILE H 135 15.64 5.12 -25.92
CA ILE H 135 15.26 5.76 -24.61
C ILE H 135 14.02 6.67 -24.82
N TYR H 136 13.42 7.22 -23.72
CA TYR H 136 12.08 7.89 -23.67
C TYR H 136 12.17 9.32 -23.06
N LEU H 137 11.68 10.31 -23.78
CA LEU H 137 11.92 11.74 -23.48
C LEU H 137 10.88 12.25 -22.48
N GLY H 138 11.34 12.56 -21.25
CA GLY H 138 10.58 13.01 -20.08
C GLY H 138 10.35 11.86 -19.17
N GLY H 139 10.46 10.63 -19.72
CA GLY H 139 10.00 9.37 -19.09
C GLY H 139 8.63 8.99 -19.63
N LYS H 140 8.12 9.69 -20.62
CA LYS H 140 6.77 9.39 -21.22
C LYS H 140 6.93 8.26 -22.25
N PRO H 141 6.16 7.16 -22.15
CA PRO H 141 6.24 6.08 -23.13
C PRO H 141 6.03 6.47 -24.61
N ASP H 142 5.05 7.34 -24.89
CA ASP H 142 4.65 7.76 -26.26
C ASP H 142 5.70 8.73 -26.82
N GLN H 143 6.72 9.07 -26.02
CA GLN H 143 7.86 9.92 -26.44
C GLN H 143 9.14 9.08 -26.47
N PRO H 144 9.44 8.37 -27.58
CA PRO H 144 10.70 7.63 -27.73
C PRO H 144 11.80 8.31 -28.56
N ALA H 145 13.03 7.82 -28.38
CA ALA H 145 14.23 8.32 -29.03
C ALA H 145 15.16 7.15 -29.29
N VAL H 146 16.04 7.15 -30.29
CA VAL H 146 16.78 5.86 -30.57
C VAL H 146 18.25 6.08 -30.19
N ILE H 147 18.80 5.36 -29.35
CA ILE H 147 20.15 5.91 -28.84
C ILE H 147 21.37 4.94 -29.33
N LYS H 148 21.95 5.24 -30.40
CA LYS H 148 22.91 4.28 -31.16
C LYS H 148 24.42 4.57 -30.96
N THR H 149 24.97 3.88 -30.15
CA THR H 149 26.40 4.21 -29.66
C THR H 149 27.45 3.32 -30.43
N THR H 150 28.42 3.84 -31.13
CA THR H 150 29.43 2.99 -31.86
C THR H 150 30.89 3.22 -31.42
N PHE H 151 31.54 2.14 -31.04
CA PHE H 151 32.95 2.04 -30.59
C PHE H 151 33.87 2.24 -31.76
N ASN H 152 34.95 2.99 -31.57
CA ASN H 152 35.99 3.28 -32.60
C ASN H 152 35.37 3.48 -33.97
N GLN H 153 34.66 4.58 -34.21
CA GLN H 153 34.35 4.87 -35.63
C GLN H 153 34.57 6.36 -35.91
N GLU H 154 35.45 7.00 -35.15
CA GLU H 154 35.99 8.36 -35.45
C GLU H 154 37.49 8.20 -35.53
N THR H 155 38.13 8.98 -36.42
CA THR H 155 39.49 8.77 -36.98
C THR H 155 40.32 10.00 -36.70
N GLY H 156 41.63 9.80 -36.54
CA GLY H 156 42.52 10.78 -35.90
C GLY H 156 42.37 10.71 -34.40
N CYS H 157 42.34 9.50 -33.87
CA CYS H 157 42.23 9.22 -32.43
C CYS H 157 42.59 7.76 -32.23
N GLU H 158 42.73 7.34 -30.97
CA GLU H 158 42.94 5.92 -30.65
C GLU H 158 41.58 5.23 -30.56
N TYR H 159 40.76 5.54 -29.55
CA TYR H 159 39.47 4.83 -29.29
C TYR H 159 38.32 5.83 -29.05
N SER H 160 37.30 5.74 -29.91
CA SER H 160 36.10 6.62 -29.92
C SER H 160 34.88 5.89 -29.37
N ILE H 161 33.97 6.60 -28.68
CA ILE H 161 32.55 6.14 -28.40
C ILE H 161 31.56 7.25 -28.87
N THR H 162 31.10 7.16 -30.12
CA THR H 162 30.15 8.12 -30.77
C THR H 162 28.71 7.72 -30.43
N PHE H 163 28.08 8.47 -29.49
CA PHE H 163 26.60 8.45 -29.25
C PHE H 163 25.95 9.23 -30.36
N ASP H 164 25.01 8.61 -31.09
CA ASP H 164 24.10 9.30 -32.10
C ASP H 164 22.72 9.15 -31.48
N PHE H 165 21.93 10.20 -31.41
CA PHE H 165 20.50 10.24 -30.91
C PHE H 165 19.65 10.91 -31.97
N SER H 166 18.48 10.38 -32.13
CA SER H 166 17.66 10.56 -33.35
C SER H 166 16.26 10.21 -32.99
N TRP H 167 15.30 10.88 -33.60
CA TRP H 167 13.87 10.69 -33.25
C TRP H 167 13.03 11.05 -34.48
N SER H 168 11.92 10.34 -34.67
CA SER H 168 11.18 10.13 -35.94
C SER H 168 9.71 10.54 -35.78
N LYS H 169 9.41 11.41 -34.81
CA LYS H 169 8.03 11.90 -34.51
C LYS H 169 8.00 13.43 -34.57
N THR H 170 6.79 13.99 -34.74
CA THR H 170 6.51 15.44 -34.89
C THR H 170 6.29 16.04 -33.50
N TYR H 171 7.38 16.21 -32.73
CA TYR H 171 7.38 16.56 -31.28
C TYR H 171 7.17 18.07 -31.12
N GLU H 172 6.10 18.45 -30.43
CA GLU H 172 5.68 19.86 -30.19
C GLU H 172 6.06 20.25 -28.76
N ASN H 173 7.20 20.90 -28.56
CA ASN H 173 7.68 21.40 -27.25
C ASN H 173 7.81 20.23 -26.28
N VAL H 174 8.37 19.11 -26.76
CA VAL H 174 9.05 18.09 -25.90
C VAL H 174 10.41 18.67 -25.50
N GLU H 175 10.88 18.33 -24.30
CA GLU H 175 12.20 18.74 -23.72
C GLU H 175 13.09 17.51 -23.69
N PHE H 176 14.28 17.59 -24.29
CA PHE H 176 15.18 16.40 -24.43
C PHE H 176 16.02 16.23 -23.18
N GLU H 177 15.43 15.53 -22.20
CA GLU H 177 16.08 14.94 -20.99
C GLU H 177 15.68 13.48 -20.99
N THR H 178 16.65 12.57 -20.85
CA THR H 178 16.57 11.20 -21.37
C THR H 178 16.50 10.22 -20.20
N THR H 179 15.92 9.06 -20.49
CA THR H 179 15.80 7.89 -19.58
C THR H 179 17.08 7.08 -19.65
N SER H 180 17.36 6.25 -18.66
CA SER H 180 18.67 5.56 -18.48
C SER H 180 18.65 4.23 -19.23
N PHE H 181 19.83 3.74 -19.63
CA PHE H 181 19.99 2.63 -20.62
C PHE H 181 21.25 1.83 -20.30
N THR H 182 21.11 0.52 -20.42
CA THR H 182 22.16 -0.48 -20.14
C THR H 182 22.72 -1.02 -21.46
N PHE H 183 24.05 -0.94 -21.59
CA PHE H 183 24.84 -1.75 -22.56
C PHE H 183 26.18 -2.19 -21.93
N SER H 184 26.85 -3.14 -22.58
CA SER H 184 28.26 -3.52 -22.32
C SER H 184 29.00 -3.48 -23.64
N TYR H 185 30.33 -3.69 -23.60
CA TYR H 185 31.18 -3.98 -24.79
C TYR H 185 32.56 -4.48 -24.38
N ILE H 186 33.15 -5.32 -25.24
CA ILE H 186 34.39 -6.11 -24.97
C ILE H 186 35.48 -5.10 -24.76
N ALA H 187 36.25 -5.16 -23.67
CA ALA H 187 37.37 -4.20 -23.32
C ALA H 187 38.71 -4.70 -23.88
N GLN H 188 39.51 -3.78 -24.47
CA GLN H 188 40.74 -3.98 -25.28
C GLN H 188 41.63 -5.02 -24.60
N GLN H 189 41.79 -4.96 -23.25
CA GLN H 189 42.55 -5.93 -22.41
C GLN H 189 41.93 -6.05 -21.01
N THR I 7 31.66 -8.18 -5.21
CA THR I 7 31.84 -9.67 -5.34
C THR I 7 30.72 -10.43 -4.62
N ARG I 8 29.58 -9.80 -4.32
CA ARG I 8 28.45 -10.42 -3.53
C ARG I 8 27.13 -10.29 -4.29
N THR I 9 26.07 -10.93 -3.82
CA THR I 9 24.75 -10.95 -4.50
C THR I 9 23.60 -10.88 -3.48
N LEU I 10 22.70 -9.91 -3.67
CA LEU I 10 21.52 -9.65 -2.81
C LEU I 10 20.26 -9.95 -3.62
N TRP I 11 19.59 -11.06 -3.31
CA TRP I 11 18.58 -11.68 -4.20
C TRP I 11 17.41 -12.22 -3.41
N THR I 12 16.29 -12.46 -4.10
CA THR I 12 15.29 -13.51 -3.77
C THR I 12 15.88 -14.85 -4.24
N THR I 13 15.60 -15.96 -3.53
CA THR I 13 15.87 -17.36 -3.98
C THR I 13 15.04 -17.67 -5.22
N PRO I 14 15.59 -18.31 -6.29
CA PRO I 14 14.94 -18.38 -7.59
C PRO I 14 14.09 -19.64 -7.78
N ASP I 15 13.34 -20.00 -6.74
CA ASP I 15 12.41 -21.15 -6.66
C ASP I 15 11.05 -20.69 -7.23
N THR I 16 10.02 -21.53 -7.15
CA THR I 16 8.60 -21.21 -7.55
C THR I 16 7.74 -20.85 -6.29
N SER I 17 8.37 -20.40 -5.20
CA SER I 17 7.67 -20.08 -3.92
C SER I 17 7.18 -18.65 -3.94
N PRO I 18 5.86 -18.41 -3.85
CA PRO I 18 5.34 -17.05 -3.75
C PRO I 18 5.96 -16.31 -2.57
N ASN I 19 6.50 -15.13 -2.83
CA ASN I 19 7.18 -14.23 -1.85
C ASN I 19 6.62 -12.79 -1.94
N CYS I 20 5.63 -12.56 -2.82
CA CYS I 20 5.26 -11.22 -3.31
C CYS I 20 3.72 -11.07 -3.34
N THR I 21 3.19 -10.11 -2.52
CA THR I 21 1.78 -9.63 -2.47
C THR I 21 1.61 -8.37 -3.34
N ILE I 22 0.82 -8.45 -4.40
CA ILE I 22 0.45 -7.30 -5.28
C ILE I 22 -1.00 -6.89 -4.92
N ALA I 23 -1.96 -7.80 -5.15
CA ALA I 23 -3.41 -7.63 -4.85
C ALA I 23 -3.74 -8.26 -3.48
N GLN I 24 -3.94 -9.59 -3.46
CA GLN I 24 -4.09 -10.43 -2.23
C GLN I 24 -2.75 -11.06 -1.82
N ASP I 25 -2.76 -11.86 -0.74
CA ASP I 25 -1.54 -12.23 0.02
C ASP I 25 -0.78 -13.30 -0.78
N LYS I 26 0.49 -13.02 -1.11
CA LYS I 26 1.41 -13.95 -1.83
C LYS I 26 0.67 -14.57 -3.01
N ASP I 27 0.58 -13.82 -4.11
CA ASP I 27 -0.05 -14.21 -5.40
C ASP I 27 0.95 -13.99 -6.53
N SER I 28 2.18 -13.56 -6.21
CA SER I 28 3.29 -13.43 -7.17
C SER I 28 4.60 -14.00 -6.60
N LYS I 29 5.43 -14.58 -7.46
CA LYS I 29 6.90 -14.79 -7.26
C LYS I 29 7.64 -13.74 -8.10
N LEU I 30 8.37 -12.83 -7.44
CA LEU I 30 9.27 -11.84 -8.11
C LEU I 30 10.70 -12.37 -8.06
N THR I 31 11.25 -12.75 -9.20
CA THR I 31 12.56 -13.46 -9.31
C THR I 31 13.67 -12.43 -9.61
N LEU I 32 13.77 -11.37 -8.79
CA LEU I 32 14.79 -10.28 -8.95
C LEU I 32 16.10 -10.74 -8.30
N VAL I 33 17.23 -10.46 -8.97
CA VAL I 33 18.63 -10.65 -8.48
C VAL I 33 19.36 -9.33 -8.80
N LEU I 34 20.24 -8.85 -7.91
CA LEU I 34 21.13 -7.70 -8.12
C LEU I 34 22.57 -8.13 -7.82
N THR I 35 23.45 -7.92 -8.78
CA THR I 35 24.91 -8.26 -8.75
C THR I 35 25.75 -6.98 -8.72
N LYS I 36 26.50 -6.73 -7.64
CA LYS I 36 27.25 -5.48 -7.44
C LYS I 36 28.48 -5.48 -8.36
N CYS I 37 28.85 -4.30 -8.87
CA CYS I 37 30.06 -4.03 -9.66
C CYS I 37 30.54 -2.59 -9.40
N GLY I 38 31.14 -2.36 -8.21
CA GLY I 38 31.89 -1.14 -7.87
C GLY I 38 30.99 0.07 -7.65
N SER I 39 30.64 0.80 -8.72
CA SER I 39 29.70 1.95 -8.69
C SER I 39 28.45 1.64 -9.54
N GLN I 40 28.29 0.39 -9.97
CA GLN I 40 27.12 -0.09 -10.74
C GLN I 40 26.66 -1.41 -10.17
N ILE I 41 25.34 -1.59 -10.05
CA ILE I 41 24.68 -2.89 -9.79
C ILE I 41 24.03 -3.37 -11.10
N LEU I 42 24.45 -4.54 -11.58
CA LEU I 42 23.79 -5.31 -12.68
C LEU I 42 22.53 -5.95 -12.13
N ALA I 43 21.39 -5.89 -12.85
CA ALA I 43 20.08 -6.39 -12.32
C ALA I 43 19.40 -7.29 -13.34
N ASN I 44 18.98 -8.48 -12.88
CA ASN I 44 18.14 -9.45 -13.60
C ASN I 44 16.77 -9.63 -12.92
N VAL I 45 15.66 -9.24 -13.56
CA VAL I 45 14.29 -9.30 -12.95
C VAL I 45 13.36 -10.12 -13.87
N SER I 46 12.32 -10.71 -13.29
CA SER I 46 11.10 -11.23 -13.98
C SER I 46 9.97 -11.29 -12.95
N LEU I 47 8.74 -11.53 -13.41
CA LEU I 47 7.60 -11.72 -12.49
C LEU I 47 6.81 -12.97 -12.89
N ILE I 48 6.33 -13.71 -11.88
CA ILE I 48 5.40 -14.86 -12.02
C ILE I 48 4.21 -14.63 -11.09
N VAL I 49 2.99 -14.57 -11.63
CA VAL I 49 1.70 -14.48 -10.87
C VAL I 49 1.06 -15.86 -10.85
N VAL I 50 0.72 -16.35 -9.66
CA VAL I 50 0.30 -17.76 -9.44
C VAL I 50 -1.16 -17.81 -8.95
N ALA I 51 -1.79 -16.65 -8.78
CA ALA I 51 -3.19 -16.47 -8.30
C ALA I 51 -3.56 -14.98 -8.32
N GLY I 52 -4.81 -14.66 -8.00
CA GLY I 52 -5.28 -13.30 -7.68
C GLY I 52 -6.02 -12.67 -8.84
N LYS I 53 -6.03 -11.34 -8.89
CA LYS I 53 -6.85 -10.51 -9.82
C LYS I 53 -6.03 -10.22 -11.09
N TYR I 54 -4.71 -10.29 -10.99
CA TYR I 54 -3.77 -9.96 -12.10
C TYR I 54 -3.29 -11.26 -12.76
N HIS I 55 -3.67 -12.42 -12.22
CA HIS I 55 -3.17 -13.75 -12.67
C HIS I 55 -3.37 -13.92 -14.19
N ILE I 56 -4.62 -14.12 -14.64
CA ILE I 56 -4.93 -14.46 -16.07
C ILE I 56 -6.29 -13.87 -16.51
N ILE I 57 -6.90 -12.96 -15.74
CA ILE I 57 -8.38 -12.75 -15.77
C ILE I 57 -8.77 -11.61 -16.73
N ASN I 58 -7.83 -10.81 -17.24
CA ASN I 58 -8.20 -9.70 -18.17
C ASN I 58 -9.34 -10.20 -19.06
N ASN I 59 -9.08 -11.28 -19.81
CA ASN I 59 -9.97 -11.86 -20.84
C ASN I 59 -10.46 -10.68 -21.73
N LYS I 60 -11.77 -10.51 -21.94
CA LYS I 60 -12.33 -9.31 -22.62
C LYS I 60 -13.08 -8.47 -21.58
N ASN I 61 -13.76 -9.17 -20.67
CA ASN I 61 -14.70 -8.61 -19.66
C ASN I 61 -13.98 -7.68 -18.68
N ASN I 62 -12.67 -7.89 -18.46
CA ASN I 62 -11.84 -7.10 -17.48
C ASN I 62 -10.81 -6.28 -18.24
N PRO I 63 -11.14 -5.03 -18.64
CA PRO I 63 -10.14 -4.11 -19.18
C PRO I 63 -9.61 -3.02 -18.23
N GLU I 64 -10.45 -2.57 -17.27
CA GLU I 64 -10.23 -1.34 -16.45
C GLU I 64 -8.77 -1.23 -16.00
N ILE I 65 -8.17 -0.05 -16.24
CA ILE I 65 -6.81 0.42 -15.80
C ILE I 65 -5.85 -0.74 -15.49
N LYS I 66 -5.80 -1.78 -16.34
CA LYS I 66 -4.94 -2.98 -16.10
C LYS I 66 -3.47 -2.58 -16.29
N SER I 67 -2.89 -2.09 -15.20
CA SER I 67 -1.46 -1.80 -14.96
C SER I 67 -1.25 -1.95 -13.46
N PHE I 68 -0.20 -2.63 -13.03
CA PHE I 68 0.08 -2.81 -11.59
C PHE I 68 1.56 -2.47 -11.31
N THR I 69 1.87 -2.34 -10.02
CA THR I 69 3.09 -1.68 -9.51
C THR I 69 3.60 -2.51 -8.35
N ILE I 70 4.91 -2.66 -8.25
CA ILE I 70 5.59 -3.39 -7.14
C ILE I 70 6.74 -2.51 -6.69
N LYS I 71 6.79 -2.17 -5.40
CA LYS I 71 7.74 -1.18 -4.80
C LYS I 71 8.69 -1.92 -3.83
N LEU I 72 10.00 -1.70 -3.91
CA LEU I 72 10.96 -2.16 -2.86
C LEU I 72 11.49 -0.92 -2.15
N LEU I 73 11.04 -0.68 -0.94
CA LEU I 73 11.43 0.47 -0.08
C LEU I 73 12.51 0.00 0.91
N PHE I 74 13.66 0.70 0.99
CA PHE I 74 14.76 0.34 1.94
C PHE I 74 15.08 1.49 2.90
N ASP I 75 15.58 1.18 4.10
CA ASP I 75 15.89 2.19 5.15
C ASP I 75 17.33 2.65 4.98
N LYS I 76 17.86 3.38 5.98
CA LYS I 76 19.13 4.18 5.92
C LYS I 76 20.33 3.25 5.77
N ASN I 77 20.17 1.97 6.03
CA ASN I 77 21.19 0.90 5.85
C ASN I 77 20.82 0.03 4.64
N GLY I 78 19.75 0.41 3.93
CA GLY I 78 19.29 -0.26 2.71
C GLY I 78 18.70 -1.63 2.99
N VAL I 79 17.94 -1.75 4.08
CA VAL I 79 17.31 -3.02 4.54
C VAL I 79 15.80 -2.86 4.41
N LEU I 80 15.12 -3.91 3.91
CA LEU I 80 13.79 -3.83 3.23
C LEU I 80 12.71 -3.39 4.21
N LEU I 81 12.20 -2.16 4.06
CA LEU I 81 11.04 -1.68 4.86
C LEU I 81 9.88 -2.65 4.66
N ASP I 82 9.33 -3.17 5.77
CA ASP I 82 8.52 -4.40 5.79
C ASP I 82 7.20 -4.17 5.05
N ASN I 83 6.85 -2.89 4.75
CA ASN I 83 5.60 -2.50 4.04
C ASN I 83 5.75 -2.59 2.53
N SER I 84 6.96 -2.86 2.03
CA SER I 84 7.24 -3.23 0.61
C SER I 84 6.15 -4.18 0.10
N ASN I 85 6.02 -4.26 -1.22
CA ASN I 85 5.25 -5.33 -1.90
C ASN I 85 5.91 -6.67 -1.60
N LEU I 86 7.21 -6.79 -1.83
CA LEU I 86 8.06 -7.99 -1.57
C LEU I 86 8.12 -8.26 -0.08
N GLY I 87 8.26 -9.54 0.32
CA GLY I 87 8.40 -10.00 1.72
C GLY I 87 9.85 -10.27 2.14
N LYS I 88 10.17 -9.86 3.37
CA LYS I 88 11.55 -9.56 3.89
C LYS I 88 12.40 -10.84 4.05
N THR I 89 11.76 -11.99 4.16
CA THR I 89 12.34 -13.27 4.69
C THR I 89 12.96 -14.07 3.55
N TYR I 90 12.71 -13.65 2.32
CA TYR I 90 13.08 -14.32 1.05
C TYR I 90 14.27 -13.60 0.44
N TRP I 91 14.43 -12.32 0.80
CA TRP I 91 15.51 -11.39 0.38
C TRP I 91 16.67 -11.40 1.39
N ASN I 92 17.91 -11.57 0.90
CA ASN I 92 19.16 -11.66 1.70
C ASN I 92 20.33 -11.99 0.77
N PHE I 93 21.57 -11.74 1.21
CA PHE I 93 22.82 -12.10 0.49
C PHE I 93 22.81 -13.59 0.15
N ARG I 94 23.55 -13.99 -0.89
CA ARG I 94 23.57 -15.38 -1.42
C ARG I 94 24.85 -16.07 -0.94
N SER I 95 24.77 -17.37 -0.63
CA SER I 95 25.92 -18.27 -0.44
C SER I 95 25.49 -19.72 -0.76
N GLY I 96 25.78 -20.17 -1.99
CA GLY I 96 25.23 -21.40 -2.59
C GLY I 96 24.00 -21.09 -3.43
N ASP I 97 22.89 -21.81 -3.19
CA ASP I 97 21.53 -21.49 -3.70
C ASP I 97 20.72 -20.81 -2.59
N SER I 98 21.30 -20.71 -1.39
CA SER I 98 20.64 -20.25 -0.14
C SER I 98 21.04 -18.79 0.14
N ASN I 99 20.58 -18.23 1.26
CA ASN I 99 20.75 -16.79 1.62
C ASN I 99 21.43 -16.66 3.00
N VAL I 100 22.21 -17.67 3.41
CA VAL I 100 23.05 -17.69 4.66
C VAL I 100 22.16 -17.73 5.91
N SER I 101 20.82 -17.70 5.74
CA SER I 101 19.75 -17.89 6.78
C SER I 101 19.99 -17.00 8.01
N THR I 102 20.52 -15.77 7.80
CA THR I 102 20.65 -14.69 8.82
C THR I 102 20.41 -13.33 8.14
N ALA I 103 19.38 -12.60 8.58
CA ALA I 103 18.91 -11.32 7.98
C ALA I 103 20.09 -10.38 7.75
N TYR I 104 20.20 -9.82 6.55
CA TYR I 104 21.20 -8.78 6.17
C TYR I 104 20.93 -7.53 7.02
N GLU I 105 21.95 -6.68 7.15
CA GLU I 105 21.96 -5.49 8.06
C GLU I 105 22.65 -4.31 7.37
N LYS I 106 23.82 -4.54 6.76
CA LYS I 106 24.51 -3.58 5.85
C LYS I 106 24.25 -4.00 4.38
N ALA I 107 23.87 -3.04 3.53
CA ALA I 107 23.56 -3.20 2.08
C ALA I 107 23.55 -1.84 1.37
N ILE I 108 24.06 -0.78 2.00
CA ILE I 108 24.32 0.50 1.28
C ILE I 108 25.31 0.18 0.15
N GLY I 109 24.95 0.52 -1.09
CA GLY I 109 25.80 0.27 -2.28
C GLY I 109 25.05 -0.51 -3.35
N PHE I 110 24.22 -1.48 -2.94
CA PHE I 110 23.23 -2.16 -3.80
C PHE I 110 22.08 -1.18 -4.09
N MET I 111 22.05 -0.11 -3.30
CA MET I 111 21.06 1.00 -3.34
C MET I 111 21.33 1.89 -4.57
N PRO I 112 20.28 2.53 -5.15
CA PRO I 112 20.47 3.52 -6.20
C PRO I 112 21.12 4.80 -5.61
N ASN I 113 22.01 5.44 -6.36
CA ASN I 113 22.73 6.67 -5.96
C ASN I 113 21.79 7.87 -5.96
N LEU I 114 21.31 8.28 -4.77
CA LEU I 114 20.50 9.51 -4.52
C LEU I 114 20.93 10.64 -5.46
N VAL I 115 22.19 11.04 -5.40
CA VAL I 115 22.73 12.17 -6.24
C VAL I 115 22.44 11.88 -7.72
N ALA I 116 22.42 10.61 -8.15
CA ALA I 116 22.08 10.21 -9.54
C ALA I 116 20.56 10.25 -9.70
N TYR I 117 19.86 9.45 -8.90
CA TYR I 117 18.38 9.40 -8.84
C TYR I 117 17.93 10.10 -7.57
N PRO I 118 17.77 11.44 -7.61
CA PRO I 118 17.44 12.21 -6.40
C PRO I 118 15.98 12.00 -5.93
N LYS I 119 15.71 12.38 -4.68
CA LYS I 119 14.35 12.33 -4.13
C LYS I 119 13.51 13.42 -4.80
N PRO I 120 12.18 13.36 -4.68
CA PRO I 120 11.33 14.46 -5.13
C PRO I 120 11.36 15.55 -4.06
N SER I 121 12.08 16.63 -4.32
CA SER I 121 12.06 17.86 -3.48
C SER I 121 11.37 18.96 -4.27
N ASN I 122 11.78 20.21 -4.10
CA ASN I 122 11.35 21.32 -4.98
C ASN I 122 12.13 21.27 -6.28
N SER I 123 13.35 20.74 -6.26
CA SER I 123 14.26 20.72 -7.44
C SER I 123 13.67 19.82 -8.54
N LYS I 124 13.73 20.27 -9.79
CA LYS I 124 12.94 19.67 -10.91
C LYS I 124 13.26 18.17 -10.99
N LYS I 125 12.23 17.37 -11.24
CA LYS I 125 12.35 15.94 -11.61
C LYS I 125 13.14 15.80 -12.91
N TYR I 126 13.69 14.61 -13.13
CA TYR I 126 14.39 14.20 -14.38
C TYR I 126 14.06 12.73 -14.68
N ALA I 127 14.02 12.37 -15.94
CA ALA I 127 13.61 11.03 -16.41
C ALA I 127 14.67 9.99 -16.02
N ARG I 128 15.94 10.35 -15.94
CA ARG I 128 17.06 9.38 -15.80
C ARG I 128 16.80 8.42 -14.63
N ASP I 129 15.90 8.82 -13.71
CA ASP I 129 15.27 7.92 -12.70
C ASP I 129 14.78 6.59 -13.28
N ILE I 130 14.32 6.60 -14.55
CA ILE I 130 13.48 5.54 -15.16
C ILE I 130 14.30 4.72 -16.20
N VAL I 131 14.26 3.42 -16.09
CA VAL I 131 14.86 2.46 -17.10
C VAL I 131 13.71 1.60 -17.69
N TYR I 132 13.20 1.95 -18.84
CA TYR I 132 11.98 1.35 -19.49
C TYR I 132 12.35 0.10 -20.32
N GLY I 133 11.89 -1.07 -19.87
CA GLY I 133 12.02 -2.41 -20.50
C GLY I 133 10.71 -2.87 -21.16
N THR I 134 10.69 -4.08 -21.75
CA THR I 134 9.54 -4.66 -22.49
C THR I 134 9.69 -6.19 -22.54
N ILE I 135 8.89 -6.91 -21.75
CA ILE I 135 8.94 -8.39 -21.56
C ILE I 135 7.71 -9.00 -22.21
N TYR I 136 7.77 -10.32 -22.51
CA TYR I 136 6.71 -11.07 -23.23
C TYR I 136 6.25 -12.25 -22.37
N LEU I 137 4.93 -12.46 -22.34
CA LEU I 137 4.24 -13.43 -21.46
C LEU I 137 4.10 -14.77 -22.21
N GLY I 138 4.48 -15.87 -21.55
CA GLY I 138 4.50 -17.23 -22.13
C GLY I 138 5.68 -17.41 -23.07
N GLY I 139 6.63 -16.46 -23.06
CA GLY I 139 7.77 -16.43 -24.00
C GLY I 139 7.30 -16.27 -25.44
N LYS I 140 6.01 -15.93 -25.64
CA LYS I 140 5.36 -15.80 -26.97
C LYS I 140 5.58 -14.37 -27.49
N PRO I 141 6.16 -14.19 -28.70
CA PRO I 141 6.42 -12.87 -29.26
C PRO I 141 5.17 -11.96 -29.34
N ASP I 142 4.00 -12.56 -29.59
CA ASP I 142 2.73 -11.84 -29.87
C ASP I 142 2.01 -11.57 -28.54
N GLN I 143 2.77 -11.37 -27.44
CA GLN I 143 2.24 -11.11 -26.08
C GLN I 143 3.23 -10.29 -25.24
N PRO I 144 3.73 -9.13 -25.72
CA PRO I 144 4.56 -8.25 -24.91
C PRO I 144 3.80 -7.50 -23.79
N ALA I 145 4.56 -6.89 -22.88
CA ALA I 145 4.11 -5.90 -21.87
C ALA I 145 5.32 -5.06 -21.39
N VAL I 146 5.08 -4.04 -20.57
CA VAL I 146 6.11 -3.03 -20.12
C VAL I 146 6.48 -3.25 -18.64
N ILE I 147 7.78 -3.23 -18.34
CA ILE I 147 8.35 -3.04 -16.96
C ILE I 147 9.11 -1.70 -16.95
N LYS I 148 8.46 -0.65 -16.43
CA LYS I 148 9.10 0.64 -16.01
C LYS I 148 9.59 0.47 -14.58
N THR I 149 10.90 0.29 -14.45
CA THR I 149 11.70 0.30 -13.19
C THR I 149 12.16 1.74 -12.98
N THR I 150 11.79 2.37 -11.85
CA THR I 150 12.09 3.77 -11.41
C THR I 150 12.78 3.75 -10.04
N PHE I 151 13.53 4.78 -9.75
CA PHE I 151 14.49 4.82 -8.61
C PHE I 151 14.20 6.04 -7.72
N ASN I 152 14.18 5.82 -6.42
CA ASN I 152 14.17 6.86 -5.35
C ASN I 152 13.00 7.83 -5.54
N GLN I 153 11.81 7.33 -5.90
CA GLN I 153 10.63 8.18 -6.19
C GLN I 153 9.53 8.00 -5.13
N GLU I 154 9.77 7.15 -4.11
CA GLU I 154 8.79 6.83 -3.05
C GLU I 154 9.06 7.67 -1.80
N THR I 155 8.01 7.94 -1.02
CA THR I 155 8.02 8.67 0.27
C THR I 155 7.63 7.72 1.42
N GLY I 156 8.42 7.71 2.50
CA GLY I 156 8.28 6.74 3.61
C GLY I 156 9.50 5.83 3.73
N CYS I 157 10.65 6.25 3.18
CA CYS I 157 11.91 5.45 3.14
C CYS I 157 13.11 6.32 2.71
N GLU I 158 14.30 5.71 2.59
CA GLU I 158 15.55 6.37 2.12
C GLU I 158 15.88 5.97 0.68
N TYR I 159 15.66 4.72 0.29
CA TYR I 159 15.82 4.24 -1.12
C TYR I 159 14.55 3.48 -1.52
N SER I 160 14.31 3.36 -2.81
CA SER I 160 13.14 2.64 -3.40
C SER I 160 13.43 2.20 -4.86
N ILE I 161 13.33 0.92 -5.12
CA ILE I 161 13.24 0.23 -6.47
C ILE I 161 11.77 0.03 -6.79
N THR I 162 11.18 0.75 -7.74
CA THR I 162 9.69 0.57 -7.98
C THR I 162 9.43 0.06 -9.43
N PHE I 163 8.76 -1.07 -9.54
CA PHE I 163 8.29 -1.72 -10.80
C PHE I 163 6.77 -1.51 -11.03
N ASP I 164 6.43 -0.75 -12.05
CA ASP I 164 5.09 -0.55 -12.68
C ASP I 164 5.04 -1.42 -13.96
N PHE I 165 4.43 -2.58 -13.92
CA PHE I 165 4.04 -3.31 -15.17
C PHE I 165 2.75 -2.66 -15.74
N SER I 166 2.79 -2.19 -16.99
CA SER I 166 1.58 -1.89 -17.79
C SER I 166 1.58 -2.72 -19.08
N TRP I 167 0.39 -2.97 -19.66
CA TRP I 167 0.21 -3.64 -20.98
C TRP I 167 -0.89 -2.92 -21.78
N SER I 168 -0.57 -2.52 -23.01
CA SER I 168 -1.08 -1.30 -23.68
C SER I 168 -2.16 -1.63 -24.71
N LYS I 169 -2.93 -2.71 -24.54
CA LYS I 169 -4.16 -3.01 -25.33
C LYS I 169 -4.85 -4.30 -24.81
N THR I 170 -5.86 -4.79 -25.54
CA THR I 170 -6.79 -5.85 -25.08
C THR I 170 -6.18 -7.21 -25.40
N TYR I 171 -5.80 -7.94 -24.34
CA TYR I 171 -5.45 -9.38 -24.35
C TYR I 171 -6.68 -10.19 -23.93
N GLU I 172 -6.54 -11.52 -23.83
CA GLU I 172 -7.63 -12.40 -23.38
C GLU I 172 -7.02 -13.71 -22.85
N ASN I 173 -7.24 -14.00 -21.55
CA ASN I 173 -6.82 -15.25 -20.89
C ASN I 173 -5.34 -15.53 -21.20
N VAL I 174 -4.44 -14.85 -20.50
CA VAL I 174 -2.95 -14.99 -20.65
C VAL I 174 -2.32 -14.99 -19.27
N GLU I 175 -1.61 -16.07 -18.90
CA GLU I 175 -0.92 -16.19 -17.59
C GLU I 175 0.21 -15.17 -17.51
N PHE I 176 0.32 -14.47 -16.38
CA PHE I 176 1.32 -13.39 -16.15
C PHE I 176 2.64 -14.01 -15.68
N GLU I 177 3.32 -14.70 -16.60
CA GLU I 177 4.62 -15.39 -16.38
C GLU I 177 5.60 -14.85 -17.42
N THR I 178 6.52 -14.00 -16.99
CA THR I 178 7.26 -13.07 -17.86
C THR I 178 8.53 -13.75 -18.40
N THR I 179 9.14 -13.11 -19.41
CA THR I 179 10.52 -13.34 -19.90
C THR I 179 11.48 -12.47 -19.09
N SER I 180 12.61 -13.01 -18.68
CA SER I 180 13.53 -12.40 -17.69
C SER I 180 13.97 -11.09 -18.25
N PHE I 181 14.10 -10.04 -17.43
CA PHE I 181 14.78 -8.80 -17.93
C PHE I 181 16.02 -8.49 -17.09
N THR I 182 16.93 -7.66 -17.61
CA THR I 182 18.33 -7.46 -17.14
C THR I 182 18.66 -6.01 -17.41
N PHE I 183 19.33 -5.32 -16.47
CA PHE I 183 19.62 -3.86 -16.58
C PHE I 183 20.64 -3.48 -15.50
N SER I 184 20.94 -2.18 -15.38
CA SER I 184 21.93 -1.66 -14.42
C SER I 184 21.58 -0.21 -14.00
N TYR I 185 22.20 0.29 -12.92
CA TYR I 185 21.86 1.56 -12.23
C TYR I 185 23.01 2.01 -11.31
N ILE I 186 23.12 3.31 -11.06
CA ILE I 186 24.32 3.95 -10.45
C ILE I 186 24.36 3.62 -8.95
N ALA I 187 25.29 2.75 -8.53
CA ALA I 187 25.45 2.33 -7.12
C ALA I 187 25.71 3.57 -6.26
N GLN I 188 24.88 3.76 -5.22
CA GLN I 188 24.99 4.85 -4.22
C GLN I 188 26.42 4.89 -3.72
N GLN I 189 26.82 3.88 -2.96
CA GLN I 189 28.16 3.75 -2.34
C GLN I 189 28.87 2.57 -3.03
N THR J 7 -24.07 42.17 -14.73
CA THR J 7 -22.69 42.51 -14.21
C THR J 7 -22.60 44.04 -14.04
N ARG J 8 -23.23 44.57 -13.00
CA ARG J 8 -23.32 46.04 -12.74
C ARG J 8 -22.54 46.36 -11.47
N THR J 9 -22.39 47.65 -11.18
CA THR J 9 -21.54 48.19 -10.09
C THR J 9 -22.43 48.69 -8.96
N LEU J 10 -21.93 48.57 -7.72
CA LEU J 10 -22.44 49.25 -6.50
C LEU J 10 -21.32 50.13 -5.96
N TRP J 11 -21.52 51.44 -6.00
CA TRP J 11 -20.44 52.46 -6.01
C TRP J 11 -20.81 53.67 -5.14
N THR J 12 -19.97 54.71 -5.16
CA THR J 12 -20.33 56.10 -4.75
C THR J 12 -20.34 57.00 -5.99
N THR J 13 -21.25 57.97 -6.02
CA THR J 13 -21.30 59.07 -7.03
C THR J 13 -19.99 59.84 -7.02
N PRO J 14 -19.12 59.66 -8.05
CA PRO J 14 -17.78 60.26 -8.04
C PRO J 14 -17.77 61.78 -8.38
N ASP J 15 -18.61 62.56 -7.69
CA ASP J 15 -18.89 63.99 -8.03
C ASP J 15 -17.88 64.89 -7.30
N THR J 16 -17.10 64.34 -6.36
CA THR J 16 -16.14 65.07 -5.50
C THR J 16 -16.92 65.87 -4.44
N SER J 17 -17.69 65.18 -3.59
CA SER J 17 -18.43 65.75 -2.43
C SER J 17 -18.15 64.90 -1.19
N PRO J 18 -17.40 65.42 -0.18
CA PRO J 18 -16.99 64.63 0.99
C PRO J 18 -18.12 63.82 1.64
N ASN J 19 -18.03 62.48 1.54
CA ASN J 19 -19.02 61.50 2.06
C ASN J 19 -18.38 60.65 3.17
N CYS J 20 -17.20 61.02 3.65
CA CYS J 20 -16.44 60.21 4.63
C CYS J 20 -16.08 61.04 5.88
N THR J 21 -16.46 60.52 7.06
CA THR J 21 -16.16 61.07 8.41
C THR J 21 -15.05 60.23 9.08
N ILE J 22 -13.78 60.59 8.88
CA ILE J 22 -12.62 60.01 9.62
C ILE J 22 -12.53 60.70 10.98
N ALA J 23 -11.94 61.90 11.01
CA ALA J 23 -11.75 62.74 12.21
C ALA J 23 -12.98 63.63 12.43
N GLN J 24 -13.17 64.62 11.56
CA GLN J 24 -14.28 65.61 11.61
C GLN J 24 -15.41 65.13 10.69
N ASP J 25 -16.58 65.77 10.76
CA ASP J 25 -17.83 65.31 10.11
C ASP J 25 -17.78 65.61 8.61
N LYS J 26 -17.67 64.58 7.77
CA LYS J 26 -17.71 64.66 6.29
C LYS J 26 -16.56 65.54 5.79
N ASP J 27 -15.34 65.25 6.23
CA ASP J 27 -14.10 66.01 5.91
C ASP J 27 -13.21 65.15 5.00
N SER J 28 -13.80 64.27 4.18
CA SER J 28 -13.08 63.39 3.23
C SER J 28 -14.06 62.66 2.30
N LYS J 29 -13.59 62.33 1.08
CA LYS J 29 -14.38 61.72 -0.01
C LYS J 29 -13.67 60.42 -0.43
N LEU J 30 -14.23 59.28 -0.04
CA LEU J 30 -13.82 57.92 -0.51
C LEU J 30 -14.52 57.60 -1.84
N THR J 31 -13.74 57.49 -2.93
CA THR J 31 -14.18 57.05 -4.28
C THR J 31 -13.95 55.54 -4.41
N LEU J 32 -14.88 54.72 -3.92
CA LEU J 32 -14.85 53.25 -4.06
C LEU J 32 -15.91 52.83 -5.09
N VAL J 33 -15.56 51.85 -5.93
CA VAL J 33 -16.39 51.37 -7.09
C VAL J 33 -16.17 49.86 -7.27
N LEU J 34 -17.10 49.05 -6.81
CA LEU J 34 -17.01 47.57 -6.77
C LEU J 34 -17.97 46.95 -7.79
N THR J 35 -17.43 46.17 -8.74
CA THR J 35 -18.16 45.53 -9.87
C THR J 35 -18.07 43.99 -9.71
N LYS J 36 -19.15 43.27 -10.05
CA LYS J 36 -19.26 41.79 -9.84
C LYS J 36 -19.07 41.05 -11.15
N CYS J 37 -17.91 40.37 -11.28
CA CYS J 37 -17.57 39.40 -12.36
C CYS J 37 -17.54 38.00 -11.75
N GLY J 38 -18.61 37.22 -11.92
CA GLY J 38 -18.77 35.87 -11.33
C GLY J 38 -18.55 35.90 -9.83
N SER J 39 -17.53 35.18 -9.35
CA SER J 39 -17.27 34.91 -7.92
C SER J 39 -16.13 35.77 -7.39
N GLN J 40 -15.79 36.86 -8.09
CA GLN J 40 -14.65 37.75 -7.75
C GLN J 40 -15.05 39.21 -8.01
N ILE J 41 -15.21 39.99 -6.94
CA ILE J 41 -15.54 41.44 -6.98
C ILE J 41 -14.33 42.25 -7.45
N LEU J 42 -14.52 43.11 -8.46
CA LEU J 42 -13.47 43.99 -9.06
C LEU J 42 -13.58 45.45 -8.57
N ALA J 43 -12.62 45.89 -7.75
CA ALA J 43 -12.73 47.07 -6.85
C ALA J 43 -11.83 48.18 -7.36
N ASN J 44 -12.42 49.31 -7.76
CA ASN J 44 -11.67 50.59 -8.01
C ASN J 44 -11.83 51.59 -6.82
N VAL J 45 -10.76 51.81 -6.02
CA VAL J 45 -10.77 52.78 -4.84
C VAL J 45 -9.77 53.93 -5.04
N SER J 46 -10.21 55.20 -4.93
CA SER J 46 -9.37 56.40 -4.62
C SER J 46 -9.75 56.98 -3.25
N LEU J 47 -9.13 58.09 -2.82
CA LEU J 47 -9.52 58.84 -1.57
C LEU J 47 -8.98 60.29 -1.59
N ILE J 48 -9.83 61.28 -1.26
CA ILE J 48 -9.44 62.73 -1.15
C ILE J 48 -9.78 63.24 0.26
N VAL J 49 -8.86 64.01 0.87
CA VAL J 49 -9.05 64.66 2.21
C VAL J 49 -8.91 66.16 2.04
N VAL J 50 -9.96 66.91 2.38
CA VAL J 50 -10.17 68.33 1.99
C VAL J 50 -10.13 69.24 3.24
N ALA J 51 -10.52 68.73 4.41
CA ALA J 51 -10.74 69.53 5.64
C ALA J 51 -10.29 68.76 6.90
N GLY J 52 -9.84 69.49 7.92
CA GLY J 52 -9.65 68.99 9.29
C GLY J 52 -8.21 68.63 9.58
N LYS J 53 -8.00 67.58 10.38
CA LYS J 53 -6.66 67.07 10.79
C LYS J 53 -5.91 66.58 9.54
N TYR J 54 -6.41 65.51 8.90
CA TYR J 54 -5.70 64.70 7.86
C TYR J 54 -5.77 65.35 6.47
N HIS J 55 -6.26 66.60 6.36
CA HIS J 55 -6.34 67.36 5.09
C HIS J 55 -4.94 67.78 4.65
N ILE J 56 -4.25 68.55 5.49
CA ILE J 56 -2.84 68.97 5.28
C ILE J 56 -1.96 68.05 6.14
N ILE J 57 -0.78 67.70 5.62
CA ILE J 57 0.25 66.89 6.33
C ILE J 57 1.52 67.75 6.48
N ASN J 58 1.97 67.99 7.71
CA ASN J 58 3.29 68.60 8.01
C ASN J 58 3.88 67.88 9.22
N ASN J 59 4.88 67.04 8.99
CA ASN J 59 5.53 66.17 10.01
C ASN J 59 6.76 66.89 10.59
N LYS J 60 7.09 68.08 10.08
CA LYS J 60 8.09 68.99 10.69
C LYS J 60 7.55 69.52 12.03
N ASN J 61 6.22 69.54 12.19
CA ASN J 61 5.53 69.99 13.42
C ASN J 61 4.78 68.81 14.07
N ASN J 62 4.43 67.80 13.26
CA ASN J 62 3.51 66.69 13.62
C ASN J 62 4.03 65.40 13.00
N PRO J 63 5.18 64.89 13.46
CA PRO J 63 5.71 63.62 12.97
C PRO J 63 4.92 62.39 13.47
N GLU J 64 4.26 62.51 14.64
CA GLU J 64 3.58 61.39 15.37
C GLU J 64 2.28 61.01 14.64
N ILE J 65 1.96 61.75 13.58
CA ILE J 65 0.85 61.44 12.63
C ILE J 65 1.45 60.80 11.37
N LYS J 66 1.47 59.46 11.33
CA LYS J 66 1.76 58.67 10.10
C LYS J 66 0.85 57.42 10.06
N SER J 67 -0.46 57.58 10.32
CA SER J 67 -1.52 56.55 10.10
C SER J 67 -2.91 57.12 10.39
N PHE J 68 -3.92 56.53 9.75
CA PHE J 68 -5.35 56.61 10.15
C PHE J 68 -6.10 55.40 9.57
N THR J 69 -7.41 55.32 9.80
CA THR J 69 -8.23 54.09 9.61
C THR J 69 -9.64 54.45 9.13
N ILE J 70 -10.12 53.74 8.11
CA ILE J 70 -11.54 53.77 7.67
C ILE J 70 -12.08 52.34 7.81
N LYS J 71 -13.39 52.18 8.05
CA LYS J 71 -14.05 50.89 8.32
C LYS J 71 -15.46 50.90 7.74
N LEU J 72 -15.71 50.09 6.71
CA LEU J 72 -17.08 49.74 6.25
C LEU J 72 -17.50 48.42 6.92
N LEU J 73 -18.74 48.37 7.44
CA LEU J 73 -19.31 47.19 8.14
C LEU J 73 -20.67 46.86 7.50
N PHE J 74 -21.08 45.58 7.53
CA PHE J 74 -22.36 45.08 6.96
C PHE J 74 -23.02 44.10 7.93
N ASP J 75 -24.34 43.92 7.78
CA ASP J 75 -25.14 42.86 8.44
C ASP J 75 -25.24 41.65 7.50
N LYS J 76 -26.13 40.72 7.84
CA LYS J 76 -26.35 39.40 7.19
C LYS J 76 -27.17 39.58 5.88
N ASN J 77 -27.35 40.82 5.44
CA ASN J 77 -27.98 41.19 4.14
C ASN J 77 -27.01 42.07 3.34
N GLY J 78 -25.78 42.26 3.87
CA GLY J 78 -24.68 43.00 3.22
C GLY J 78 -24.94 44.49 3.11
N VAL J 79 -25.84 45.03 3.95
CA VAL J 79 -26.23 46.47 3.97
C VAL J 79 -25.24 47.23 4.86
N LEU J 80 -24.94 48.50 4.53
CA LEU J 80 -23.90 49.32 5.21
C LEU J 80 -24.46 49.83 6.55
N LEU J 81 -23.78 49.49 7.65
CA LEU J 81 -24.17 49.89 9.04
C LEU J 81 -23.77 51.35 9.28
N ASP J 82 -24.75 52.20 9.60
CA ASP J 82 -24.66 53.69 9.62
C ASP J 82 -23.53 54.14 10.56
N ASN J 83 -23.12 53.27 11.49
CA ASN J 83 -21.98 53.47 12.42
C ASN J 83 -20.69 53.69 11.62
N SER J 84 -20.53 52.98 10.50
CA SER J 84 -19.36 53.05 9.59
C SER J 84 -19.05 54.51 9.28
N ASN J 85 -17.81 54.82 8.91
CA ASN J 85 -17.34 56.21 8.63
C ASN J 85 -18.07 56.77 7.41
N LEU J 86 -18.25 55.96 6.35
CA LEU J 86 -18.84 56.40 5.05
C LEU J 86 -20.37 56.60 5.19
N GLY J 87 -20.92 57.67 4.59
CA GLY J 87 -22.38 57.95 4.54
C GLY J 87 -23.15 56.88 3.78
N LYS J 88 -24.43 56.67 4.12
CA LYS J 88 -25.28 55.55 3.61
C LYS J 88 -26.07 55.97 2.36
N THR J 89 -26.53 57.22 2.29
CA THR J 89 -27.45 57.72 1.22
C THR J 89 -26.68 57.81 -0.11
N TYR J 90 -25.38 58.18 -0.04
CA TYR J 90 -24.41 58.17 -1.16
C TYR J 90 -24.32 56.77 -1.77
N TRP J 91 -24.36 55.74 -0.91
CA TRP J 91 -24.09 54.31 -1.25
C TRP J 91 -25.37 53.63 -1.78
N ASN J 92 -25.32 53.12 -3.00
CA ASN J 92 -26.50 52.64 -3.77
C ASN J 92 -26.03 52.01 -5.08
N PHE J 93 -26.94 51.34 -5.82
CA PHE J 93 -26.70 50.75 -7.17
C PHE J 93 -26.71 51.85 -8.23
N ARG J 94 -25.95 51.64 -9.31
CA ARG J 94 -25.77 52.59 -10.43
C ARG J 94 -27.03 52.57 -11.32
N SER J 95 -27.18 53.59 -12.19
CA SER J 95 -28.27 53.71 -13.20
C SER J 95 -27.95 54.88 -14.16
N GLY J 96 -26.92 54.72 -14.99
CA GLY J 96 -26.21 55.82 -15.68
C GLY J 96 -25.09 56.35 -14.80
N ASP J 97 -24.98 57.67 -14.64
CA ASP J 97 -24.22 58.29 -13.51
C ASP J 97 -25.10 58.24 -12.26
N SER J 98 -26.41 58.48 -12.43
CA SER J 98 -27.44 58.52 -11.37
C SER J 98 -27.55 57.14 -10.71
N ASN J 99 -27.53 57.10 -9.38
CA ASN J 99 -27.75 55.87 -8.57
C ASN J 99 -29.26 55.59 -8.55
N VAL J 100 -29.66 54.32 -8.45
CA VAL J 100 -31.08 53.88 -8.54
C VAL J 100 -31.90 54.79 -7.62
N SER J 101 -33.17 55.05 -7.96
CA SER J 101 -34.02 56.09 -7.33
C SER J 101 -34.13 55.83 -5.82
N THR J 102 -34.77 54.71 -5.45
CA THR J 102 -34.93 54.18 -4.07
C THR J 102 -33.74 53.27 -3.73
N ALA J 103 -33.20 53.38 -2.52
CA ALA J 103 -32.03 52.61 -2.03
C ALA J 103 -32.34 51.11 -2.07
N TYR J 104 -31.95 50.44 -3.16
CA TYR J 104 -32.06 48.96 -3.35
C TYR J 104 -30.80 48.29 -2.78
N GLU J 105 -30.97 47.29 -1.91
CA GLU J 105 -29.85 46.63 -1.19
C GLU J 105 -30.11 45.12 -1.13
N LYS J 106 -29.66 44.41 -2.17
CA LYS J 106 -29.49 42.93 -2.23
C LYS J 106 -27.99 42.62 -2.30
N ALA J 107 -27.28 42.77 -1.19
CA ALA J 107 -25.79 42.90 -1.14
C ALA J 107 -25.16 41.63 -0.56
N ILE J 108 -25.48 40.47 -1.13
CA ILE J 108 -24.74 39.18 -0.92
C ILE J 108 -24.22 38.71 -2.28
N GLY J 109 -22.96 38.28 -2.33
CA GLY J 109 -22.20 38.10 -3.59
C GLY J 109 -21.48 39.37 -3.99
N PHE J 110 -21.67 40.42 -3.22
CA PHE J 110 -20.84 41.65 -3.22
C PHE J 110 -19.99 41.66 -1.95
N MET J 111 -20.10 40.61 -1.15
CA MET J 111 -19.52 40.50 0.21
C MET J 111 -18.30 39.59 0.16
N PRO J 112 -17.23 39.88 0.95
CA PRO J 112 -16.06 39.02 0.98
C PRO J 112 -16.44 37.59 1.41
N ASN J 113 -15.59 36.61 1.10
CA ASN J 113 -15.80 35.21 1.52
C ASN J 113 -15.44 35.06 3.00
N LEU J 114 -16.35 34.47 3.78
CA LEU J 114 -16.23 34.23 5.25
C LEU J 114 -15.32 33.01 5.47
N VAL J 115 -15.47 31.99 4.63
CA VAL J 115 -14.58 30.80 4.54
C VAL J 115 -13.14 31.29 4.27
N ALA J 116 -12.95 32.09 3.22
CA ALA J 116 -11.63 32.57 2.77
C ALA J 116 -11.11 33.64 3.73
N TYR J 117 -11.93 34.66 4.02
CA TYR J 117 -11.65 35.74 5.00
C TYR J 117 -12.61 35.60 6.19
N PRO J 118 -12.28 34.74 7.18
CA PRO J 118 -13.16 34.49 8.32
C PRO J 118 -13.08 35.52 9.45
N LYS J 119 -14.04 35.46 10.38
CA LYS J 119 -14.23 36.42 11.50
C LYS J 119 -13.28 36.03 12.64
N PRO J 120 -12.63 37.02 13.32
CA PRO J 120 -11.54 36.74 14.25
C PRO J 120 -11.92 35.71 15.31
N SER J 121 -11.35 34.49 15.19
CA SER J 121 -11.56 33.33 16.08
C SER J 121 -10.33 33.13 16.99
N ASN J 122 -10.50 32.42 18.10
CA ASN J 122 -9.38 31.92 18.94
C ASN J 122 -8.30 31.34 18.00
N SER J 123 -8.73 30.49 17.07
CA SER J 123 -7.92 29.87 16.00
C SER J 123 -7.10 30.96 15.30
N LYS J 124 -5.85 30.64 14.95
CA LYS J 124 -4.90 31.52 14.22
C LYS J 124 -5.58 32.04 12.96
N LYS J 125 -5.51 33.35 12.72
CA LYS J 125 -5.83 34.03 11.43
C LYS J 125 -4.52 34.23 10.67
N TYR J 126 -4.60 34.20 9.34
CA TYR J 126 -3.44 34.25 8.42
C TYR J 126 -3.65 35.42 7.46
N ALA J 127 -2.60 35.79 6.73
CA ALA J 127 -2.46 37.11 6.06
C ALA J 127 -3.56 37.30 5.01
N ARG J 128 -3.95 36.23 4.32
CA ARG J 128 -4.73 36.32 3.05
C ARG J 128 -6.10 37.00 3.29
N ASP J 129 -6.33 37.49 4.52
CA ASP J 129 -7.46 38.37 4.89
C ASP J 129 -7.26 39.73 4.21
N ILE J 130 -6.02 40.03 3.80
CA ILE J 130 -5.51 41.40 3.45
C ILE J 130 -5.24 41.50 1.94
N VAL J 131 -5.40 42.69 1.35
CA VAL J 131 -5.05 43.01 -0.08
C VAL J 131 -4.33 44.37 -0.12
N TYR J 132 -2.99 44.37 -0.03
CA TYR J 132 -2.13 45.55 0.25
C TYR J 132 -1.99 46.34 -1.01
N GLY J 133 -1.45 47.56 -0.90
CA GLY J 133 -1.33 48.45 -1.99
C GLY J 133 -0.69 49.69 -1.51
N THR J 134 -0.54 50.66 -2.42
CA THR J 134 0.27 51.88 -2.36
C THR J 134 -0.36 52.85 -3.30
N ILE J 135 -0.41 54.13 -2.93
CA ILE J 135 -1.01 55.20 -3.78
C ILE J 135 -0.12 56.42 -3.61
N TYR J 136 0.08 57.15 -4.69
CA TYR J 136 0.80 58.41 -4.78
C TYR J 136 -0.14 59.61 -4.46
N LEU J 137 0.45 60.62 -3.79
CA LEU J 137 -0.29 61.63 -2.95
C LEU J 137 -0.04 63.02 -3.51
N GLY J 138 -0.84 63.45 -4.48
CA GLY J 138 -0.50 64.59 -5.35
C GLY J 138 -0.16 64.17 -6.77
N GLY J 139 -0.35 62.92 -7.14
CA GLY J 139 0.28 62.46 -8.39
C GLY J 139 1.66 61.83 -8.15
N LYS J 140 2.42 62.35 -7.16
CA LYS J 140 3.86 62.63 -7.24
C LYS J 140 4.65 61.39 -6.85
N PRO J 141 5.60 60.96 -7.71
CA PRO J 141 6.45 59.81 -7.45
C PRO J 141 7.15 59.84 -6.10
N ASP J 142 8.00 60.79 -5.85
CA ASP J 142 8.69 60.96 -4.52
C ASP J 142 7.68 60.85 -3.38
N GLN J 143 6.43 61.26 -3.60
CA GLN J 143 5.32 61.20 -2.61
C GLN J 143 4.40 60.02 -2.95
N PRO J 144 4.55 58.86 -2.26
CA PRO J 144 3.50 57.88 -2.14
C PRO J 144 2.94 57.73 -0.71
N ALA J 145 1.91 56.90 -0.55
CA ALA J 145 1.55 56.25 0.73
C ALA J 145 0.95 54.87 0.44
N VAL J 146 0.55 54.16 1.51
CA VAL J 146 0.23 52.71 1.46
C VAL J 146 -1.14 52.52 2.10
N ILE J 147 -1.96 51.71 1.45
CA ILE J 147 -3.36 51.42 1.84
C ILE J 147 -3.45 49.91 2.07
N LYS J 148 -3.56 49.50 3.34
CA LYS J 148 -3.92 48.12 3.79
C LYS J 148 -5.45 47.94 3.73
N THR J 149 -5.93 46.94 2.97
CA THR J 149 -7.37 46.52 2.94
C THR J 149 -7.49 45.15 3.59
N THR J 150 -8.27 45.02 4.66
CA THR J 150 -8.56 43.75 5.38
C THR J 150 -10.08 43.53 5.45
N PHE J 151 -10.56 42.28 5.28
CA PHE J 151 -12.00 41.90 5.11
C PHE J 151 -12.53 40.98 6.23
N ASN J 152 -13.71 41.33 6.75
CA ASN J 152 -14.49 40.52 7.74
C ASN J 152 -13.71 40.35 9.03
N GLN J 153 -12.79 41.27 9.33
CA GLN J 153 -11.92 41.17 10.53
C GLN J 153 -12.32 42.25 11.55
N GLU J 154 -13.62 42.60 11.65
CA GLU J 154 -14.10 43.73 12.50
C GLU J 154 -15.27 43.27 13.37
N THR J 155 -15.43 43.93 14.53
CA THR J 155 -16.36 43.54 15.63
C THR J 155 -17.58 44.45 15.61
N GLY J 156 -18.78 43.86 15.59
CA GLY J 156 -20.08 44.54 15.39
C GLY J 156 -20.75 44.15 14.07
N CYS J 157 -19.95 43.54 13.17
CA CYS J 157 -20.26 43.31 11.74
C CYS J 157 -20.91 41.95 11.53
N GLU J 158 -21.21 41.60 10.27
CA GLU J 158 -21.23 40.20 9.75
C GLU J 158 -20.11 40.06 8.70
N TYR J 159 -19.97 41.07 7.84
CA TYR J 159 -18.80 41.30 6.94
C TYR J 159 -18.32 42.73 7.15
N SER J 160 -17.02 42.96 6.96
CA SER J 160 -16.36 44.30 7.03
C SER J 160 -15.33 44.43 5.91
N ILE J 161 -14.82 45.64 5.69
CA ILE J 161 -13.75 45.97 4.70
C ILE J 161 -13.05 47.24 5.22
N THR J 162 -11.89 47.08 5.86
CA THR J 162 -11.19 48.14 6.62
C THR J 162 -10.00 48.67 5.80
N PHE J 163 -9.92 49.99 5.58
CA PHE J 163 -8.77 50.67 4.90
C PHE J 163 -7.90 51.37 5.96
N ASP J 164 -6.86 50.69 6.43
CA ASP J 164 -5.88 51.18 7.44
C ASP J 164 -4.70 51.81 6.70
N PHE J 165 -4.69 53.14 6.62
CA PHE J 165 -3.67 53.94 5.91
C PHE J 165 -2.47 54.15 6.83
N SER J 166 -1.32 54.43 6.22
CA SER J 166 -0.03 54.62 6.90
C SER J 166 1.01 55.07 5.88
N TRP J 167 1.95 55.92 6.32
CA TRP J 167 3.09 56.39 5.51
C TRP J 167 4.35 56.49 6.38
N SER J 168 5.51 56.71 5.75
CA SER J 168 6.85 56.48 6.32
C SER J 168 7.56 57.81 6.50
N LYS J 169 7.88 58.44 5.37
CA LYS J 169 8.55 59.75 5.21
C LYS J 169 7.94 60.81 6.13
N THR J 170 8.67 61.92 6.32
CA THR J 170 8.26 63.14 7.06
C THR J 170 7.69 64.18 6.07
N TYR J 171 6.49 63.94 5.51
CA TYR J 171 5.87 64.79 4.46
C TYR J 171 5.51 66.16 5.05
N GLU J 172 6.18 67.21 4.55
CA GLU J 172 6.05 68.63 4.98
C GLU J 172 5.16 69.38 3.98
N ASN J 173 4.17 70.12 4.49
CA ASN J 173 3.16 70.86 3.70
C ASN J 173 2.83 70.05 2.44
N VAL J 174 1.98 69.03 2.60
CA VAL J 174 1.41 68.19 1.49
C VAL J 174 -0.07 67.93 1.78
N GLU J 175 -0.97 68.47 0.95
CA GLU J 175 -2.41 68.09 0.92
C GLU J 175 -2.53 66.60 0.59
N PHE J 176 -3.55 65.92 1.15
CA PHE J 176 -3.69 64.43 1.14
C PHE J 176 -4.78 64.00 0.14
N GLU J 177 -4.39 63.97 -1.14
CA GLU J 177 -5.25 63.49 -2.27
C GLU J 177 -4.52 62.31 -2.94
N THR J 178 -5.01 61.10 -2.71
CA THR J 178 -4.47 59.84 -3.24
C THR J 178 -4.93 59.64 -4.69
N THR J 179 -4.08 59.01 -5.49
CA THR J 179 -4.41 58.36 -6.78
C THR J 179 -5.50 57.34 -6.52
N SER J 180 -6.25 56.93 -7.57
CA SER J 180 -7.10 55.70 -7.63
C SER J 180 -6.18 54.47 -7.70
N PHE J 181 -6.47 53.46 -6.91
CA PHE J 181 -5.79 52.14 -6.84
C PHE J 181 -6.61 51.11 -7.68
N THR J 182 -6.24 49.82 -7.63
CA THR J 182 -7.07 48.66 -8.09
C THR J 182 -6.65 47.39 -7.33
N PHE J 183 -7.59 46.45 -7.16
CA PHE J 183 -7.47 45.22 -6.39
C PHE J 183 -8.74 44.38 -6.53
N SER J 184 -8.70 43.15 -6.04
CA SER J 184 -9.84 42.18 -6.09
C SER J 184 -9.89 41.43 -4.79
N TYR J 185 -11.04 40.80 -4.53
CA TYR J 185 -11.30 39.86 -3.42
C TYR J 185 -12.37 38.87 -3.88
N ILE J 186 -12.57 37.81 -3.12
CA ILE J 186 -13.49 36.70 -3.42
C ILE J 186 -14.88 37.01 -2.84
N ALA J 187 -15.92 37.01 -3.68
CA ALA J 187 -17.34 37.19 -3.30
C ALA J 187 -17.78 36.05 -2.37
N GLN J 188 -18.85 36.25 -1.59
CA GLN J 188 -19.54 35.16 -0.84
C GLN J 188 -20.33 34.30 -1.84
N GLN J 189 -21.41 34.86 -2.42
CA GLN J 189 -22.31 34.18 -3.40
C GLN J 189 -21.78 34.45 -4.83
N HIS K 5 -23.52 44.71 -33.68
CA HIS K 5 -22.62 43.47 -33.37
C HIS K 5 -21.31 44.01 -32.78
N ASP K 6 -20.80 43.42 -31.73
CA ASP K 6 -19.48 43.78 -31.15
C ASP K 6 -19.10 42.70 -30.17
N THR K 7 -17.99 42.90 -29.44
CA THR K 7 -17.57 42.09 -28.24
C THR K 7 -17.14 43.05 -27.11
N ARG K 8 -17.09 42.59 -25.87
CA ARG K 8 -16.74 43.41 -24.67
C ARG K 8 -15.33 43.98 -24.82
N THR K 9 -14.41 43.20 -25.43
CA THR K 9 -12.94 43.44 -25.49
C THR K 9 -12.59 44.25 -26.75
N LEU K 10 -11.81 45.31 -26.57
CA LEU K 10 -11.26 46.21 -27.63
C LEU K 10 -9.73 46.33 -27.40
N TRP K 11 -8.91 45.82 -28.32
CA TRP K 11 -7.46 45.48 -28.11
C TRP K 11 -6.58 45.94 -29.28
N THR K 12 -5.25 45.71 -29.18
CA THR K 12 -4.23 45.78 -30.28
C THR K 12 -3.73 44.37 -30.59
N THR K 13 -4.19 43.77 -31.70
CA THR K 13 -3.86 42.37 -32.09
C THR K 13 -2.41 42.09 -31.70
N PRO K 14 -2.14 41.09 -30.82
CA PRO K 14 -0.85 41.02 -30.10
C PRO K 14 0.33 40.45 -30.92
N ASP K 15 0.33 40.64 -32.25
CA ASP K 15 1.14 39.85 -33.23
C ASP K 15 2.55 40.45 -33.38
N THR K 16 3.07 41.13 -32.33
CA THR K 16 4.46 41.66 -32.22
C THR K 16 4.84 42.47 -33.46
N SER K 17 3.85 42.82 -34.30
CA SER K 17 3.99 43.74 -35.45
C SER K 17 3.90 45.18 -34.93
N PRO K 18 4.97 46.00 -35.05
CA PRO K 18 4.99 47.31 -34.39
C PRO K 18 3.82 48.15 -34.94
N ASN K 19 3.27 49.03 -34.11
CA ASN K 19 2.03 49.80 -34.42
C ASN K 19 1.99 51.12 -33.62
N CYS K 20 3.13 51.56 -33.07
CA CYS K 20 3.25 52.66 -32.08
C CYS K 20 4.50 53.48 -32.40
N THR K 21 4.32 54.77 -32.68
CA THR K 21 5.43 55.67 -33.06
C THR K 21 5.95 56.38 -31.81
N ILE K 22 7.14 55.97 -31.36
CA ILE K 22 8.07 56.76 -30.51
C ILE K 22 9.36 57.04 -31.33
N ALA K 23 9.92 58.25 -31.21
CA ALA K 23 11.25 58.66 -31.72
C ALA K 23 11.31 58.55 -33.24
N GLN K 24 10.85 57.45 -33.84
CA GLN K 24 10.67 57.30 -35.31
C GLN K 24 9.45 56.42 -35.64
N ASP K 25 8.96 56.50 -36.88
CA ASP K 25 7.68 55.90 -37.35
C ASP K 25 7.65 54.42 -36.96
N LYS K 26 6.57 53.99 -36.27
CA LYS K 26 6.35 52.60 -35.80
C LYS K 26 7.70 52.00 -35.39
N ASP K 27 8.15 52.31 -34.17
CA ASP K 27 9.42 51.82 -33.60
C ASP K 27 9.10 51.01 -32.33
N SER K 28 7.92 50.39 -32.27
CA SER K 28 7.43 49.68 -31.07
C SER K 28 6.12 48.95 -31.38
N LYS K 29 5.94 47.79 -30.71
CA LYS K 29 4.67 47.04 -30.61
C LYS K 29 4.08 47.23 -29.20
N LEU K 30 2.92 47.90 -29.08
CA LEU K 30 2.22 48.15 -27.78
C LEU K 30 1.07 47.15 -27.64
N THR K 31 1.00 46.48 -26.50
CA THR K 31 0.10 45.32 -26.23
C THR K 31 -1.04 45.75 -25.27
N LEU K 32 -1.67 46.91 -25.48
CA LEU K 32 -2.80 47.41 -24.61
C LEU K 32 -4.08 46.68 -24.97
N VAL K 33 -4.71 46.03 -24.00
CA VAL K 33 -6.06 45.36 -24.09
C VAL K 33 -7.03 46.04 -23.12
N LEU K 34 -8.24 46.40 -23.60
CA LEU K 34 -9.32 47.10 -22.85
C LEU K 34 -10.63 46.33 -22.94
N THR K 35 -11.02 45.71 -21.83
CA THR K 35 -12.22 44.87 -21.71
C THR K 35 -13.25 45.59 -20.84
N LYS K 36 -14.49 45.73 -21.34
CA LYS K 36 -15.62 46.49 -20.73
C LYS K 36 -16.50 45.53 -19.90
N CYS K 37 -16.24 45.47 -18.59
CA CYS K 37 -17.14 44.86 -17.56
C CYS K 37 -18.12 45.91 -17.01
N GLY K 38 -18.97 46.50 -17.87
CA GLY K 38 -20.02 47.46 -17.46
C GLY K 38 -19.47 48.83 -17.14
N SER K 39 -19.53 49.26 -15.87
CA SER K 39 -19.07 50.58 -15.37
C SER K 39 -17.74 50.43 -14.63
N GLN K 40 -16.87 49.53 -15.12
CA GLN K 40 -15.40 49.50 -14.85
C GLN K 40 -14.68 48.72 -15.98
N ILE K 41 -13.64 49.32 -16.57
CA ILE K 41 -12.87 48.77 -17.73
C ILE K 41 -11.49 48.34 -17.21
N LEU K 42 -11.31 47.02 -17.06
CA LEU K 42 -10.05 46.32 -16.69
C LEU K 42 -9.19 46.20 -17.94
N ALA K 43 -7.89 46.51 -17.85
CA ALA K 43 -6.96 46.69 -19.00
C ALA K 43 -5.60 45.97 -18.75
N ASN K 44 -5.09 45.30 -19.78
CA ASN K 44 -3.77 44.58 -19.74
C ASN K 44 -2.90 45.22 -20.81
N VAL K 45 -1.73 45.77 -20.43
CA VAL K 45 -0.87 46.51 -21.37
C VAL K 45 0.62 46.16 -21.15
N SER K 46 1.41 46.16 -22.24
CA SER K 46 2.89 46.00 -22.23
C SER K 46 3.51 46.76 -23.42
N LEU K 47 4.81 46.64 -23.63
CA LEU K 47 5.49 47.47 -24.67
C LEU K 47 6.84 46.87 -25.05
N ILE K 48 7.12 46.85 -26.35
CA ILE K 48 8.43 46.46 -26.91
C ILE K 48 8.87 47.55 -27.88
N VAL K 49 10.11 48.00 -27.76
CA VAL K 49 10.76 49.02 -28.64
C VAL K 49 11.76 48.29 -29.53
N VAL K 50 11.36 47.92 -30.75
CA VAL K 50 12.13 46.98 -31.63
C VAL K 50 13.19 47.75 -32.44
N ALA K 51 13.18 49.11 -32.41
CA ALA K 51 14.15 49.99 -33.12
C ALA K 51 14.21 51.38 -32.46
N GLY K 52 15.37 52.03 -32.56
CA GLY K 52 15.51 53.51 -32.44
C GLY K 52 16.16 53.95 -31.13
N LYS K 53 15.78 55.13 -30.66
CA LYS K 53 16.46 55.91 -29.59
C LYS K 53 15.99 55.43 -28.22
N TYR K 54 14.86 54.70 -28.16
CA TYR K 54 14.35 54.00 -26.94
C TYR K 54 14.28 52.48 -27.15
N HIS K 55 15.06 51.92 -28.08
CA HIS K 55 15.29 50.46 -28.25
C HIS K 55 16.25 49.98 -27.15
N ILE K 56 17.46 50.54 -27.12
CA ILE K 56 18.62 50.06 -26.29
C ILE K 56 19.07 51.20 -25.37
N ILE K 57 18.72 51.10 -24.10
CA ILE K 57 18.85 52.24 -23.15
C ILE K 57 20.32 52.33 -22.70
N ASN K 58 21.04 53.36 -23.13
CA ASN K 58 22.40 53.67 -22.61
C ASN K 58 22.42 55.12 -22.10
N ASN K 59 22.76 55.30 -20.81
CA ASN K 59 22.87 56.62 -20.13
C ASN K 59 24.29 57.17 -20.33
N LYS K 60 25.31 56.40 -19.95
CA LYS K 60 26.75 56.79 -20.02
C LYS K 60 27.01 57.50 -21.35
N ASN K 61 26.30 57.06 -22.39
CA ASN K 61 26.26 57.67 -23.74
C ASN K 61 25.21 58.78 -23.79
N ASN K 62 23.96 58.43 -23.43
CA ASN K 62 22.74 59.27 -23.60
C ASN K 62 22.12 59.57 -22.23
N PRO K 63 22.78 60.34 -21.34
CA PRO K 63 22.26 60.55 -19.98
C PRO K 63 20.96 61.36 -19.92
N GLU K 64 20.55 61.98 -21.03
CA GLU K 64 19.30 62.81 -21.15
C GLU K 64 18.07 61.89 -21.22
N ILE K 65 18.25 60.63 -21.64
CA ILE K 65 17.15 59.66 -21.91
C ILE K 65 16.72 59.05 -20.58
N LYS K 66 15.59 59.50 -20.02
CA LYS K 66 15.05 59.01 -18.72
C LYS K 66 13.53 59.24 -18.64
N SER K 67 12.80 59.12 -19.76
CA SER K 67 11.32 58.98 -19.79
C SER K 67 10.80 58.97 -21.23
N PHE K 68 9.51 58.61 -21.44
CA PHE K 68 8.74 58.98 -22.68
C PHE K 68 7.26 58.69 -22.55
N THR K 69 6.46 59.04 -23.57
CA THR K 69 4.97 59.16 -23.45
C THR K 69 4.24 58.58 -24.67
N ILE K 70 3.23 57.73 -24.44
CA ILE K 70 2.28 57.21 -25.49
C ILE K 70 0.83 57.67 -25.23
N LYS K 71 0.34 58.63 -25.94
CA LYS K 71 -1.05 59.22 -25.79
C LYS K 71 -2.04 58.60 -26.85
N LEU K 72 -3.10 57.91 -26.42
CA LEU K 72 -4.27 57.48 -27.28
C LEU K 72 -5.47 58.45 -27.15
N LEU K 73 -5.57 59.47 -28.03
CA LEU K 73 -6.67 60.49 -28.05
C LEU K 73 -7.87 59.97 -28.83
N PHE K 74 -9.11 60.13 -28.28
CA PHE K 74 -10.42 59.80 -28.92
C PHE K 74 -11.37 61.03 -28.96
N ASP K 75 -12.43 60.97 -29.77
CA ASP K 75 -13.45 62.05 -29.96
C ASP K 75 -14.75 61.77 -29.19
N LYS K 76 -15.86 62.41 -29.60
CA LYS K 76 -17.20 62.35 -28.95
C LYS K 76 -17.70 60.90 -28.94
N ASN K 77 -17.43 60.16 -30.01
CA ASN K 77 -17.91 58.78 -30.28
C ASN K 77 -16.90 57.75 -29.76
N GLY K 78 -15.72 58.21 -29.32
CA GLY K 78 -14.64 57.36 -28.79
C GLY K 78 -13.92 56.60 -29.88
N VAL K 79 -13.97 57.11 -31.12
CA VAL K 79 -13.19 56.58 -32.28
C VAL K 79 -11.80 57.21 -32.22
N LEU K 80 -10.74 56.40 -32.33
CA LEU K 80 -9.34 56.82 -32.05
C LEU K 80 -8.90 57.79 -33.14
N LEU K 81 -8.25 58.89 -32.75
CA LEU K 81 -7.68 59.90 -33.66
C LEU K 81 -6.40 59.35 -34.29
N ASP K 82 -6.06 59.80 -35.50
CA ASP K 82 -4.89 59.34 -36.31
C ASP K 82 -3.65 60.15 -35.94
N ASN K 83 -3.76 61.03 -34.92
CA ASN K 83 -2.61 61.81 -34.37
C ASN K 83 -2.19 61.27 -33.00
N SER K 84 -2.54 60.02 -32.70
CA SER K 84 -1.99 59.25 -31.56
C SER K 84 -0.63 58.66 -31.98
N ASN K 85 0.11 58.10 -31.02
CA ASN K 85 1.37 57.33 -31.22
C ASN K 85 0.98 55.94 -31.72
N LEU K 86 -0.26 55.51 -31.43
CA LEU K 86 -0.80 54.19 -31.90
C LEU K 86 -1.43 54.35 -33.29
N GLY K 87 -1.46 53.27 -34.07
CA GLY K 87 -2.15 53.17 -35.38
C GLY K 87 -3.60 52.75 -35.22
N LYS K 88 -4.47 53.27 -36.08
CA LYS K 88 -5.96 53.18 -35.96
C LYS K 88 -6.48 52.00 -36.78
N THR K 89 -5.57 51.19 -37.36
CA THR K 89 -5.90 50.06 -38.28
C THR K 89 -5.83 48.72 -37.53
N TYR K 90 -5.07 48.62 -36.42
CA TYR K 90 -4.93 47.39 -35.59
C TYR K 90 -5.68 47.53 -34.25
N TRP K 91 -6.41 48.64 -34.07
CA TRP K 91 -7.18 48.98 -32.85
C TRP K 91 -8.68 48.80 -33.14
N ASN K 92 -9.27 47.70 -32.71
CA ASN K 92 -10.61 47.24 -33.18
C ASN K 92 -11.06 46.09 -32.28
N PHE K 93 -12.37 45.94 -32.06
CA PHE K 93 -13.01 44.83 -31.30
C PHE K 93 -12.42 43.48 -31.72
N ARG K 94 -12.38 42.51 -30.78
CA ARG K 94 -12.00 41.09 -31.05
C ARG K 94 -13.27 40.25 -31.20
N SER K 95 -13.42 39.54 -32.34
CA SER K 95 -14.35 38.39 -32.52
C SER K 95 -13.62 37.26 -33.28
N GLY K 96 -13.34 36.15 -32.59
CA GLY K 96 -12.33 35.15 -32.99
C GLY K 96 -10.92 35.65 -32.72
N ASP K 97 -9.94 35.17 -33.49
CA ASP K 97 -8.55 35.69 -33.52
C ASP K 97 -8.54 36.96 -34.38
N SER K 98 -9.62 37.20 -35.13
CA SER K 98 -9.82 38.34 -36.06
C SER K 98 -10.55 39.49 -35.35
N ASN K 99 -10.36 40.72 -35.85
CA ASN K 99 -10.90 41.98 -35.27
C ASN K 99 -12.21 42.37 -35.97
N VAL K 100 -13.07 41.39 -36.29
CA VAL K 100 -14.45 41.57 -36.87
C VAL K 100 -14.38 42.17 -38.29
N SER K 101 -13.20 42.64 -38.73
CA SER K 101 -12.89 43.08 -40.12
C SER K 101 -13.77 44.28 -40.54
N THR K 102 -14.09 45.18 -39.59
CA THR K 102 -14.89 46.41 -39.82
C THR K 102 -14.55 47.49 -38.79
N ALA K 103 -14.13 48.68 -39.26
CA ALA K 103 -13.66 49.81 -38.44
C ALA K 103 -14.76 50.23 -37.45
N TYR K 104 -14.48 50.10 -36.16
CA TYR K 104 -15.46 50.32 -35.07
C TYR K 104 -15.76 51.83 -34.90
N GLU K 105 -16.99 52.14 -34.45
CA GLU K 105 -17.42 53.53 -34.08
C GLU K 105 -18.50 53.42 -33.01
N LYS K 106 -18.50 54.36 -32.06
CA LYS K 106 -19.41 54.36 -30.88
C LYS K 106 -18.89 53.37 -29.83
N ALA K 107 -17.68 53.62 -29.31
CA ALA K 107 -17.10 52.95 -28.12
C ALA K 107 -16.80 54.02 -27.06
N ILE K 108 -17.85 54.69 -26.56
CA ILE K 108 -17.74 55.81 -25.60
C ILE K 108 -17.86 55.25 -24.18
N GLY K 109 -18.28 53.99 -24.08
CA GLY K 109 -18.36 53.22 -22.83
C GLY K 109 -17.08 52.46 -22.54
N PHE K 110 -16.03 52.71 -23.33
CA PHE K 110 -14.63 52.26 -23.03
C PHE K 110 -13.87 53.45 -22.49
N MET K 111 -14.45 54.64 -22.61
CA MET K 111 -13.79 55.92 -22.27
C MET K 111 -13.83 56.09 -20.74
N PRO K 112 -12.96 56.91 -20.14
CA PRO K 112 -12.81 56.90 -18.71
C PRO K 112 -13.87 58.04 -18.27
N ASN K 113 -14.63 57.75 -17.30
CA ASN K 113 -15.82 58.63 -16.98
C ASN K 113 -15.28 59.99 -16.78
N LEU K 114 -15.79 60.94 -17.53
CA LEU K 114 -15.24 62.31 -17.49
C LEU K 114 -15.79 63.07 -16.24
N VAL K 115 -16.45 62.36 -15.28
CA VAL K 115 -16.80 62.84 -13.89
C VAL K 115 -15.77 62.32 -12.85
N ALA K 116 -15.35 61.07 -12.97
CA ALA K 116 -14.22 60.49 -12.20
C ALA K 116 -12.99 61.35 -12.46
N TYR K 117 -12.49 61.29 -13.69
CA TYR K 117 -11.34 62.04 -14.23
C TYR K 117 -11.79 63.21 -15.10
N PRO K 118 -11.92 64.43 -14.57
CA PRO K 118 -12.52 65.51 -15.34
C PRO K 118 -11.47 66.26 -16.16
N LYS K 119 -11.86 66.76 -17.34
CA LYS K 119 -10.95 67.54 -18.21
C LYS K 119 -10.27 68.57 -17.32
N PRO K 120 -8.99 68.92 -17.58
CA PRO K 120 -8.30 69.93 -16.78
C PRO K 120 -8.95 71.34 -16.89
N SER K 121 -9.62 71.61 -18.01
CA SER K 121 -10.28 72.92 -18.35
C SER K 121 -11.37 73.24 -17.32
N ASN K 122 -12.47 72.48 -17.37
CA ASN K 122 -13.72 72.70 -16.58
C ASN K 122 -13.40 73.38 -15.24
N SER K 123 -12.61 72.72 -14.38
CA SER K 123 -12.38 73.13 -12.97
C SER K 123 -11.10 72.46 -12.42
N LYS K 124 -10.88 72.58 -11.11
CA LYS K 124 -9.80 71.89 -10.33
C LYS K 124 -10.06 70.38 -10.29
N LYS K 125 -9.23 69.59 -10.99
CA LYS K 125 -9.26 68.12 -11.00
C LYS K 125 -8.18 67.60 -10.06
N TYR K 126 -8.35 66.37 -9.53
CA TYR K 126 -7.48 65.77 -8.47
C TYR K 126 -6.64 64.64 -9.07
N ALA K 127 -5.48 64.40 -8.44
CA ALA K 127 -4.54 63.30 -8.74
C ALA K 127 -5.30 62.06 -9.26
N ARG K 128 -6.54 61.88 -8.82
CA ARG K 128 -7.47 60.74 -9.09
C ARG K 128 -7.33 60.24 -10.53
N ASP K 129 -6.78 61.10 -11.38
CA ASP K 129 -6.56 60.91 -12.81
C ASP K 129 -5.40 59.91 -13.08
N ILE K 130 -4.71 59.46 -12.03
CA ILE K 130 -3.34 58.88 -12.15
C ILE K 130 -3.35 57.52 -11.49
N VAL K 131 -2.52 56.61 -12.00
CA VAL K 131 -2.44 55.20 -11.56
C VAL K 131 -0.98 54.73 -11.80
N TYR K 132 -0.07 55.09 -10.89
CA TYR K 132 1.39 54.96 -11.04
C TYR K 132 1.70 53.50 -10.92
N GLY K 133 2.55 52.98 -11.81
CA GLY K 133 2.89 51.53 -11.53
C GLY K 133 4.04 51.15 -12.44
N THR K 134 4.53 50.02 -12.18
CA THR K 134 6.00 49.70 -12.27
C THR K 134 6.09 48.34 -12.84
N ILE K 135 6.85 48.21 -13.86
CA ILE K 135 7.07 46.94 -14.63
C ILE K 135 8.57 46.83 -14.93
N TYR K 136 9.09 45.62 -15.08
CA TYR K 136 10.54 45.29 -15.00
C TYR K 136 11.07 45.01 -16.42
N LEU K 137 12.28 45.48 -16.70
CA LEU K 137 12.91 45.44 -18.06
C LEU K 137 13.86 44.24 -18.20
N GLY K 138 13.82 43.59 -19.38
CA GLY K 138 14.46 42.28 -19.63
C GLY K 138 13.85 41.22 -18.72
N GLY K 139 12.68 41.51 -18.14
CA GLY K 139 12.03 40.69 -17.11
C GLY K 139 12.92 40.51 -15.88
N LYS K 140 13.89 41.41 -15.68
CA LYS K 140 14.93 41.30 -14.63
C LYS K 140 14.43 41.98 -13.35
N PRO K 141 14.83 41.47 -12.16
CA PRO K 141 14.51 42.14 -10.89
C PRO K 141 15.43 43.31 -10.50
N ASP K 142 16.34 43.73 -11.39
CA ASP K 142 17.37 44.79 -11.13
C ASP K 142 17.15 45.99 -12.07
N GLN K 143 16.12 45.90 -12.94
CA GLN K 143 15.88 46.83 -14.07
C GLN K 143 14.41 47.23 -14.10
N PRO K 144 13.97 48.08 -13.13
CA PRO K 144 12.59 48.54 -13.09
C PRO K 144 12.33 49.80 -13.91
N ALA K 145 11.05 50.15 -14.08
CA ALA K 145 10.53 51.31 -14.82
C ALA K 145 9.08 51.59 -14.43
N VAL K 146 8.57 52.82 -14.57
CA VAL K 146 7.31 53.18 -13.80
C VAL K 146 6.20 53.46 -14.82
N ILE K 147 5.06 52.96 -14.68
CA ILE K 147 4.11 53.18 -15.89
C ILE K 147 2.77 53.94 -15.46
N LYS K 148 2.71 55.17 -15.70
CA LYS K 148 1.77 56.20 -14.96
C LYS K 148 0.61 56.67 -15.87
N THR K 149 -0.30 55.84 -16.03
CA THR K 149 -1.41 55.92 -17.09
C THR K 149 -2.49 56.99 -16.72
N THR K 150 -2.48 58.14 -17.31
CA THR K 150 -3.33 59.34 -16.99
C THR K 150 -4.42 59.62 -18.04
N PHE K 151 -5.69 59.62 -17.59
CA PHE K 151 -6.97 59.68 -18.36
C PHE K 151 -7.32 61.15 -18.63
N ASN K 152 -7.94 61.47 -19.75
CA ASN K 152 -8.47 62.85 -19.97
C ASN K 152 -7.61 63.89 -19.25
N GLN K 153 -6.34 63.95 -19.61
CA GLN K 153 -5.44 65.08 -19.28
C GLN K 153 -4.74 65.53 -20.56
N GLU K 154 -5.36 65.28 -21.76
CA GLU K 154 -4.92 65.83 -23.09
C GLU K 154 -5.98 66.76 -23.62
N THR K 155 -5.58 67.78 -24.38
CA THR K 155 -6.42 68.92 -24.82
C THR K 155 -6.44 69.00 -26.34
N GLY K 156 -7.53 69.54 -26.90
CA GLY K 156 -7.93 69.32 -28.31
C GLY K 156 -8.25 67.85 -28.54
N CYS K 157 -9.14 67.30 -27.71
CA CYS K 157 -9.67 65.91 -27.83
C CYS K 157 -10.67 65.70 -26.70
N GLU K 158 -11.69 64.89 -26.94
CA GLU K 158 -12.85 64.75 -26.02
C GLU K 158 -12.42 63.87 -24.84
N TYR K 159 -11.68 62.78 -25.12
CA TYR K 159 -11.13 61.82 -24.14
C TYR K 159 -9.71 61.43 -24.55
N SER K 160 -8.97 60.74 -23.67
CA SER K 160 -7.52 60.44 -23.85
C SER K 160 -7.03 59.48 -22.78
N ILE K 161 -6.07 58.62 -23.14
CA ILE K 161 -5.31 57.68 -22.24
C ILE K 161 -3.84 57.88 -22.62
N THR K 162 -3.04 58.31 -21.65
CA THR K 162 -1.67 58.84 -21.88
C THR K 162 -0.77 58.16 -20.87
N PHE K 163 -0.21 56.98 -21.27
CA PHE K 163 0.89 56.29 -20.53
C PHE K 163 2.13 57.09 -20.60
N ASP K 164 2.52 57.76 -19.49
CA ASP K 164 3.88 58.39 -19.29
C ASP K 164 4.77 57.31 -18.69
N PHE K 165 5.85 56.92 -19.40
CA PHE K 165 6.92 55.91 -18.99
C PHE K 165 8.13 56.72 -18.59
N SER K 166 8.84 56.28 -17.56
CA SER K 166 9.90 57.06 -16.89
C SER K 166 10.74 56.10 -16.10
N TRP K 167 12.00 56.41 -15.87
CA TRP K 167 12.92 55.43 -15.24
C TRP K 167 14.16 56.17 -14.78
N SER K 168 14.53 55.95 -13.52
CA SER K 168 15.63 56.65 -12.80
C SER K 168 16.68 55.62 -12.37
N LYS K 169 17.49 55.12 -13.30
CA LYS K 169 18.61 54.19 -12.97
C LYS K 169 19.62 54.11 -14.12
N THR K 170 20.92 54.12 -13.80
CA THR K 170 22.04 53.90 -14.75
C THR K 170 21.86 52.50 -15.36
N TYR K 171 21.67 52.46 -16.67
CA TYR K 171 21.46 51.25 -17.48
C TYR K 171 22.49 51.26 -18.62
N GLU K 172 23.22 50.16 -18.76
CA GLU K 172 24.16 49.93 -19.88
C GLU K 172 23.65 48.75 -20.70
N ASN K 173 23.32 49.01 -21.97
CA ASN K 173 23.09 48.00 -23.04
C ASN K 173 21.85 47.17 -22.71
N VAL K 174 20.76 47.86 -22.37
CA VAL K 174 19.45 47.25 -21.98
C VAL K 174 18.45 47.53 -23.09
N GLU K 175 17.60 46.56 -23.41
CA GLU K 175 16.55 46.65 -24.49
C GLU K 175 15.19 46.86 -23.81
N PHE K 176 14.53 47.98 -24.04
CA PHE K 176 13.22 48.30 -23.39
C PHE K 176 12.12 47.37 -23.88
N GLU K 177 12.00 46.19 -23.26
CA GLU K 177 10.79 45.32 -23.34
C GLU K 177 10.24 45.15 -21.93
N THR K 178 8.91 45.17 -21.77
CA THR K 178 8.20 45.38 -20.48
C THR K 178 7.45 44.11 -20.08
N THR K 179 6.75 44.14 -18.92
CA THR K 179 6.15 42.98 -18.20
C THR K 179 4.72 43.33 -17.78
N SER K 180 3.72 42.55 -18.19
CA SER K 180 2.30 43.03 -18.21
C SER K 180 1.84 43.49 -16.80
N PHE K 181 0.94 44.49 -16.71
CA PHE K 181 0.59 45.21 -15.45
C PHE K 181 -0.91 45.57 -15.38
N THR K 182 -1.71 44.72 -14.74
CA THR K 182 -3.17 44.91 -14.53
C THR K 182 -3.46 46.30 -13.90
N PHE K 183 -4.54 46.94 -14.38
CA PHE K 183 -5.12 48.20 -13.81
C PHE K 183 -6.56 48.34 -14.32
N SER K 184 -7.31 49.28 -13.74
CA SER K 184 -8.72 49.65 -14.15
C SER K 184 -8.98 51.14 -13.92
N TYR K 185 -9.79 51.74 -14.81
CA TYR K 185 -10.48 53.04 -14.65
C TYR K 185 -11.96 52.92 -14.98
N ILE K 186 -12.75 53.92 -14.52
CA ILE K 186 -14.23 53.80 -14.35
C ILE K 186 -14.91 54.31 -15.58
N ALA K 187 -15.85 53.53 -16.12
CA ALA K 187 -16.40 53.66 -17.52
C ALA K 187 -17.48 54.75 -17.58
N GLN K 188 -17.32 55.67 -18.54
CA GLN K 188 -18.05 56.95 -18.70
C GLN K 188 -19.54 56.64 -18.84
N GLN K 189 -19.87 55.64 -19.68
CA GLN K 189 -21.19 54.94 -19.68
C GLN K 189 -20.92 53.44 -19.67
N THR L 7 -17.22 35.27 -17.05
CA THR L 7 -18.55 34.96 -16.46
C THR L 7 -18.34 34.11 -15.22
N ARG L 8 -17.58 33.03 -15.36
CA ARG L 8 -17.54 31.89 -14.44
C ARG L 8 -16.13 31.78 -13.89
N THR L 9 -15.96 31.04 -12.79
CA THR L 9 -14.73 30.98 -11.97
C THR L 9 -14.11 29.57 -12.07
N LEU L 10 -12.80 29.50 -12.31
CA LEU L 10 -11.98 28.26 -12.10
C LEU L 10 -10.99 28.58 -10.98
N TRP L 11 -11.00 27.81 -9.90
CA TRP L 11 -10.40 28.19 -8.60
C TRP L 11 -10.15 26.95 -7.73
N THR L 12 -9.36 27.14 -6.65
CA THR L 12 -9.19 26.20 -5.50
C THR L 12 -10.04 26.72 -4.33
N THR L 13 -10.79 25.84 -3.66
CA THR L 13 -11.87 26.20 -2.67
C THR L 13 -11.26 26.63 -1.33
N PRO L 14 -11.27 27.94 -1.00
CA PRO L 14 -10.33 28.52 -0.02
C PRO L 14 -10.50 28.15 1.46
N ASP L 15 -10.32 26.87 1.80
CA ASP L 15 -10.30 26.38 3.21
C ASP L 15 -8.84 26.47 3.71
N THR L 16 -8.47 25.71 4.76
CA THR L 16 -7.07 25.70 5.33
C THR L 16 -6.42 24.30 5.22
N SER L 17 -7.03 23.36 4.48
CA SER L 17 -6.45 22.04 4.13
C SER L 17 -5.47 22.19 2.98
N PRO L 18 -4.22 21.72 3.11
CA PRO L 18 -3.26 21.77 2.01
C PRO L 18 -3.76 21.04 0.75
N ASN L 19 -3.32 21.49 -0.42
CA ASN L 19 -3.66 20.93 -1.76
C ASN L 19 -2.46 21.07 -2.69
N CYS L 20 -1.29 21.35 -2.12
CA CYS L 20 -0.11 21.86 -2.83
C CYS L 20 1.12 21.21 -2.24
N THR L 21 1.77 20.35 -3.02
CA THR L 21 3.09 19.75 -2.70
C THR L 21 4.16 20.73 -3.17
N ILE L 22 5.04 21.12 -2.26
CA ILE L 22 6.21 22.00 -2.55
C ILE L 22 7.48 21.16 -2.41
N ALA L 23 7.88 20.89 -1.16
CA ALA L 23 9.13 20.20 -0.80
C ALA L 23 8.79 18.74 -0.43
N GLN L 24 7.74 18.57 0.37
CA GLN L 24 7.10 17.28 0.71
C GLN L 24 5.63 17.32 0.31
N ASP L 25 4.91 16.20 0.47
CA ASP L 25 3.52 16.01 0.03
C ASP L 25 2.60 16.96 0.82
N LYS L 26 1.77 17.73 0.11
CA LYS L 26 0.65 18.53 0.69
C LYS L 26 1.17 19.35 1.88
N ASP L 27 2.17 20.18 1.65
CA ASP L 27 2.88 20.94 2.71
C ASP L 27 2.55 22.43 2.58
N SER L 28 1.48 22.76 1.83
CA SER L 28 1.05 24.16 1.56
C SER L 28 -0.39 24.20 1.01
N LYS L 29 -0.99 25.41 1.08
CA LYS L 29 -2.34 25.75 0.52
C LYS L 29 -2.23 27.03 -0.33
N LEU L 30 -2.01 26.84 -1.64
CA LEU L 30 -2.19 27.88 -2.69
C LEU L 30 -3.70 28.21 -2.84
N THR L 31 -4.10 29.41 -2.43
CA THR L 31 -5.41 30.02 -2.78
C THR L 31 -5.25 30.73 -4.15
N LEU L 32 -5.85 30.18 -5.21
CA LEU L 32 -5.84 30.77 -6.58
C LEU L 32 -7.27 30.76 -7.12
N VAL L 33 -7.79 31.94 -7.44
CA VAL L 33 -9.10 32.18 -8.12
C VAL L 33 -8.83 32.81 -9.48
N LEU L 34 -9.47 32.29 -10.52
CA LEU L 34 -9.42 32.80 -11.91
C LEU L 34 -10.84 33.01 -12.43
N THR L 35 -11.14 34.22 -12.90
CA THR L 35 -12.49 34.70 -13.29
C THR L 35 -12.44 35.21 -14.73
N LYS L 36 -13.31 34.66 -15.60
CA LYS L 36 -13.29 34.83 -17.07
C LYS L 36 -14.10 36.06 -17.47
N CYS L 37 -13.42 37.04 -18.07
CA CYS L 37 -13.96 38.34 -18.51
C CYS L 37 -13.71 38.43 -20.01
N GLY L 38 -14.41 37.60 -20.81
CA GLY L 38 -14.28 37.55 -22.27
C GLY L 38 -12.87 37.16 -22.69
N SER L 39 -12.19 38.02 -23.44
CA SER L 39 -10.79 37.85 -23.91
C SER L 39 -9.86 37.75 -22.69
N GLN L 40 -10.25 38.34 -21.56
CA GLN L 40 -9.35 38.51 -20.39
C GLN L 40 -9.74 37.56 -19.26
N ILE L 41 -8.77 37.30 -18.39
CA ILE L 41 -8.90 36.41 -17.21
C ILE L 41 -8.36 37.19 -16.03
N LEU L 42 -9.23 37.73 -15.19
CA LEU L 42 -8.85 38.33 -13.88
C LEU L 42 -8.43 37.17 -12.99
N ALA L 43 -7.46 37.38 -12.07
CA ALA L 43 -6.96 36.32 -11.16
C ALA L 43 -6.48 36.91 -9.82
N ASN L 44 -6.93 36.34 -8.71
CA ASN L 44 -6.38 36.51 -7.32
C ASN L 44 -5.47 35.33 -6.96
N VAL L 45 -4.40 35.55 -6.18
CA VAL L 45 -3.53 34.41 -5.72
C VAL L 45 -2.88 34.68 -4.34
N SER L 46 -3.21 33.82 -3.36
CA SER L 46 -2.53 33.66 -2.02
C SER L 46 -1.84 32.29 -1.90
N LEU L 47 -1.02 32.13 -0.86
CA LEU L 47 -0.37 30.83 -0.48
C LEU L 47 -0.08 30.80 1.03
N ILE L 48 -0.28 29.63 1.67
CA ILE L 48 0.06 29.35 3.10
C ILE L 48 0.81 28.02 3.20
N VAL L 49 2.10 28.05 3.58
CA VAL L 49 2.96 26.81 3.71
C VAL L 49 2.93 26.37 5.18
N VAL L 50 2.42 25.15 5.45
CA VAL L 50 1.99 24.72 6.81
C VAL L 50 2.74 23.47 7.21
N ALA L 51 3.94 23.24 6.66
CA ALA L 51 4.89 22.16 7.05
C ALA L 51 6.09 22.13 6.10
N GLY L 52 7.27 21.76 6.63
CA GLY L 52 8.44 21.28 5.87
C GLY L 52 9.44 22.38 5.56
N LYS L 53 10.32 22.11 4.58
CA LYS L 53 11.56 22.88 4.29
C LYS L 53 11.30 24.39 4.31
N TYR L 54 10.15 24.83 3.78
CA TYR L 54 9.86 26.24 3.42
C TYR L 54 8.79 26.83 4.36
N HIS L 55 8.42 26.12 5.43
CA HIS L 55 7.39 26.55 6.41
C HIS L 55 7.96 27.69 7.26
N ILE L 56 8.90 27.36 8.14
CA ILE L 56 9.67 28.35 8.95
C ILE L 56 10.98 28.65 8.24
N ILE L 57 11.25 29.93 7.99
CA ILE L 57 12.51 30.43 7.39
C ILE L 57 13.48 30.77 8.53
N ASN L 58 14.78 30.61 8.28
CA ASN L 58 15.86 30.99 9.22
C ASN L 58 17.20 30.96 8.45
N ASN L 59 17.56 32.09 7.85
CA ASN L 59 18.65 32.17 6.83
C ASN L 59 20.02 32.24 7.53
N LYS L 60 20.05 32.42 8.85
CA LYS L 60 21.30 32.43 9.66
C LYS L 60 21.92 31.03 9.60
N ASN L 61 21.08 30.00 9.79
CA ASN L 61 21.42 28.57 9.65
C ASN L 61 21.65 28.23 8.17
N ASN L 62 20.72 28.66 7.33
CA ASN L 62 20.59 28.25 5.90
C ASN L 62 20.33 29.47 5.03
N PRO L 63 21.38 30.24 4.70
CA PRO L 63 21.24 31.37 3.78
C PRO L 63 20.96 31.01 2.31
N GLU L 64 21.45 29.85 1.83
CA GLU L 64 21.41 29.44 0.40
C GLU L 64 19.98 29.10 -0.05
N ILE L 65 19.07 28.84 0.89
CA ILE L 65 17.61 28.63 0.63
C ILE L 65 16.92 30.01 0.65
N LYS L 66 16.35 30.42 -0.48
CA LYS L 66 15.99 31.82 -0.76
C LYS L 66 15.03 31.94 -1.95
N SER L 67 14.40 30.84 -2.37
CA SER L 67 13.39 30.83 -3.47
C SER L 67 12.85 29.42 -3.69
N PHE L 68 11.62 29.34 -4.19
CA PHE L 68 10.93 28.09 -4.60
C PHE L 68 9.92 28.43 -5.69
N THR L 69 9.36 27.38 -6.30
CA THR L 69 8.67 27.40 -7.60
C THR L 69 7.46 26.50 -7.55
N ILE L 70 6.36 26.96 -8.15
CA ILE L 70 5.07 26.23 -8.25
C ILE L 70 4.57 26.33 -9.70
N LYS L 71 4.45 25.19 -10.42
CA LYS L 71 3.98 25.17 -11.83
C LYS L 71 2.63 24.47 -11.92
N LEU L 72 1.63 25.16 -12.47
CA LEU L 72 0.33 24.56 -12.87
C LEU L 72 0.36 24.39 -14.39
N LEU L 73 0.52 23.15 -14.84
CA LEU L 73 0.67 22.78 -16.27
C LEU L 73 -0.70 22.34 -16.79
N PHE L 74 -1.17 22.90 -17.90
CA PHE L 74 -2.42 22.44 -18.58
C PHE L 74 -2.10 21.93 -19.99
N ASP L 75 -2.99 21.11 -20.54
CA ASP L 75 -2.88 20.50 -21.90
C ASP L 75 -3.85 21.21 -22.86
N LYS L 76 -4.10 20.59 -24.02
CA LYS L 76 -4.78 21.20 -25.20
C LYS L 76 -6.16 21.73 -24.79
N ASN L 77 -6.83 21.07 -23.85
CA ASN L 77 -8.20 21.42 -23.38
C ASN L 77 -8.10 22.32 -22.14
N GLY L 78 -6.97 22.26 -21.43
CA GLY L 78 -6.68 23.13 -20.28
C GLY L 78 -6.98 22.44 -18.97
N VAL L 79 -6.94 21.10 -18.99
CA VAL L 79 -7.17 20.25 -17.79
C VAL L 79 -5.80 19.99 -17.17
N LEU L 80 -5.70 20.24 -15.87
CA LEU L 80 -4.44 20.24 -15.08
C LEU L 80 -3.78 18.87 -15.23
N LEU L 81 -2.58 18.82 -15.82
CA LEU L 81 -1.86 17.53 -15.97
C LEU L 81 -1.37 17.09 -14.59
N ASP L 82 -1.23 15.78 -14.41
CA ASP L 82 -1.05 15.12 -13.09
C ASP L 82 0.41 15.27 -12.61
N ASN L 83 1.19 16.14 -13.26
CA ASN L 83 2.61 16.42 -12.89
C ASN L 83 2.75 17.91 -12.54
N SER L 84 1.63 18.56 -12.24
CA SER L 84 1.58 19.93 -11.66
C SER L 84 2.02 19.90 -10.20
N ASN L 85 2.21 21.07 -9.59
CA ASN L 85 2.48 21.15 -8.12
C ASN L 85 1.16 21.13 -7.37
N LEU L 86 0.11 21.70 -7.97
CA LEU L 86 -1.27 21.78 -7.40
C LEU L 86 -2.00 20.47 -7.70
N GLY L 87 -2.97 20.10 -6.86
CA GLY L 87 -3.78 18.87 -6.99
C GLY L 87 -4.94 19.04 -7.97
N LYS L 88 -5.22 18.01 -8.78
CA LYS L 88 -6.27 18.01 -9.83
C LYS L 88 -7.65 17.93 -9.17
N THR L 89 -7.72 17.23 -8.04
CA THR L 89 -8.97 17.00 -7.26
C THR L 89 -9.28 18.18 -6.34
N TYR L 90 -8.56 19.31 -6.50
CA TYR L 90 -8.74 20.59 -5.76
C TYR L 90 -8.79 21.75 -6.74
N TRP L 91 -9.16 21.48 -8.00
CA TRP L 91 -9.19 22.46 -9.13
C TRP L 91 -10.41 22.15 -10.03
N ASN L 92 -11.47 22.95 -9.87
CA ASN L 92 -12.70 22.80 -10.66
C ASN L 92 -13.45 24.13 -10.63
N PHE L 93 -14.48 24.24 -11.48
CA PHE L 93 -15.43 25.38 -11.56
C PHE L 93 -16.21 25.49 -10.25
N ARG L 94 -16.77 26.68 -9.98
CA ARG L 94 -17.64 26.96 -8.79
C ARG L 94 -19.12 26.69 -9.14
N SER L 95 -19.84 25.98 -8.28
CA SER L 95 -21.32 25.83 -8.34
C SER L 95 -21.92 26.11 -6.96
N GLY L 96 -21.70 27.32 -6.43
CA GLY L 96 -21.90 27.65 -5.00
C GLY L 96 -20.64 27.36 -4.22
N ASP L 97 -20.73 27.28 -2.90
CA ASP L 97 -19.57 27.03 -2.00
C ASP L 97 -19.14 25.56 -2.13
N SER L 98 -20.10 24.65 -2.37
CA SER L 98 -19.88 23.24 -2.82
C SER L 98 -19.62 23.24 -4.33
N ASN L 99 -18.47 22.69 -4.76
CA ASN L 99 -17.91 22.84 -6.13
C ASN L 99 -18.54 21.79 -7.06
N VAL L 100 -19.59 21.10 -6.61
CA VAL L 100 -20.52 20.27 -7.44
C VAL L 100 -19.83 18.98 -7.91
N SER L 101 -18.59 18.73 -7.46
CA SER L 101 -17.86 17.45 -7.63
C SER L 101 -18.13 16.87 -9.03
N THR L 102 -17.63 17.55 -10.08
CA THR L 102 -17.75 17.08 -11.49
C THR L 102 -16.43 17.32 -12.22
N ALA L 103 -15.73 16.23 -12.57
CA ALA L 103 -14.50 16.23 -13.40
C ALA L 103 -14.75 17.04 -14.68
N TYR L 104 -14.13 18.21 -14.79
CA TYR L 104 -14.36 19.19 -15.89
C TYR L 104 -13.41 18.89 -17.06
N GLU L 105 -13.75 19.42 -18.24
CA GLU L 105 -12.92 19.39 -19.47
C GLU L 105 -13.08 20.74 -20.16
N LYS L 106 -12.80 20.81 -21.47
CA LYS L 106 -12.96 22.03 -22.30
C LYS L 106 -13.04 23.26 -21.37
N ALA L 107 -11.90 23.67 -20.81
CA ALA L 107 -11.75 24.95 -20.08
C ALA L 107 -10.78 25.89 -20.82
N ILE L 108 -10.45 25.58 -22.10
CA ILE L 108 -9.72 26.50 -23.02
C ILE L 108 -10.46 27.83 -22.99
N GLY L 109 -9.79 28.90 -22.57
CA GLY L 109 -10.43 30.21 -22.37
C GLY L 109 -10.21 30.71 -20.97
N PHE L 110 -9.48 29.94 -20.17
CA PHE L 110 -8.78 30.44 -18.96
C PHE L 110 -7.28 30.47 -19.22
N MET L 111 -6.82 29.88 -20.33
CA MET L 111 -5.40 29.68 -20.69
C MET L 111 -4.80 30.98 -21.21
N PRO L 112 -3.51 31.25 -20.91
CA PRO L 112 -2.76 32.30 -21.60
C PRO L 112 -2.69 32.06 -23.12
N ASN L 113 -3.17 33.03 -23.91
CA ASN L 113 -3.15 32.97 -25.39
C ASN L 113 -1.72 32.63 -25.83
N LEU L 114 -1.59 31.85 -26.91
CA LEU L 114 -0.31 31.21 -27.30
C LEU L 114 0.52 32.26 -28.04
N VAL L 115 -0.18 33.21 -28.70
CA VAL L 115 0.40 34.37 -29.42
C VAL L 115 1.05 35.30 -28.39
N ALA L 116 0.22 35.92 -27.56
CA ALA L 116 0.53 37.01 -26.61
C ALA L 116 1.67 36.63 -25.65
N TYR L 117 1.72 35.39 -25.20
CA TYR L 117 2.84 34.81 -24.41
C TYR L 117 3.03 33.37 -24.88
N PRO L 118 3.91 33.18 -25.89
CA PRO L 118 4.18 31.87 -26.48
C PRO L 118 5.29 31.13 -25.71
N LYS L 119 6.02 30.23 -26.37
CA LYS L 119 7.00 29.32 -25.72
C LYS L 119 8.12 28.90 -26.69
N PRO L 120 8.62 29.81 -27.56
CA PRO L 120 9.57 29.43 -28.61
C PRO L 120 10.89 28.86 -28.09
N SER L 121 11.03 27.52 -28.10
CA SER L 121 12.25 26.80 -27.68
C SER L 121 13.46 27.70 -27.89
N ASN L 122 13.83 27.89 -29.16
CA ASN L 122 14.89 28.81 -29.66
C ASN L 122 14.79 30.13 -28.89
N SER L 123 15.93 30.73 -28.57
CA SER L 123 16.04 31.85 -27.60
C SER L 123 15.55 33.14 -28.26
N LYS L 124 14.22 33.27 -28.44
CA LYS L 124 13.54 34.47 -28.98
C LYS L 124 12.26 34.73 -28.17
N LYS L 125 12.36 35.49 -27.08
CA LYS L 125 11.22 35.72 -26.16
C LYS L 125 11.41 37.05 -25.41
N TYR L 126 10.30 37.75 -25.15
CA TYR L 126 10.23 39.10 -24.55
C TYR L 126 9.60 39.01 -23.17
N ALA L 127 9.89 40.00 -22.33
CA ALA L 127 9.64 39.97 -20.87
C ALA L 127 8.15 40.10 -20.59
N ARG L 128 7.34 40.50 -21.58
CA ARG L 128 5.86 40.61 -21.46
C ARG L 128 5.25 39.27 -20.99
N ASP L 129 6.01 38.16 -21.03
CA ASP L 129 5.57 36.79 -20.58
C ASP L 129 5.23 36.81 -19.09
N ILE L 130 5.61 37.88 -18.38
CA ILE L 130 5.73 37.92 -16.87
C ILE L 130 4.81 39.04 -16.30
N VAL L 131 4.19 38.78 -15.18
CA VAL L 131 3.32 39.70 -14.38
C VAL L 131 3.83 39.67 -12.94
N TYR L 132 4.70 40.56 -12.55
CA TYR L 132 5.39 40.52 -11.22
C TYR L 132 4.52 41.21 -10.15
N GLY L 133 4.19 40.47 -9.07
CA GLY L 133 3.57 40.99 -7.84
C GLY L 133 4.57 41.29 -6.72
N THR L 134 4.07 41.75 -5.57
CA THR L 134 4.80 41.92 -4.28
C THR L 134 3.86 41.59 -3.10
N ILE L 135 4.22 40.60 -2.27
CA ILE L 135 3.39 40.09 -1.13
C ILE L 135 4.24 40.02 0.14
N TYR L 136 3.62 40.32 1.29
CA TYR L 136 4.28 40.44 2.62
C TYR L 136 3.88 39.25 3.51
N LEU L 137 4.80 38.81 4.38
CA LEU L 137 4.72 37.52 5.14
C LEU L 137 4.21 37.76 6.56
N GLY L 138 2.90 37.63 6.75
CA GLY L 138 2.23 37.69 8.07
C GLY L 138 1.54 39.02 8.31
N GLY L 139 1.36 39.82 7.26
CA GLY L 139 0.70 41.14 7.32
C GLY L 139 1.64 42.22 7.84
N LYS L 140 2.93 41.90 8.00
CA LYS L 140 3.99 42.84 8.47
C LYS L 140 4.58 43.58 7.27
N PRO L 141 4.58 44.93 7.26
CA PRO L 141 5.22 45.71 6.21
C PRO L 141 6.76 45.58 6.17
N ASP L 142 7.34 44.94 7.19
CA ASP L 142 8.81 44.78 7.35
C ASP L 142 9.19 43.31 7.11
N GLN L 143 8.40 42.61 6.28
CA GLN L 143 8.67 41.21 5.83
C GLN L 143 8.08 40.98 4.44
N PRO L 144 8.58 41.70 3.40
CA PRO L 144 8.09 41.50 2.03
C PRO L 144 8.79 40.36 1.28
N ALA L 145 8.11 39.77 0.28
CA ALA L 145 8.70 38.81 -0.69
C ALA L 145 8.06 39.03 -2.07
N VAL L 146 8.72 38.52 -3.12
CA VAL L 146 8.35 38.71 -4.55
C VAL L 146 7.62 37.45 -5.03
N ILE L 147 6.50 37.63 -5.73
CA ILE L 147 5.77 36.56 -6.49
C ILE L 147 5.86 36.89 -7.98
N LYS L 148 6.66 36.12 -8.72
CA LYS L 148 6.89 36.28 -10.18
C LYS L 148 6.11 35.21 -10.94
N THR L 149 5.20 35.63 -11.82
CA THR L 149 4.20 34.77 -12.50
C THR L 149 4.51 34.84 -13.98
N THR L 150 4.68 33.69 -14.64
CA THR L 150 5.08 33.57 -16.07
C THR L 150 4.14 32.60 -16.82
N PHE L 151 4.00 32.74 -18.14
CA PHE L 151 2.86 32.16 -18.92
C PHE L 151 3.37 31.36 -20.12
N ASN L 152 2.94 30.12 -20.20
CA ASN L 152 3.31 29.18 -21.29
C ASN L 152 4.84 29.04 -21.39
N GLN L 153 5.57 29.37 -20.31
CA GLN L 153 7.06 29.22 -20.24
C GLN L 153 7.44 27.90 -19.56
N GLU L 154 6.67 26.82 -19.80
CA GLU L 154 6.97 25.43 -19.33
C GLU L 154 7.00 24.46 -20.52
N THR L 155 7.49 23.25 -20.27
CA THR L 155 7.69 22.19 -21.29
C THR L 155 6.76 21.03 -20.99
N GLY L 156 6.67 20.06 -21.91
CA GLY L 156 5.93 18.81 -21.71
C GLY L 156 4.44 19.06 -21.67
N CYS L 157 3.98 20.22 -22.17
CA CYS L 157 2.58 20.68 -22.02
C CYS L 157 2.22 21.73 -23.08
N GLU L 158 0.97 22.21 -23.03
CA GLU L 158 0.42 23.19 -24.01
C GLU L 158 0.38 24.60 -23.41
N TYR L 159 -0.25 24.75 -22.25
CA TYR L 159 -0.22 26.05 -21.53
C TYR L 159 0.27 25.75 -20.13
N SER L 160 0.75 26.78 -19.47
CA SER L 160 1.42 26.72 -18.14
C SER L 160 1.36 28.09 -17.46
N ILE L 161 1.01 28.09 -16.18
CA ILE L 161 1.13 29.22 -15.21
C ILE L 161 2.13 28.77 -14.14
N THR L 162 3.27 29.45 -14.03
CA THR L 162 4.31 29.14 -13.02
C THR L 162 4.56 30.38 -12.14
N PHE L 163 4.30 30.26 -10.84
CA PHE L 163 4.65 31.23 -9.76
C PHE L 163 6.06 30.95 -9.18
N ASP L 164 7.03 31.83 -9.42
CA ASP L 164 8.39 31.77 -8.78
C ASP L 164 8.39 32.71 -7.56
N PHE L 165 8.51 32.14 -6.36
CA PHE L 165 8.63 32.88 -5.08
C PHE L 165 10.11 32.98 -4.69
N SER L 166 10.55 34.20 -4.39
CA SER L 166 11.86 34.52 -3.74
C SER L 166 11.67 35.70 -2.79
N TRP L 167 12.71 36.05 -2.03
CA TRP L 167 12.68 37.20 -1.09
C TRP L 167 14.09 37.77 -0.91
N SER L 168 14.14 39.05 -0.55
CA SER L 168 15.38 39.87 -0.49
C SER L 168 15.55 40.39 0.94
N LYS L 169 16.10 39.54 1.82
CA LYS L 169 16.48 39.84 3.22
C LYS L 169 16.85 38.51 3.89
N THR L 170 17.35 38.56 5.13
CA THR L 170 17.92 37.39 5.84
C THR L 170 17.05 37.06 7.06
N TYR L 171 15.83 36.57 6.80
CA TYR L 171 14.75 36.38 7.80
C TYR L 171 15.19 35.32 8.82
N GLU L 172 14.62 35.38 10.04
CA GLU L 172 14.80 34.39 11.14
C GLU L 172 13.42 34.02 11.73
N ASN L 173 13.06 32.73 11.67
CA ASN L 173 11.85 32.12 12.29
C ASN L 173 10.57 32.77 11.75
N VAL L 174 10.57 33.16 10.46
CA VAL L 174 9.41 33.81 9.78
C VAL L 174 8.61 32.74 9.01
N GLU L 175 7.35 32.51 9.42
CA GLU L 175 6.42 31.54 8.77
C GLU L 175 6.02 32.10 7.40
N PHE L 176 5.88 31.23 6.40
CA PHE L 176 5.37 31.58 5.04
C PHE L 176 3.83 31.60 5.08
N GLU L 177 3.27 32.78 5.36
CA GLU L 177 1.83 33.14 5.21
C GLU L 177 1.71 34.51 4.51
N THR L 178 1.31 34.52 3.22
CA THR L 178 1.32 35.69 2.31
C THR L 178 -0.03 36.41 2.33
N THR L 179 -0.07 37.61 1.78
CA THR L 179 -1.26 38.45 1.60
C THR L 179 -1.86 38.11 0.24
N SER L 180 -3.06 38.61 -0.06
CA SER L 180 -3.79 38.32 -1.34
C SER L 180 -3.30 39.28 -2.43
N PHE L 181 -3.01 38.73 -3.61
CA PHE L 181 -2.58 39.52 -4.78
C PHE L 181 -3.66 39.35 -5.85
N THR L 182 -3.68 40.26 -6.81
CA THR L 182 -4.67 40.31 -7.91
C THR L 182 -3.90 40.73 -9.14
N PHE L 183 -4.29 40.19 -10.32
CA PHE L 183 -3.64 40.45 -11.66
C PHE L 183 -4.54 39.89 -12.76
N SER L 184 -4.32 40.19 -14.05
CA SER L 184 -5.13 39.57 -15.14
C SER L 184 -4.29 39.38 -16.42
N TYR L 185 -4.71 38.43 -17.26
CA TYR L 185 -3.93 38.04 -18.47
C TYR L 185 -4.88 37.89 -19.67
N ILE L 186 -4.30 37.72 -20.86
CA ILE L 186 -4.99 37.82 -22.18
C ILE L 186 -5.30 36.39 -22.67
N ALA L 187 -6.59 36.02 -22.62
CA ALA L 187 -7.14 34.65 -22.78
C ALA L 187 -6.94 34.15 -24.20
N GLN L 188 -6.73 32.85 -24.39
CA GLN L 188 -6.64 32.24 -25.74
C GLN L 188 -8.00 32.32 -26.45
N GLN L 189 -9.08 31.99 -25.73
CA GLN L 189 -10.48 31.96 -26.22
C GLN L 189 -11.41 32.74 -25.25
#